data_6RR7
#
_entry.id   6RR7
#
_cell.length_a   1.00
_cell.length_b   1.00
_cell.length_c   1.00
_cell.angle_alpha   90.00
_cell.angle_beta   90.00
_cell.angle_gamma   90.00
#
_symmetry.space_group_name_H-M   'P 1'
#
loop_
_entity.id
_entity.type
_entity.pdbx_description
1 polymer 'Polymerase acidic protein'
2 polymer 'RNA-directed RNA polymerase catalytic subunit'
3 polymer 'Polymerase basic protein 2'
4 polymer "RNA (5'-D(*(M7G))-R(P*AP*AP*UP*CP*U)-3')"
5 polymer "RNA (5'-R(P*GP*CP*CP*UP*GP*CP*UP*UP*UP*UP*G)-3')"
6 polymer "RNA (5'-R(P*AP*GP*UP*AP*GP*AP*AP*AP*CP*AP*AP*GP*GP*C)-3')"
#
loop_
_entity_poly.entity_id
_entity_poly.type
_entity_poly.pdbx_seq_one_letter_code
_entity_poly.pdbx_strand_id
1 'polypeptide(L)'
;MEDFVRQCFNPMIVELAEKAMKEYGEDLKIETNKFAAICTHLEVCFMYSDFHFINEQGESIVVELDDPNALLKHRFEIIE
GRDRTMAWTVVNSICNTTGAEKPKFLPDLYDYKENRFIEIGVTRREVHIYYLEKANKIKSENTHIHIFSFTGEEMATKAD
YTLDEESRARIKTRLFTIRQEMANRGLWDSFRQSERGEETIEERFEITGTMRRLADQSLPPNFSCLENFRAYVDGFEPNG
YIEGKLSQMSKEVNAKIEPFLKTTPRPIRLPDGPPCFQRSKFLLMDALKLSIEDPSHEGEGIPLYDAIKCMRTFFGWKEP
YIVKPHEKGINPNYLLSWKQVLAELQDIENEEKIPRTKNMKKTSQLKWALGENMAPEKVDFDNCRDVSDLKQYDSDEPEL
RSLSSWIQNEFNKACELTDSTWIELDEIGEDVAPIEYIASMRRNYFTAEVSHCRATEYIMKGVYINTALLNASCAAMDDF
QLIPMISKCRTKEGRRKTNLYGFIIKGRSHLRNDTDVVNFVSMEFSLTDPRLEPHKWEKYCVLEIGDMLLRSAIGQMSRP
MFLYVRTNGTSKIKMKWGMEMRRCLLQSLQQIESMIEAESSVKEKDMTKEFFENKSETWPIGESPKGVEDGSIGKVCRTL
LAKSVFNSLYASPQLEGFSAESRKLLLVVQALRDNLEPGTFDLEGLYEAIEECLINDPWVLLNASWFNSFLTHALR
;
A
2 'polypeptide(L)'
;MDVNPTLLFLKVPAQNAISTTFPYTGDPPYSHGTGTGYTMDTVNRTHQYSEKGKWTTNTETGAPQLNPIDGPLPEDNEPS
GYAQTDCVLEAMAFLEESHPGIFENSCLETMEVVQQTRVDRLTQGRQTYDWTLNRNQPAATALANTIEVFRSNGLTANES
GRLIDFLKDVMESMDKEEMEITTHFQRKRRVRDNMTKKMVTQRTIGKKKQRVNKRSYLIRALTLNTMTKDAERGKLKRRA
IATPGMQIRGFVYFVETLARSICEKLEQSGLPVGGNEKKAKLANVVRKMMTNSQDTELSFTITGDNTKWNENQNPRMFLA
MITYITKNQPEWFRNVLSIAPIMFSNKMARLGKGYMFESKSMKLRTQIPAEMLASIDLKYFNESTRKKIEKIRPLLIDGT
ASLSPGMMMGMFNMLSTVLGVSILNLGQKRYTKTTYWWDGLQSSDDFALIVNAPNHEGIQAGVDRFYRTCKLVGINMSKK
KSYINRTGTFEFTSFFYRYGFVANFSMELPSFGVSGINESADMSIGVTVIKNNMINNDLGPATAQMALQLFIKDYRYTYR
CHRGDTQIQTRRSFELKKLWEQTRSKAGLLVSDGGPNLYNIRNLHIPEVCLKWELMDEDYQGRLCNPLNPFVSHKEIESV
NNAVVMPAHGPAKSMEYDAVATTHSWIPKRNRSILNTSQRGILEDEQMYQKCCNLFEKFFPSSSYRRPVGISSMVEAMVS
RARIDARIDFESGRIKKEEFAEIMKICSTIEELRRQK
;
B
3 'polypeptide(L)'
;MERIKELRNLMSQSRTREILTKTTVDHMAIIKKYTSGRQEKNPSLRMKWMMAMKYPITADKRITEMVPERNEQGQTLWSK
MSDAGSDRVMVSPLAVTWWNRNGPMTSTVHYPKVYKTYFEKVERLKHGTFGPVHFRNQVKIRRRVDINPGHADLSAKEAQ
DVIMEVVFPNEVGARILTSESQLTITKEKKEELQDCKISPLMVAYMLERELVRKTRFLPVAGGTSSVYIEVLHLTQGTCW
EQMYTPGGEVRNDDVDQSLIIAARNIVRRAAVSADPLASLLEMCHSTQIGGTRMVDILRQNPTEEQAVDICKAAMGLRIS
SSFSFGGFTFKRTSGSSIKREEELLTGNLQTLKIRVHDGYEEFTMVGKRATAILRKATRRLVQLIVSGRDEQSVAEAIIV
AMVFSQEDCMIKAVRGDLNFVNRANQRLNPMHQLLRHFQKDAKVLFQNWGIEHIDNVMGMIGVLPDMTPSTEMSMRGIRV
SKMGVDEYSSTERVVVSIDRFLRVRDQRGNVLLSPEEVSETQGTEKLTITYSSSMMWEINGPESVLVNTYQWIIRNWETV
KIQWSQNPTMLYNKMEFEPFQSLVPKAIRGQYSGFVRTLFQQMRDVLGTFDTTQIIKLLPFAAAPPKQSRMQFSSLTVNV
RGSGMRILVRGNSPAFNYNKTTKRLTILGKDAGTLIEDPDEGTSGVESAVLRGFLILGKEDRRYGPALSINELSNLAKGE
KANVLIGQGDVVLVMKRKRDSSILTDSQTATKRIRMAINENLYFQ
;
C
4 'polyribonucleotide' (M7G)AAUCU F
5 'polyribonucleotide' GGCCUGCUUUUGCU E
6 'polyribonucleotide' AGUAGAAACAAGGCC D
#
# COMPACT_ATOMS: atom_id res chain seq x y z
N MET A 1 38.25 44.14 -15.49
CA MET A 1 37.44 44.85 -14.47
C MET A 1 37.40 44.05 -13.18
N GLU A 2 37.30 42.73 -13.31
CA GLU A 2 37.36 41.85 -12.14
C GLU A 2 38.67 42.02 -11.40
N ASP A 3 39.77 42.19 -12.14
CA ASP A 3 41.08 42.39 -11.51
C ASP A 3 41.08 43.62 -10.62
N PHE A 4 40.46 44.71 -11.07
CA PHE A 4 40.47 45.93 -10.27
C PHE A 4 39.72 45.76 -8.95
N VAL A 5 38.51 45.19 -9.02
CA VAL A 5 37.72 45.03 -7.81
C VAL A 5 38.35 43.99 -6.89
N ARG A 6 39.18 43.09 -7.43
CA ARG A 6 39.96 42.22 -6.57
C ARG A 6 41.13 42.95 -5.93
N GLN A 7 41.69 43.95 -6.62
CA GLN A 7 42.83 44.68 -6.05
C GLN A 7 42.37 45.64 -4.95
N CYS A 8 41.39 46.49 -5.25
CA CYS A 8 41.05 47.59 -4.36
C CYS A 8 40.50 47.09 -3.03
N PHE A 9 39.39 46.37 -3.06
CA PHE A 9 38.70 45.98 -1.84
C PHE A 9 39.46 44.90 -1.09
N ASN A 10 39.35 44.93 0.24
CA ASN A 10 39.92 43.88 1.07
C ASN A 10 39.18 42.57 0.82
N PRO A 11 39.80 41.42 1.10
CA PRO A 11 39.27 40.16 0.56
C PRO A 11 37.95 39.72 1.18
N MET A 12 37.54 40.28 2.32
CA MET A 12 36.24 39.92 2.88
C MET A 12 35.12 40.35 1.94
N ILE A 13 35.22 41.57 1.42
CA ILE A 13 34.17 42.12 0.56
C ILE A 13 34.01 41.26 -0.69
N VAL A 14 35.13 40.97 -1.36
CA VAL A 14 35.06 40.20 -2.59
C VAL A 14 34.68 38.76 -2.32
N GLU A 15 35.07 38.23 -1.16
CA GLU A 15 34.65 36.88 -0.77
C GLU A 15 33.14 36.79 -0.68
N LEU A 16 32.54 37.66 0.13
CA LEU A 16 31.09 37.63 0.31
C LEU A 16 30.37 38.00 -0.99
N ALA A 17 30.97 38.84 -1.82
CA ALA A 17 30.34 39.20 -3.10
C ALA A 17 30.32 38.01 -4.05
N GLU A 18 31.42 37.25 -4.11
CA GLU A 18 31.42 36.07 -4.97
C GLU A 18 30.47 35.01 -4.43
N LYS A 19 30.40 34.88 -3.11
CA LYS A 19 29.38 34.01 -2.51
C LYS A 19 27.99 34.39 -2.98
N ALA A 20 27.63 35.66 -2.84
CA ALA A 20 26.30 36.11 -3.22
C ALA A 20 26.05 35.95 -4.71
N MET A 21 27.07 36.17 -5.54
CA MET A 21 26.90 36.01 -6.98
C MET A 21 26.66 34.56 -7.34
N LYS A 22 27.36 33.65 -6.67
CA LYS A 22 27.10 32.23 -6.87
C LYS A 22 25.69 31.85 -6.43
N GLU A 23 25.24 32.40 -5.29
CA GLU A 23 23.89 32.13 -4.84
C GLU A 23 22.85 32.68 -5.82
N TYR A 24 23.17 33.78 -6.49
CA TYR A 24 22.26 34.34 -7.49
C TYR A 24 22.06 33.41 -8.68
N GLY A 25 23.02 32.54 -8.96
CA GLY A 25 22.95 31.68 -10.13
C GLY A 25 23.60 32.28 -11.37
N GLU A 26 24.44 33.30 -11.20
CA GLU A 26 25.05 34.01 -12.31
C GLU A 26 26.44 33.46 -12.60
N ASP A 27 27.04 33.98 -13.67
CA ASP A 27 28.43 33.72 -14.03
C ASP A 27 29.22 35.00 -13.83
N LEU A 28 30.31 34.91 -13.07
CA LEU A 28 31.11 36.09 -12.78
C LEU A 28 31.75 36.68 -14.03
N LYS A 29 31.98 35.86 -15.06
CA LYS A 29 32.67 36.32 -16.26
C LYS A 29 31.71 36.94 -17.26
N ILE A 30 30.53 36.35 -17.43
CA ILE A 30 29.52 36.93 -18.33
C ILE A 30 28.93 38.21 -17.73
N GLU A 31 28.95 38.36 -16.41
CA GLU A 31 28.43 39.55 -15.74
C GLU A 31 29.47 39.98 -14.72
N THR A 32 30.09 41.13 -14.95
CA THR A 32 31.23 41.60 -14.17
C THR A 32 30.95 42.85 -13.37
N ASN A 33 30.44 43.91 -14.00
CA ASN A 33 30.25 45.18 -13.29
C ASN A 33 29.26 45.07 -12.15
N LYS A 34 28.29 44.14 -12.25
CA LYS A 34 27.43 43.84 -11.12
C LYS A 34 28.26 43.43 -9.91
N PHE A 35 29.35 42.69 -10.12
CA PHE A 35 30.22 42.30 -9.04
C PHE A 35 30.80 43.52 -8.33
N ALA A 36 31.24 44.51 -9.10
CA ALA A 36 31.81 45.72 -8.50
C ALA A 36 30.75 46.52 -7.75
N ALA A 37 29.55 46.63 -8.33
CA ALA A 37 28.47 47.32 -7.64
C ALA A 37 28.13 46.62 -6.33
N ILE A 38 28.15 45.29 -6.33
CA ILE A 38 27.88 44.52 -5.11
C ILE A 38 28.96 44.80 -4.07
N CYS A 39 30.22 44.84 -4.51
CA CYS A 39 31.30 45.16 -3.58
C CYS A 39 31.13 46.55 -2.98
N THR A 40 30.74 47.53 -3.79
CA THR A 40 30.54 48.88 -3.27
C THR A 40 29.41 48.92 -2.26
N HIS A 41 28.29 48.26 -2.58
CA HIS A 41 27.17 48.16 -1.64
C HIS A 41 27.62 47.55 -0.32
N LEU A 42 28.35 46.44 -0.38
CA LEU A 42 28.85 45.79 0.82
C LEU A 42 29.72 46.74 1.63
N GLU A 43 30.61 47.47 0.97
CA GLU A 43 31.56 48.31 1.68
C GLU A 43 30.85 49.49 2.35
N VAL A 44 29.92 50.12 1.64
CA VAL A 44 29.25 51.27 2.24
C VAL A 44 28.33 50.82 3.36
N CYS A 45 27.71 49.65 3.25
CA CYS A 45 26.93 49.13 4.37
C CYS A 45 27.81 48.84 5.58
N PHE A 46 28.99 48.26 5.36
CA PHE A 46 29.90 47.98 6.46
C PHE A 46 30.35 49.26 7.15
N MET A 47 30.62 50.31 6.36
CA MET A 47 31.05 51.57 6.94
C MET A 47 29.89 52.26 7.65
N TYR A 48 28.69 52.17 7.08
CA TYR A 48 27.50 52.70 7.72
C TYR A 48 27.23 52.02 9.05
N SER A 49 27.60 50.74 9.18
CA SER A 49 27.39 50.00 10.41
C SER A 49 28.56 50.14 11.37
N ASP A 50 29.78 50.01 10.87
CA ASP A 50 30.95 50.17 11.71
C ASP A 50 31.09 51.63 12.14
N PHE A 51 31.91 51.86 13.16
CA PHE A 51 32.07 53.18 13.76
C PHE A 51 30.74 53.67 14.34
N HIS A 52 29.96 52.75 14.89
CA HIS A 52 28.68 53.10 15.53
C HIS A 52 28.43 52.11 16.65
N PHE A 53 28.24 52.63 17.86
CA PHE A 53 27.75 51.84 18.98
C PHE A 53 26.66 52.62 19.69
N ILE A 54 25.91 51.93 20.54
CA ILE A 54 24.68 52.46 21.13
C ILE A 54 24.93 52.84 22.58
N ASN A 55 24.13 53.78 23.06
CA ASN A 55 24.07 54.19 24.46
C ASN A 55 22.84 53.57 25.10
N GLU A 56 22.50 54.00 26.32
CA GLU A 56 21.27 53.53 26.97
C GLU A 56 20.05 53.85 26.13
N GLN A 57 20.06 55.00 25.45
CA GLN A 57 19.07 55.36 24.46
C GLN A 57 19.58 54.89 23.09
N GLY A 58 19.03 55.43 22.02
CA GLY A 58 19.57 55.22 20.68
C GLY A 58 20.43 56.39 20.24
N GLU A 59 20.43 56.70 18.93
CA GLU A 59 21.21 57.81 18.39
C GLU A 59 22.71 57.61 18.68
N SER A 60 23.26 56.66 17.92
CA SER A 60 24.59 56.07 18.10
C SER A 60 25.68 57.00 18.64
N ILE A 61 26.38 56.55 19.67
CA ILE A 61 27.64 57.14 20.09
C ILE A 61 28.76 56.44 19.33
N VAL A 62 29.65 57.23 18.75
CA VAL A 62 30.65 56.74 17.79
C VAL A 62 31.98 56.57 18.51
N VAL A 63 32.76 55.59 18.05
CA VAL A 63 34.05 55.25 18.64
C VAL A 63 35.06 55.03 17.51
N GLU A 64 36.34 55.24 17.84
CA GLU A 64 37.41 54.84 16.95
C GLU A 64 37.45 53.32 16.81
N LEU A 65 37.47 52.62 17.93
CA LEU A 65 37.29 51.18 17.97
C LEU A 65 36.63 50.83 19.30
N ASP A 66 35.75 49.83 19.27
CA ASP A 66 34.89 49.52 20.42
C ASP A 66 35.70 49.22 21.67
N ASP A 67 35.19 49.68 22.82
CA ASP A 67 35.82 49.43 24.11
C ASP A 67 35.44 48.04 24.62
N PRO A 68 36.33 47.37 25.38
CA PRO A 68 36.00 46.03 25.89
C PRO A 68 35.17 46.12 27.15
N ASN A 69 33.89 45.74 27.04
CA ASN A 69 32.97 45.79 28.18
C ASN A 69 31.68 45.12 27.76
N ALA A 70 30.71 45.11 28.67
CA ALA A 70 29.40 44.52 28.37
C ALA A 70 28.67 45.31 27.29
N LEU A 71 29.02 46.58 27.10
CA LEU A 71 28.35 47.43 26.11
C LEU A 71 28.85 47.08 24.71
N LEU A 72 28.46 45.89 24.26
CA LEU A 72 28.73 45.39 22.92
C LEU A 72 27.62 45.74 21.93
N LYS A 73 26.53 46.36 22.40
CA LYS A 73 25.35 46.53 21.58
C LYS A 73 25.60 47.51 20.44
N HIS A 74 25.53 47.01 19.21
CA HIS A 74 25.55 47.87 18.03
C HIS A 74 24.17 48.47 17.82
N ARG A 75 24.12 49.71 17.36
CA ARG A 75 22.83 50.29 17.01
C ARG A 75 22.27 49.66 15.74
N PHE A 76 23.14 49.22 14.83
CA PHE A 76 22.75 48.72 13.53
C PHE A 76 22.99 47.23 13.44
N GLU A 77 22.02 46.51 12.89
CA GLU A 77 22.16 45.10 12.58
C GLU A 77 22.19 44.94 11.07
N ILE A 78 23.16 44.16 10.58
CA ILE A 78 23.42 44.02 9.15
C ILE A 78 22.66 42.80 8.64
N ILE A 79 22.01 42.94 7.48
CA ILE A 79 21.14 41.93 6.93
C ILE A 79 21.66 41.40 5.59
N GLU A 80 22.18 42.28 4.74
CA GLU A 80 22.49 41.90 3.37
C GLU A 80 23.78 41.09 3.26
N GLY A 81 24.71 41.27 4.18
CA GLY A 81 25.94 40.50 4.15
C GLY A 81 25.78 39.11 4.73
N ARG A 82 24.81 38.36 4.21
CA ARG A 82 24.38 37.11 4.81
C ARG A 82 23.75 36.23 3.75
N ASP A 83 23.63 34.95 4.08
CA ASP A 83 22.88 34.02 3.26
C ASP A 83 21.40 34.40 3.25
N ARG A 84 20.65 33.79 2.34
CA ARG A 84 19.24 34.11 2.22
C ARG A 84 18.47 33.66 3.45
N THR A 85 18.72 32.43 3.92
CA THR A 85 17.96 31.87 5.03
C THR A 85 18.19 32.67 6.30
N MET A 86 19.46 32.93 6.64
CA MET A 86 19.76 33.64 7.87
C MET A 86 19.24 35.07 7.83
N ALA A 87 19.25 35.68 6.65
CA ALA A 87 18.75 37.04 6.53
C ALA A 87 17.24 37.09 6.76
N TRP A 88 16.48 36.23 6.08
CA TRP A 88 15.05 36.19 6.33
C TRP A 88 14.75 35.80 7.78
N THR A 89 15.64 35.01 8.39
CA THR A 89 15.42 34.61 9.77
C THR A 89 15.56 35.80 10.71
N VAL A 90 16.60 36.60 10.50
CA VAL A 90 16.76 37.85 11.25
C VAL A 90 15.53 38.72 11.08
N VAL A 91 15.07 38.86 9.84
CA VAL A 91 13.93 39.72 9.54
C VAL A 91 12.69 39.25 10.27
N ASN A 92 12.39 37.95 10.19
CA ASN A 92 11.17 37.43 10.80
C ASN A 92 11.25 37.47 12.31
N SER A 93 12.42 37.20 12.90
CA SER A 93 12.59 37.34 14.33
C SER A 93 12.28 38.76 14.78
N ILE A 94 12.85 39.75 14.08
CA ILE A 94 12.60 41.15 14.42
C ILE A 94 11.11 41.46 14.29
N CYS A 95 10.50 41.11 13.16
CA CYS A 95 9.09 41.43 12.93
C CYS A 95 8.19 40.77 13.96
N ASN A 96 8.57 39.60 14.48
CA ASN A 96 7.75 38.94 15.48
C ASN A 96 8.01 39.46 16.88
N THR A 97 9.17 40.07 17.13
CA THR A 97 9.44 40.64 18.45
C THR A 97 8.77 42.01 18.60
N THR A 98 9.14 42.97 17.76
CA THR A 98 8.66 44.33 17.89
C THR A 98 7.30 44.57 17.25
N GLY A 99 6.66 43.53 16.71
CA GLY A 99 5.40 43.72 16.02
C GLY A 99 5.48 44.61 14.81
N ALA A 100 6.65 44.77 14.22
CA ALA A 100 6.82 45.61 13.04
C ALA A 100 6.18 44.94 11.83
N GLU A 101 6.29 45.61 10.69
CA GLU A 101 5.75 45.11 9.44
C GLU A 101 6.83 44.31 8.70
N LYS A 102 6.38 43.29 7.98
CA LYS A 102 7.31 42.42 7.26
C LYS A 102 7.52 42.94 5.85
N PRO A 103 8.74 43.25 5.43
CA PRO A 103 8.94 43.64 4.03
C PRO A 103 8.75 42.47 3.08
N LYS A 104 8.62 42.81 1.80
CA LYS A 104 8.53 41.81 0.74
C LYS A 104 9.88 41.46 0.17
N PHE A 105 10.85 42.37 0.26
CA PHE A 105 12.20 42.18 -0.23
C PHE A 105 13.17 42.49 0.90
N LEU A 106 14.35 41.91 0.82
CA LEU A 106 15.30 42.03 1.91
C LEU A 106 15.82 43.45 2.03
N PRO A 107 15.63 44.13 3.17
CA PRO A 107 16.41 45.36 3.40
C PRO A 107 17.87 45.06 3.65
N ASP A 108 18.67 46.09 3.92
CA ASP A 108 20.09 45.95 4.14
C ASP A 108 20.50 46.12 5.59
N LEU A 109 19.73 46.86 6.40
CA LEU A 109 20.08 47.04 7.80
C LEU A 109 18.80 47.17 8.62
N TYR A 110 18.98 47.14 9.94
CA TYR A 110 17.93 47.42 10.90
C TYR A 110 18.49 48.35 11.98
N ASP A 111 17.75 49.40 12.29
CA ASP A 111 18.13 50.41 13.27
C ASP A 111 17.19 50.33 14.45
N TYR A 112 17.76 50.34 15.66
CA TYR A 112 17.03 50.12 16.89
C TYR A 112 16.43 51.39 17.49
N LYS A 113 17.05 52.55 17.28
CA LYS A 113 16.54 53.79 17.85
C LYS A 113 15.15 54.09 17.31
N GLU A 114 15.06 54.36 16.02
CA GLU A 114 13.78 54.58 15.37
C GLU A 114 13.08 53.27 15.00
N ASN A 115 13.71 52.13 15.25
CA ASN A 115 13.07 50.82 15.15
C ASN A 115 12.50 50.57 13.76
N ARG A 116 13.38 50.50 12.77
CA ARG A 116 12.92 50.17 11.42
C ARG A 116 14.11 49.78 10.55
N PHE A 117 13.78 49.24 9.39
CA PHE A 117 14.78 48.76 8.45
C PHE A 117 15.31 49.91 7.59
N ILE A 118 16.43 49.64 6.95
CA ILE A 118 17.08 50.60 6.05
C ILE A 118 17.53 49.86 4.81
N GLU A 119 17.34 50.50 3.65
CA GLU A 119 17.70 49.94 2.35
C GLU A 119 18.58 50.94 1.62
N ILE A 120 19.89 50.86 1.85
CA ILE A 120 20.84 51.74 1.18
C ILE A 120 20.95 51.34 -0.29
N GLY A 121 21.15 52.34 -1.14
CA GLY A 121 21.44 52.10 -2.55
C GLY A 121 22.50 53.06 -3.03
N VAL A 122 23.23 52.62 -4.06
CA VAL A 122 24.29 53.41 -4.67
C VAL A 122 24.09 53.37 -6.17
N THR A 123 24.13 54.53 -6.81
CA THR A 123 23.79 54.65 -8.22
C THR A 123 24.72 55.66 -8.90
N ARG A 124 25.05 55.37 -10.16
CA ARG A 124 25.77 56.33 -10.98
C ARG A 124 24.85 57.49 -11.36
N ARG A 125 23.72 57.18 -11.98
CA ARG A 125 22.70 58.18 -12.25
C ARG A 125 22.25 58.82 -10.96
N GLU A 126 21.91 60.11 -11.02
CA GLU A 126 21.52 60.83 -9.82
C GLU A 126 20.16 60.31 -9.32
N VAL A 127 19.71 60.89 -8.22
CA VAL A 127 18.85 60.20 -7.27
C VAL A 127 17.38 60.13 -7.68
N HIS A 128 16.75 61.28 -7.89
CA HIS A 128 15.30 61.39 -7.69
C HIS A 128 14.44 60.54 -8.67
N ILE A 129 14.99 59.70 -9.54
CA ILE A 129 14.21 58.69 -10.24
C ILE A 129 14.49 57.30 -9.69
N TYR A 130 15.76 57.01 -9.35
CA TYR A 130 16.08 55.77 -8.66
C TYR A 130 15.39 55.72 -7.31
N TYR A 131 15.20 56.87 -6.67
CA TYR A 131 14.48 56.92 -5.40
C TYR A 131 13.06 56.39 -5.57
N LEU A 132 12.33 56.89 -6.57
CA LEU A 132 10.96 56.45 -6.74
C LEU A 132 10.90 55.03 -7.28
N GLU A 133 11.93 54.58 -7.97
CA GLU A 133 12.02 53.15 -8.32
C GLU A 133 12.12 52.30 -7.06
N LYS A 134 13.04 52.65 -6.17
CA LYS A 134 13.16 51.98 -4.89
C LYS A 134 11.86 52.06 -4.09
N ALA A 135 11.12 53.15 -4.22
CA ALA A 135 9.92 53.35 -3.44
C ALA A 135 8.76 52.50 -3.96
N ASN A 136 8.51 52.52 -5.27
CA ASN A 136 7.44 51.70 -5.81
C ASN A 136 7.82 50.22 -5.91
N LYS A 137 9.08 49.87 -5.68
CA LYS A 137 9.40 48.48 -5.37
C LYS A 137 9.12 48.16 -3.91
N ILE A 138 9.52 49.05 -3.00
CA ILE A 138 9.28 48.85 -1.56
C ILE A 138 7.94 49.51 -1.26
N LYS A 139 6.87 48.76 -1.51
CA LYS A 139 5.52 49.29 -1.39
C LYS A 139 5.00 49.12 0.04
N SER A 140 4.16 50.08 0.44
CA SER A 140 3.54 50.07 1.77
C SER A 140 4.61 50.00 2.86
N GLU A 141 5.48 51.00 2.88
CA GLU A 141 6.76 50.93 3.54
C GLU A 141 6.81 51.78 4.80
N ASN A 142 7.57 51.28 5.78
CA ASN A 142 8.12 52.08 6.87
C ASN A 142 9.64 52.12 6.83
N THR A 143 10.27 51.16 6.16
CA THR A 143 11.72 51.10 6.06
C THR A 143 12.28 52.37 5.45
N HIS A 144 13.13 53.05 6.19
CA HIS A 144 13.78 54.26 5.70
C HIS A 144 14.64 53.93 4.48
N ILE A 145 14.84 54.94 3.64
CA ILE A 145 15.68 54.83 2.46
C ILE A 145 16.74 55.91 2.53
N HIS A 146 17.97 55.55 2.15
CA HIS A 146 19.11 56.46 2.20
C HIS A 146 20.02 56.07 1.05
N ILE A 147 19.85 56.75 -0.08
CA ILE A 147 20.54 56.43 -1.32
C ILE A 147 21.65 57.45 -1.54
N PHE A 148 22.77 56.98 -2.06
CA PHE A 148 23.95 57.80 -2.32
C PHE A 148 24.14 57.98 -3.82
N SER A 149 25.06 58.89 -4.16
CA SER A 149 25.45 59.13 -5.53
C SER A 149 26.96 59.32 -5.58
N PHE A 150 27.57 58.89 -6.68
CA PHE A 150 29.01 59.02 -6.84
C PHE A 150 29.47 60.47 -6.86
N THR A 151 28.57 61.40 -7.21
CA THR A 151 28.96 62.81 -7.30
C THR A 151 29.27 63.38 -5.93
N GLY A 152 28.42 63.10 -4.94
CA GLY A 152 28.59 63.65 -3.60
C GLY A 152 27.32 64.12 -2.91
N GLU A 153 26.16 63.83 -3.51
CA GLU A 153 24.87 64.29 -2.99
C GLU A 153 23.97 63.08 -2.70
N GLU A 154 23.28 63.14 -1.58
CA GLU A 154 22.45 62.05 -1.07
C GLU A 154 21.00 62.50 -0.96
N MET A 155 20.17 61.64 -0.37
CA MET A 155 18.72 61.81 -0.36
C MET A 155 18.15 60.89 0.70
N ALA A 156 16.90 61.13 1.07
CA ALA A 156 16.24 60.31 2.07
C ALA A 156 14.75 60.65 2.10
N THR A 157 14.00 59.89 2.90
CA THR A 157 12.58 60.12 3.09
C THR A 157 12.36 61.04 4.27
N LYS A 158 11.38 61.94 4.13
CA LYS A 158 11.03 62.93 5.15
C LYS A 158 12.20 63.85 5.49
N ALA A 159 13.21 63.94 4.62
CA ALA A 159 14.47 64.62 4.92
C ALA A 159 15.10 64.07 6.21
N ASP A 160 14.88 62.78 6.46
CA ASP A 160 15.38 62.13 7.68
C ASP A 160 16.74 61.51 7.40
N TYR A 161 17.66 61.71 8.34
CA TYR A 161 19.03 61.21 8.23
C TYR A 161 19.39 60.53 9.54
N THR A 162 19.73 59.25 9.46
CA THR A 162 19.73 58.37 10.62
C THR A 162 21.08 58.34 11.35
N LEU A 163 22.00 59.22 11.01
CA LEU A 163 23.33 59.21 11.64
C LEU A 163 23.98 60.57 11.41
N ASP A 164 25.27 60.65 11.77
CA ASP A 164 26.03 61.87 11.63
C ASP A 164 26.20 62.23 10.16
N GLU A 165 26.71 63.44 9.92
CA GLU A 165 27.11 63.86 8.58
C GLU A 165 28.57 63.53 8.29
N GLU A 166 29.38 63.30 9.32
CA GLU A 166 30.79 62.96 9.11
C GLU A 166 30.93 61.56 8.54
N SER A 167 30.13 60.61 9.01
CA SER A 167 30.15 59.27 8.42
C SER A 167 29.66 59.31 6.98
N ARG A 168 28.66 60.14 6.70
CA ARG A 168 28.25 60.37 5.32
C ARG A 168 29.40 60.90 4.48
N ALA A 169 30.17 61.84 5.04
CA ALA A 169 31.31 62.39 4.34
C ALA A 169 32.36 61.32 4.08
N ARG A 170 32.53 60.40 5.03
CA ARG A 170 33.48 59.30 4.85
C ARG A 170 33.03 58.39 3.71
N ILE A 171 31.75 58.03 3.69
CA ILE A 171 31.19 57.27 2.58
C ILE A 171 31.45 57.98 1.27
N LYS A 172 31.21 59.30 1.24
CA LYS A 172 31.35 60.04 -0.01
C LYS A 172 32.80 60.13 -0.46
N THR A 173 33.73 60.25 0.49
CA THR A 173 35.15 60.27 0.13
C THR A 173 35.55 58.95 -0.50
N ARG A 174 35.16 57.84 0.13
CA ARG A 174 35.48 56.53 -0.44
C ARG A 174 34.84 56.38 -1.83
N LEU A 175 33.61 56.87 -1.98
CA LEU A 175 32.89 56.70 -3.24
C LEU A 175 33.52 57.52 -4.36
N PHE A 176 33.88 58.77 -4.08
CA PHE A 176 34.53 59.61 -5.08
C PHE A 176 35.91 59.08 -5.43
N THR A 177 36.65 58.61 -4.42
CA THR A 177 37.92 57.93 -4.67
C THR A 177 37.72 56.77 -5.64
N ILE A 178 36.70 55.95 -5.40
CA ILE A 178 36.40 54.83 -6.29
C ILE A 178 36.13 55.33 -7.70
N ARG A 179 35.30 56.37 -7.83
CA ARG A 179 34.86 56.80 -9.17
C ARG A 179 36.03 57.33 -9.99
N GLN A 180 36.83 58.23 -9.42
CA GLN A 180 37.89 58.88 -10.20
C GLN A 180 39.24 58.19 -10.00
N GLU A 181 39.26 57.02 -9.37
CA GLU A 181 40.29 56.02 -9.65
C GLU A 181 39.86 55.07 -10.75
N MET A 182 38.55 54.86 -10.90
CA MET A 182 38.03 54.16 -12.07
C MET A 182 38.33 54.94 -13.34
N ALA A 183 38.16 56.26 -13.29
CA ALA A 183 38.38 57.08 -14.48
C ALA A 183 39.82 56.99 -14.97
N ASN A 184 40.77 56.72 -14.08
CA ASN A 184 42.15 56.53 -14.50
C ASN A 184 42.29 55.29 -15.38
N ARG A 185 41.54 54.23 -15.07
CA ARG A 185 41.64 52.99 -15.82
C ARG A 185 40.82 53.01 -17.09
N GLY A 186 39.79 53.85 -17.17
CA GLY A 186 38.98 53.97 -18.36
C GLY A 186 37.82 52.99 -18.45
N LEU A 187 37.46 52.34 -17.35
CA LEU A 187 36.34 51.41 -17.33
C LEU A 187 35.06 52.03 -16.79
N TRP A 188 35.06 53.34 -16.52
CA TRP A 188 33.85 54.02 -16.07
C TRP A 188 32.74 53.97 -17.12
N ASP A 189 33.12 53.87 -18.40
CA ASP A 189 32.13 53.88 -19.47
C ASP A 189 31.19 52.68 -19.40
N SER A 190 31.67 51.56 -18.87
CA SER A 190 30.92 50.31 -18.86
C SER A 190 30.00 50.16 -17.64
N PHE A 191 29.74 51.24 -16.91
CA PHE A 191 28.89 51.18 -15.73
C PHE A 191 27.41 51.36 -16.04
N ARG A 192 27.06 51.77 -17.26
CA ARG A 192 25.68 51.73 -17.68
C ARG A 192 25.29 50.29 -17.95
N GLN A 193 24.92 49.57 -16.89
CA GLN A 193 24.81 48.12 -16.92
C GLN A 193 23.37 47.69 -16.64
N SER A 194 23.02 46.54 -17.19
CA SER A 194 21.72 45.92 -16.95
C SER A 194 21.88 44.41 -17.05
N GLU A 195 20.98 43.68 -16.42
CA GLU A 195 21.03 42.22 -16.45
C GLU A 195 20.67 41.75 -17.86
N ARG A 196 21.62 41.10 -18.53
CA ARG A 196 21.43 40.57 -19.87
C ARG A 196 22.08 39.20 -19.94
N GLY A 197 22.22 38.68 -21.15
CA GLY A 197 22.73 37.33 -21.34
C GLY A 197 21.63 36.31 -21.12
N GLU A 198 21.57 35.30 -21.98
CA GLU A 198 20.53 34.28 -21.87
C GLU A 198 20.97 33.23 -20.86
N GLU A 199 20.38 33.29 -19.66
CA GLU A 199 20.69 32.33 -18.61
C GLU A 199 19.94 31.01 -18.77
N THR A 200 19.07 30.89 -19.76
CA THR A 200 18.42 29.61 -20.07
C THR A 200 19.45 28.74 -20.79
N ILE A 201 20.39 28.23 -20.02
CA ILE A 201 21.55 27.54 -20.57
C ILE A 201 21.16 26.11 -20.95
N GLU A 202 21.74 25.63 -22.04
CA GLU A 202 21.38 24.33 -22.57
C GLU A 202 21.84 23.22 -21.63
N GLU A 203 21.03 22.18 -21.52
CA GLU A 203 21.38 21.00 -20.75
C GLU A 203 22.28 20.12 -21.59
N ARG A 204 23.27 19.52 -20.94
CA ARG A 204 24.37 18.83 -21.63
C ARG A 204 24.69 17.57 -20.86
N PHE A 205 24.35 16.42 -21.43
CA PHE A 205 24.70 15.11 -20.88
C PHE A 205 25.36 14.30 -22.00
N GLU A 206 26.68 14.25 -21.97
CA GLU A 206 27.47 13.71 -23.08
C GLU A 206 27.99 12.33 -22.72
N ILE A 207 27.70 11.36 -23.59
CA ILE A 207 28.29 10.03 -23.51
C ILE A 207 29.61 10.09 -24.28
N THR A 208 30.69 9.70 -23.61
CA THR A 208 32.01 9.78 -24.21
C THR A 208 32.94 8.82 -23.50
N GLY A 209 33.92 8.33 -24.24
CA GLY A 209 34.94 7.48 -23.63
C GLY A 209 34.41 6.11 -23.37
N THR A 210 34.69 5.62 -22.17
CA THR A 210 34.35 4.26 -21.77
C THR A 210 32.86 3.96 -22.02
N MET A 211 32.00 4.86 -21.59
CA MET A 211 30.56 4.62 -21.69
C MET A 211 30.04 4.73 -23.11
N ARG A 212 30.85 5.13 -24.09
CA ARG A 212 30.46 4.93 -25.49
C ARG A 212 30.74 3.50 -25.91
N ARG A 213 31.88 2.96 -25.50
CA ARG A 213 32.28 1.63 -25.92
C ARG A 213 31.29 0.58 -25.43
N LEU A 214 30.98 0.62 -24.13
CA LEU A 214 29.94 -0.23 -23.59
C LEU A 214 28.61 -0.04 -24.31
N ALA A 215 28.37 1.16 -24.85
CA ALA A 215 27.16 1.38 -25.62
C ALA A 215 27.21 0.65 -26.95
N ASP A 216 28.38 0.66 -27.61
CA ASP A 216 28.51 -0.02 -28.89
C ASP A 216 28.43 -1.53 -28.74
N GLN A 217 28.78 -2.05 -27.55
CA GLN A 217 28.72 -3.47 -27.24
C GLN A 217 27.46 -3.84 -26.47
N SER A 218 26.35 -3.16 -26.72
CA SER A 218 25.11 -3.37 -26.01
C SER A 218 23.92 -3.31 -26.96
N LEU A 219 24.13 -3.70 -28.21
CA LEU A 219 23.16 -3.56 -29.28
C LEU A 219 22.93 -4.91 -29.94
N PRO A 220 22.02 -5.00 -30.90
CA PRO A 220 21.92 -6.22 -31.71
C PRO A 220 23.20 -6.46 -32.49
N PRO A 221 23.32 -7.62 -33.15
CA PRO A 221 24.63 -8.05 -33.64
C PRO A 221 25.04 -7.44 -34.96
N ASN A 222 24.10 -6.93 -35.76
CA ASN A 222 24.42 -6.30 -37.04
C ASN A 222 24.64 -4.80 -36.91
N PHE A 223 25.08 -4.34 -35.73
CA PHE A 223 25.36 -2.93 -35.48
C PHE A 223 26.68 -2.82 -34.74
N SER A 224 27.36 -1.70 -34.99
CA SER A 224 28.65 -1.41 -34.36
C SER A 224 28.73 -0.03 -33.73
N CYS A 225 27.66 0.75 -33.79
CA CYS A 225 27.66 2.12 -33.29
C CYS A 225 26.27 2.45 -32.79
N LEU A 226 26.21 3.18 -31.68
CA LEU A 226 24.93 3.57 -31.10
C LEU A 226 24.16 4.49 -32.04
N GLU A 227 24.87 5.35 -32.78
CA GLU A 227 24.20 6.37 -33.58
C GLU A 227 23.55 5.76 -34.82
N ASN A 228 24.19 4.76 -35.43
CA ASN A 228 23.57 4.09 -36.56
C ASN A 228 22.31 3.35 -36.12
N PHE A 229 22.33 2.77 -34.93
CA PHE A 229 21.13 2.14 -34.39
C PHE A 229 20.03 3.17 -34.17
N ARG A 230 20.38 4.32 -33.60
CA ARG A 230 19.41 5.40 -33.41
C ARG A 230 18.82 5.83 -34.74
N ALA A 231 19.65 5.93 -35.78
CA ALA A 231 19.16 6.31 -37.11
C ALA A 231 18.23 5.25 -37.68
N TYR A 232 18.55 3.98 -37.48
CA TYR A 232 17.66 2.91 -37.94
C TYR A 232 16.33 2.97 -37.23
N VAL A 233 16.34 3.29 -35.94
CA VAL A 233 15.09 3.39 -35.19
C VAL A 233 14.27 4.56 -35.70
N ASP A 234 14.91 5.73 -35.86
CA ASP A 234 14.19 6.93 -36.27
C ASP A 234 13.56 6.78 -37.64
N GLY A 235 14.14 5.94 -38.50
CA GLY A 235 13.61 5.71 -39.83
C GLY A 235 12.76 4.47 -39.94
N PHE A 236 12.32 3.92 -38.81
CA PHE A 236 11.53 2.70 -38.80
C PHE A 236 10.08 3.02 -39.11
N GLU A 237 9.58 2.45 -40.21
CA GLU A 237 8.17 2.39 -40.52
C GLU A 237 7.80 0.92 -40.72
N PRO A 238 6.71 0.43 -40.15
CA PRO A 238 6.43 -1.01 -40.27
C PRO A 238 5.90 -1.37 -41.65
N ASN A 239 6.39 -2.50 -42.16
CA ASN A 239 6.00 -3.03 -43.47
C ASN A 239 5.80 -4.53 -43.40
N GLY A 240 5.13 -5.00 -42.35
CA GLY A 240 4.81 -6.40 -42.23
C GLY A 240 5.98 -7.32 -41.94
N TYR A 241 6.54 -7.20 -40.74
CA TYR A 241 7.64 -8.05 -40.28
C TYR A 241 7.16 -9.22 -39.45
N ILE A 242 6.22 -8.98 -38.53
CA ILE A 242 5.70 -10.04 -37.67
C ILE A 242 5.07 -11.14 -38.51
N GLU A 243 4.32 -10.77 -39.55
CA GLU A 243 3.72 -11.77 -40.43
C GLU A 243 4.79 -12.65 -41.06
N GLY A 244 5.88 -12.04 -41.54
CA GLY A 244 6.95 -12.83 -42.12
C GLY A 244 7.60 -13.77 -41.12
N LYS A 245 7.97 -13.24 -39.95
CA LYS A 245 8.62 -14.06 -38.95
C LYS A 245 7.72 -15.19 -38.46
N LEU A 246 6.40 -14.97 -38.46
CA LEU A 246 5.49 -16.05 -38.13
C LEU A 246 5.45 -17.08 -39.25
N SER A 247 5.42 -16.62 -40.50
CA SER A 247 5.41 -17.54 -41.64
C SER A 247 6.66 -18.40 -41.68
N GLN A 248 7.79 -17.88 -41.20
CA GLN A 248 9.02 -18.65 -41.18
C GLN A 248 9.06 -19.65 -40.04
N MET A 249 8.41 -19.33 -38.91
CA MET A 249 8.54 -20.14 -37.71
C MET A 249 7.84 -21.49 -37.89
N SER A 250 8.42 -22.51 -37.27
CA SER A 250 7.87 -23.86 -37.34
C SER A 250 6.45 -23.89 -36.78
N LYS A 251 5.62 -24.73 -37.39
CA LYS A 251 4.26 -24.93 -36.92
C LYS A 251 4.20 -25.86 -35.70
N GLU A 252 5.34 -26.44 -35.29
CA GLU A 252 5.38 -27.22 -34.08
C GLU A 252 5.28 -26.34 -32.84
N VAL A 253 5.62 -25.07 -32.95
CA VAL A 253 5.39 -24.10 -31.87
C VAL A 253 3.91 -23.81 -31.82
N ASN A 254 3.22 -24.36 -30.83
CA ASN A 254 1.77 -24.31 -30.78
C ASN A 254 1.30 -24.26 -29.34
N ALA A 255 0.01 -24.02 -29.19
CA ALA A 255 -0.68 -23.97 -27.90
C ALA A 255 -1.99 -24.76 -28.00
N LYS A 256 -1.88 -25.99 -28.51
CA LYS A 256 -3.03 -26.87 -28.66
C LYS A 256 -3.76 -27.05 -27.34
N ILE A 257 -5.08 -27.00 -27.41
CA ILE A 257 -5.93 -27.06 -26.24
C ILE A 257 -6.30 -28.52 -26.00
N GLU A 258 -5.92 -29.04 -24.83
CA GLU A 258 -6.33 -30.35 -24.38
C GLU A 258 -7.64 -30.23 -23.61
N PRO A 259 -8.74 -30.83 -24.06
CA PRO A 259 -9.98 -30.75 -23.28
C PRO A 259 -9.85 -31.42 -21.92
N PHE A 260 -10.75 -31.01 -21.02
CA PHE A 260 -10.84 -31.56 -19.67
C PHE A 260 -12.26 -32.05 -19.48
N LEU A 261 -12.41 -33.38 -19.37
CA LEU A 261 -13.70 -34.02 -19.24
C LEU A 261 -13.74 -34.81 -17.93
N LYS A 262 -14.82 -35.56 -17.74
CA LYS A 262 -15.00 -36.32 -16.52
C LYS A 262 -14.02 -37.48 -16.45
N THR A 263 -13.82 -38.18 -17.55
CA THR A 263 -12.92 -39.34 -17.59
C THR A 263 -11.46 -38.96 -17.70
N THR A 264 -11.13 -37.69 -17.77
CA THR A 264 -9.77 -37.23 -18.01
C THR A 264 -8.88 -37.29 -16.77
N PRO A 265 -9.24 -36.67 -15.65
CA PRO A 265 -8.29 -36.59 -14.53
C PRO A 265 -8.06 -37.95 -13.88
N ARG A 266 -6.80 -38.34 -13.79
CA ARG A 266 -6.40 -39.56 -13.11
C ARG A 266 -6.07 -39.24 -11.65
N PRO A 267 -5.92 -40.27 -10.81
CA PRO A 267 -5.50 -40.02 -9.44
C PRO A 267 -4.06 -39.54 -9.35
N ILE A 268 -3.75 -38.94 -8.22
CA ILE A 268 -2.39 -38.56 -7.89
C ILE A 268 -1.69 -39.78 -7.31
N ARG A 269 -0.54 -40.13 -7.88
CA ARG A 269 0.23 -41.25 -7.36
C ARG A 269 1.04 -40.82 -6.16
N LEU A 270 1.05 -41.65 -5.16
CA LEU A 270 1.70 -41.39 -3.89
C LEU A 270 3.00 -42.17 -3.80
N PRO A 271 3.96 -41.74 -3.00
CA PRO A 271 5.27 -42.40 -2.99
C PRO A 271 5.20 -43.78 -2.35
N ASP A 272 6.24 -44.56 -2.63
CA ASP A 272 6.43 -45.88 -2.06
C ASP A 272 7.64 -45.83 -1.15
N GLY A 273 7.57 -46.57 -0.04
CA GLY A 273 8.64 -46.63 0.91
C GLY A 273 8.16 -47.14 2.24
N PRO A 274 9.04 -47.14 3.24
CA PRO A 274 8.64 -47.55 4.57
C PRO A 274 7.55 -46.64 5.10
N PRO A 275 6.70 -47.10 6.01
CA PRO A 275 5.56 -46.27 6.42
C PRO A 275 6.02 -45.03 7.19
N CYS A 276 5.12 -44.05 7.21
CA CYS A 276 5.41 -42.77 7.81
C CYS A 276 5.31 -42.85 9.32
N PHE A 277 6.20 -42.14 10.01
CA PHE A 277 6.23 -42.09 11.46
C PHE A 277 5.64 -40.78 11.97
N GLN A 278 5.69 -40.60 13.27
CA GLN A 278 5.14 -39.44 13.96
C GLN A 278 6.24 -38.43 14.23
N ARG A 279 5.91 -37.15 14.05
CA ARG A 279 6.90 -36.08 14.06
C ARG A 279 6.47 -34.84 14.82
N SER A 280 5.34 -34.87 15.51
CA SER A 280 4.92 -33.72 16.30
C SER A 280 5.84 -33.57 17.52
N LYS A 281 5.69 -32.44 18.20
CA LYS A 281 6.46 -32.14 19.38
C LYS A 281 5.82 -32.65 20.66
N PHE A 282 4.55 -33.07 20.61
CA PHE A 282 3.88 -33.66 21.75
C PHE A 282 2.83 -34.62 21.24
N LEU A 283 2.43 -35.55 22.10
CA LEU A 283 1.47 -36.57 21.71
C LEU A 283 0.08 -35.99 21.59
N LEU A 284 -0.69 -36.50 20.62
CA LEU A 284 -1.99 -35.93 20.27
C LEU A 284 -3.16 -36.73 20.84
N MET A 285 -3.30 -37.98 20.43
CA MET A 285 -4.40 -38.85 20.85
C MET A 285 -3.99 -39.82 21.93
N ASP A 286 -2.73 -40.20 21.97
CA ASP A 286 -2.21 -41.21 22.87
C ASP A 286 -1.74 -40.63 24.20
N ALA A 287 -2.18 -39.45 24.56
CA ALA A 287 -1.69 -38.73 25.73
C ALA A 287 -2.62 -38.88 26.92
N LEU A 288 -2.04 -38.80 28.11
CA LEU A 288 -2.73 -38.95 29.38
C LEU A 288 -2.43 -37.77 30.26
N LYS A 289 -3.41 -37.41 31.09
CA LYS A 289 -3.30 -36.27 32.00
C LYS A 289 -3.68 -36.68 33.42
N LEU A 290 -2.80 -36.37 34.36
CA LEU A 290 -3.08 -36.43 35.79
C LEU A 290 -3.54 -35.07 36.29
N SER A 291 -4.47 -35.08 37.25
CA SER A 291 -5.15 -33.86 37.68
C SER A 291 -5.42 -33.89 39.18
N ILE A 292 -5.61 -32.70 39.75
CA ILE A 292 -5.80 -32.53 41.20
C ILE A 292 -6.99 -31.63 41.55
N GLU A 293 -7.55 -30.92 40.56
CA GLU A 293 -8.65 -29.97 40.79
C GLU A 293 -8.21 -28.80 41.67
N ASP A 294 -7.27 -28.01 41.11
CA ASP A 294 -6.76 -26.78 41.71
C ASP A 294 -7.54 -25.58 41.19
N PRO A 295 -8.09 -24.69 42.05
CA PRO A 295 -8.88 -23.56 41.53
C PRO A 295 -8.06 -22.33 41.21
N SER A 296 -7.29 -22.42 40.11
CA SER A 296 -6.52 -21.29 39.60
C SER A 296 -6.66 -21.26 38.08
N HIS A 297 -6.58 -20.06 37.53
CA HIS A 297 -6.86 -19.83 36.13
C HIS A 297 -5.63 -20.16 35.28
N GLU A 298 -5.64 -19.71 34.03
CA GLU A 298 -4.73 -20.20 32.99
C GLU A 298 -3.26 -20.04 33.38
N GLY A 299 -2.81 -18.80 33.56
CA GLY A 299 -1.42 -18.53 33.82
C GLY A 299 -1.04 -18.45 35.28
N GLU A 300 -1.95 -18.82 36.17
CA GLU A 300 -1.77 -18.60 37.60
C GLU A 300 -1.20 -19.84 38.27
N GLY A 301 -0.25 -19.63 39.16
CA GLY A 301 0.29 -20.67 40.00
C GLY A 301 1.64 -21.17 39.54
N ILE A 302 2.48 -21.54 40.50
CA ILE A 302 3.79 -22.10 40.18
C ILE A 302 3.58 -23.48 39.54
N PRO A 303 4.21 -23.79 38.38
CA PRO A 303 3.86 -25.05 37.71
C PRO A 303 4.54 -26.28 38.27
N LEU A 304 5.74 -26.12 38.84
CA LEU A 304 6.41 -27.27 39.46
C LEU A 304 5.63 -27.76 40.68
N TYR A 305 5.08 -26.84 41.47
CA TYR A 305 4.25 -27.23 42.60
C TYR A 305 3.01 -27.99 42.15
N ASP A 306 2.31 -27.45 41.15
CA ASP A 306 1.17 -28.14 40.57
C ASP A 306 1.55 -29.51 40.04
N ALA A 307 2.74 -29.63 39.46
CA ALA A 307 3.20 -30.90 38.93
C ALA A 307 3.42 -31.92 40.04
N ILE A 308 4.12 -31.52 41.10
CA ILE A 308 4.33 -32.40 42.25
C ILE A 308 3.00 -32.80 42.86
N LYS A 309 2.07 -31.86 42.94
CA LYS A 309 0.76 -32.15 43.52
C LYS A 309 -0.03 -33.14 42.66
N CYS A 310 0.09 -33.02 41.34
CA CYS A 310 -0.61 -33.92 40.44
C CYS A 310 0.07 -35.27 40.32
N MET A 311 1.35 -35.36 40.68
CA MET A 311 2.02 -36.65 40.72
C MET A 311 1.76 -37.38 42.03
N ARG A 312 1.56 -36.64 43.13
CA ARG A 312 1.25 -37.27 44.40
C ARG A 312 -0.06 -38.05 44.34
N THR A 313 -1.01 -37.61 43.53
CA THR A 313 -2.34 -38.19 43.52
C THR A 313 -2.43 -39.50 42.76
N PHE A 314 -1.30 -40.00 42.23
CA PHE A 314 -1.26 -41.26 41.50
C PHE A 314 -0.49 -42.28 42.32
N PHE A 315 -1.09 -43.46 42.48
CA PHE A 315 -0.48 -44.58 43.18
C PHE A 315 -0.48 -45.76 42.22
N GLY A 316 0.68 -46.42 42.11
CA GLY A 316 0.87 -47.41 41.08
C GLY A 316 2.22 -47.37 40.41
N TRP A 317 3.13 -46.54 40.91
CA TRP A 317 4.45 -46.45 40.33
C TRP A 317 5.21 -47.76 40.50
N LYS A 318 6.02 -48.09 39.51
CA LYS A 318 6.82 -49.31 39.48
C LYS A 318 8.28 -48.93 39.26
N GLU A 319 9.14 -49.93 39.31
CA GLU A 319 10.50 -49.76 38.83
C GLU A 319 10.44 -49.66 37.31
N PRO A 320 10.95 -48.60 36.69
CA PRO A 320 10.82 -48.48 35.24
C PRO A 320 11.69 -49.48 34.51
N TYR A 321 11.13 -50.02 33.42
CA TYR A 321 11.87 -50.86 32.50
C TYR A 321 11.39 -50.57 31.08
N ILE A 322 12.21 -50.94 30.13
CA ILE A 322 11.95 -50.61 28.73
C ILE A 322 11.02 -51.63 28.12
N VAL A 323 10.08 -51.15 27.31
CA VAL A 323 9.19 -51.97 26.50
C VAL A 323 9.59 -51.94 25.05
N LYS A 324 9.76 -50.75 24.49
CA LYS A 324 10.02 -50.57 23.05
C LYS A 324 11.24 -49.68 22.88
N PRO A 325 12.37 -50.21 22.42
CA PRO A 325 13.55 -49.37 22.23
C PRO A 325 13.51 -48.58 20.92
N HIS A 326 14.55 -47.75 20.75
CA HIS A 326 14.62 -46.76 19.69
C HIS A 326 15.29 -47.29 18.43
N GLU A 327 16.28 -48.16 18.57
CA GLU A 327 17.02 -48.87 17.52
C GLU A 327 18.09 -48.03 16.85
N LYS A 328 18.24 -46.76 17.22
CA LYS A 328 19.38 -45.95 16.80
C LYS A 328 19.97 -45.17 17.95
N GLY A 329 19.53 -45.41 19.18
CA GLY A 329 19.98 -44.69 20.34
C GLY A 329 20.49 -45.59 21.43
N ILE A 330 20.56 -45.04 22.64
CA ILE A 330 21.11 -45.70 23.80
C ILE A 330 20.04 -45.54 24.88
N ASN A 331 19.19 -46.54 25.02
CA ASN A 331 17.98 -46.50 25.84
C ASN A 331 18.21 -46.43 27.35
N PRO A 332 19.29 -47.03 27.89
CA PRO A 332 19.58 -46.81 29.32
C PRO A 332 19.72 -45.35 29.69
N ASN A 333 20.11 -44.49 28.76
CA ASN A 333 20.25 -43.08 29.06
C ASN A 333 18.89 -42.43 29.25
N TYR A 334 17.91 -42.82 28.43
CA TYR A 334 16.54 -42.36 28.63
C TYR A 334 15.98 -42.82 29.97
N LEU A 335 16.22 -44.09 30.30
CA LEU A 335 15.78 -44.63 31.59
C LEU A 335 16.37 -43.83 32.75
N LEU A 336 17.69 -43.67 32.75
CA LEU A 336 18.37 -42.91 33.79
C LEU A 336 17.89 -41.47 33.83
N SER A 337 17.49 -40.90 32.70
CA SER A 337 16.99 -39.53 32.70
C SER A 337 15.64 -39.44 33.40
N TRP A 338 14.77 -40.43 33.19
CA TRP A 338 13.53 -40.50 33.98
C TRP A 338 13.82 -40.55 35.47
N LYS A 339 14.72 -41.45 35.87
CA LYS A 339 15.07 -41.57 37.28
C LYS A 339 15.62 -40.26 37.84
N GLN A 340 16.42 -39.56 37.05
CA GLN A 340 16.94 -38.25 37.46
C GLN A 340 15.82 -37.24 37.64
N VAL A 341 14.84 -37.25 36.75
CA VAL A 341 13.69 -36.37 36.89
C VAL A 341 12.98 -36.62 38.20
N LEU A 342 12.82 -37.89 38.57
CA LEU A 342 12.15 -38.22 39.82
C LEU A 342 12.96 -37.72 41.02
N ALA A 343 14.27 -37.94 41.00
CA ALA A 343 15.12 -37.45 42.08
C ALA A 343 15.03 -35.94 42.24
N GLU A 344 14.96 -35.22 41.12
CA GLU A 344 14.89 -33.76 41.20
C GLU A 344 13.52 -33.31 41.71
N LEU A 345 12.45 -33.96 41.27
CA LEU A 345 11.14 -33.64 41.83
C LEU A 345 11.10 -33.90 43.33
N GLN A 346 11.85 -34.88 43.82
CA GLN A 346 11.88 -35.10 45.26
C GLN A 346 12.66 -34.01 45.96
N ASP A 347 13.87 -33.68 45.47
CA ASP A 347 14.66 -32.67 46.18
C ASP A 347 14.13 -31.24 45.97
N ILE A 348 13.10 -31.04 45.15
CA ILE A 348 12.39 -29.75 45.14
C ILE A 348 11.62 -29.57 46.44
N GLU A 349 10.88 -30.61 46.86
CA GLU A 349 9.98 -30.49 48.00
C GLU A 349 10.70 -30.05 49.27
N ASN A 350 11.96 -30.43 49.43
CA ASN A 350 12.72 -30.21 50.66
C ASN A 350 13.62 -28.99 50.55
N GLU A 351 13.16 -27.95 49.85
CA GLU A 351 13.94 -26.74 49.62
C GLU A 351 13.30 -25.50 50.24
N GLU A 352 12.09 -25.62 50.79
CA GLU A 352 11.37 -24.64 51.62
C GLU A 352 10.73 -23.54 50.78
N LYS A 353 10.90 -23.51 49.46
CA LYS A 353 10.20 -22.57 48.61
C LYS A 353 10.33 -23.01 47.16
N ILE A 354 9.21 -23.21 46.49
CA ILE A 354 9.26 -23.68 45.10
C ILE A 354 9.89 -22.59 44.24
N PRO A 355 10.90 -22.88 43.42
CA PRO A 355 11.68 -21.80 42.79
C PRO A 355 11.20 -21.31 41.43
N ARG A 356 10.25 -22.00 40.79
CA ARG A 356 9.71 -21.62 39.48
C ARG A 356 10.66 -21.90 38.32
N THR A 357 11.90 -22.32 38.61
CA THR A 357 12.91 -22.50 37.58
C THR A 357 13.92 -23.48 38.13
N LYS A 358 13.85 -24.73 37.68
CA LYS A 358 14.72 -25.80 38.15
C LYS A 358 15.72 -26.12 37.05
N ASN A 359 17.00 -25.95 37.36
CA ASN A 359 18.07 -26.46 36.51
C ASN A 359 18.42 -27.88 36.92
N MET A 360 18.99 -28.61 35.98
CA MET A 360 19.33 -30.00 36.15
C MET A 360 20.83 -30.17 36.12
N LYS A 361 21.29 -31.32 36.63
CA LYS A 361 22.70 -31.62 36.61
C LYS A 361 23.11 -32.10 35.22
N LYS A 362 24.26 -31.63 34.76
CA LYS A 362 24.77 -31.95 33.44
C LYS A 362 25.55 -33.25 33.55
N THR A 363 24.88 -34.35 33.24
CA THR A 363 25.43 -35.69 33.32
C THR A 363 25.37 -36.36 31.95
N SER A 364 26.07 -37.48 31.85
CA SER A 364 26.28 -38.17 30.57
C SER A 364 24.98 -38.42 29.82
N GLN A 365 23.92 -38.76 30.56
CA GLN A 365 22.67 -39.16 29.92
C GLN A 365 22.05 -38.01 29.16
N LEU A 366 21.98 -36.84 29.78
CA LEU A 366 21.36 -35.69 29.16
C LEU A 366 22.30 -34.99 28.20
N LYS A 367 23.60 -35.11 28.41
CA LYS A 367 24.55 -34.63 27.41
C LYS A 367 24.39 -35.41 26.11
N TRP A 368 24.22 -36.72 26.20
CA TRP A 368 23.95 -37.50 24.99
C TRP A 368 22.60 -37.15 24.41
N ALA A 369 21.56 -37.17 25.24
CA ALA A 369 20.18 -36.98 24.77
C ALA A 369 19.87 -35.57 24.30
N LEU A 370 20.71 -34.59 24.62
CA LEU A 370 20.50 -33.20 24.21
C LEU A 370 21.56 -32.70 23.24
N GLY A 371 22.41 -33.57 22.73
CA GLY A 371 23.32 -33.22 21.66
C GLY A 371 24.37 -32.21 22.03
N GLU A 372 25.27 -32.58 22.93
CA GLU A 372 26.29 -31.69 23.44
C GLU A 372 27.66 -32.21 23.03
N ASN A 373 28.46 -31.34 22.41
CA ASN A 373 29.73 -31.72 21.82
C ASN A 373 29.55 -32.73 20.69
N MET A 374 28.56 -32.49 19.85
CA MET A 374 28.31 -33.27 18.64
C MET A 374 28.69 -32.53 17.38
N ALA A 375 28.52 -31.22 17.34
CA ALA A 375 28.97 -30.36 16.27
C ALA A 375 30.44 -30.60 15.93
N PRO A 376 30.85 -30.49 14.67
CA PRO A 376 32.28 -30.49 14.38
C PRO A 376 32.93 -29.13 14.58
N GLU A 377 34.24 -29.15 14.76
CA GLU A 377 35.01 -27.93 14.95
C GLU A 377 35.16 -27.18 13.64
N LYS A 378 35.28 -25.86 13.76
CA LYS A 378 35.38 -24.97 12.61
C LYS A 378 36.82 -24.51 12.49
N VAL A 379 37.42 -24.78 11.33
CA VAL A 379 38.83 -24.56 11.08
C VAL A 379 38.98 -23.83 9.73
N ASP A 380 40.23 -23.59 9.35
CA ASP A 380 40.56 -22.91 8.11
C ASP A 380 40.93 -23.93 7.05
N PHE A 381 40.55 -23.65 5.81
CA PHE A 381 40.70 -24.60 4.72
C PHE A 381 42.16 -24.91 4.43
N ASP A 382 43.05 -23.94 4.64
CA ASP A 382 44.47 -24.20 4.48
C ASP A 382 45.05 -25.12 5.55
N ASN A 383 44.24 -25.55 6.53
CA ASN A 383 44.63 -26.54 7.52
C ASN A 383 43.87 -27.85 7.39
N CYS A 384 42.87 -27.92 6.52
CA CYS A 384 42.24 -29.20 6.13
C CYS A 384 42.10 -29.19 4.61
N ARG A 385 43.15 -29.63 3.93
CA ARG A 385 43.17 -29.81 2.48
C ARG A 385 43.37 -31.26 2.09
N ASP A 386 44.30 -31.95 2.75
CA ASP A 386 44.71 -33.29 2.38
C ASP A 386 43.91 -34.37 3.11
N VAL A 387 42.72 -34.02 3.59
CA VAL A 387 41.90 -34.97 4.32
C VAL A 387 41.13 -35.84 3.33
N SER A 388 41.07 -37.14 3.62
CA SER A 388 40.42 -38.08 2.72
C SER A 388 38.93 -37.78 2.55
N ASP A 389 38.18 -37.85 3.66
CA ASP A 389 36.73 -37.75 3.62
C ASP A 389 36.22 -36.31 3.66
N LEU A 390 37.07 -35.34 3.39
CA LEU A 390 36.60 -33.96 3.33
C LEU A 390 35.76 -33.78 2.08
N LYS A 391 34.52 -33.37 2.26
CA LYS A 391 33.60 -33.26 1.15
C LYS A 391 32.48 -32.29 1.54
N GLN A 392 31.55 -32.12 0.62
CA GLN A 392 30.44 -31.21 0.78
C GLN A 392 29.40 -31.81 1.70
N TYR A 393 28.65 -30.93 2.36
CA TYR A 393 27.51 -31.35 3.17
C TYR A 393 26.53 -32.15 2.33
N ASP A 394 25.90 -33.14 2.94
CA ASP A 394 24.97 -34.00 2.22
C ASP A 394 23.71 -33.22 1.87
N SER A 395 23.41 -33.13 0.58
CA SER A 395 22.29 -32.34 0.06
C SER A 395 21.63 -33.19 -1.02
N ASP A 396 20.62 -33.95 -0.61
CA ASP A 396 20.04 -35.00 -1.43
C ASP A 396 18.53 -34.96 -1.31
N GLU A 397 17.87 -35.71 -2.18
CA GLU A 397 16.44 -35.90 -2.08
C GLU A 397 16.12 -36.62 -0.76
N PRO A 398 15.12 -36.17 0.00
CA PRO A 398 14.78 -36.90 1.23
C PRO A 398 14.38 -38.34 1.00
N GLU A 399 14.39 -39.10 2.10
CA GLU A 399 13.93 -40.47 2.07
C GLU A 399 12.42 -40.51 1.89
N LEU A 400 11.96 -41.34 0.96
CA LEU A 400 10.53 -41.50 0.75
C LEU A 400 9.92 -42.34 1.86
N ARG A 401 8.62 -42.11 2.09
CA ARG A 401 7.89 -42.71 3.18
C ARG A 401 6.44 -42.79 2.75
N SER A 402 5.82 -43.93 2.97
CA SER A 402 4.45 -44.16 2.51
C SER A 402 3.43 -43.82 3.59
N LEU A 403 2.22 -43.54 3.14
CA LEU A 403 1.11 -43.21 4.03
C LEU A 403 0.72 -44.39 4.91
N SER A 404 0.19 -44.08 6.07
CA SER A 404 -0.32 -45.05 7.03
C SER A 404 -1.69 -44.61 7.52
N SER A 405 -2.32 -45.46 8.33
CA SER A 405 -3.70 -45.27 8.74
C SER A 405 -3.86 -44.40 9.99
N TRP A 406 -2.78 -44.17 10.75
CA TRP A 406 -2.93 -43.52 12.04
C TRP A 406 -3.20 -42.03 11.92
N ILE A 407 -2.79 -41.40 10.83
CA ILE A 407 -2.97 -39.95 10.69
C ILE A 407 -4.44 -39.61 10.56
N GLN A 408 -5.22 -40.46 9.89
CA GLN A 408 -6.64 -40.22 9.75
C GLN A 408 -7.38 -40.43 11.08
N ASN A 409 -6.90 -41.34 11.92
CA ASN A 409 -7.51 -41.53 13.22
C ASN A 409 -7.17 -40.37 14.17
N GLU A 410 -5.93 -39.90 14.12
CA GLU A 410 -5.58 -38.68 14.83
C GLU A 410 -6.47 -37.53 14.43
N PHE A 411 -6.74 -37.40 13.13
CA PHE A 411 -7.58 -36.30 12.68
C PHE A 411 -9.03 -36.48 13.10
N ASN A 412 -9.52 -37.71 13.04
CA ASN A 412 -10.89 -37.99 13.48
C ASN A 412 -11.07 -37.65 14.96
N LYS A 413 -10.08 -37.98 15.78
CA LYS A 413 -10.18 -37.66 17.20
C LYS A 413 -10.00 -36.17 17.46
N ALA A 414 -9.26 -35.46 16.61
CA ALA A 414 -9.14 -34.03 16.78
C ALA A 414 -10.45 -33.29 16.52
N CYS A 415 -11.36 -33.88 15.75
CA CYS A 415 -12.62 -33.28 15.37
C CYS A 415 -13.73 -33.60 16.35
N GLU A 416 -13.41 -34.16 17.50
CA GLU A 416 -14.39 -34.71 18.42
C GLU A 416 -14.78 -33.69 19.48
N LEU A 417 -15.97 -33.88 20.04
CA LEU A 417 -16.40 -33.15 21.21
C LEU A 417 -15.78 -33.78 22.46
N THR A 418 -15.94 -33.08 23.58
CA THR A 418 -15.41 -33.54 24.85
C THR A 418 -16.23 -32.95 25.97
N ASP A 419 -15.94 -33.40 27.18
CA ASP A 419 -16.71 -33.08 28.38
C ASP A 419 -15.98 -32.05 29.25
N SER A 420 -15.35 -31.07 28.62
CA SER A 420 -14.61 -30.06 29.35
C SER A 420 -14.44 -28.84 28.47
N THR A 421 -14.07 -27.75 29.13
CA THR A 421 -13.83 -26.45 28.49
C THR A 421 -12.33 -26.18 28.51
N TRP A 422 -11.84 -25.63 27.41
CA TRP A 422 -10.41 -25.49 27.18
C TRP A 422 -9.96 -24.07 26.88
N ILE A 423 -10.87 -23.11 26.78
CA ILE A 423 -10.53 -21.75 26.41
C ILE A 423 -11.44 -20.81 27.20
N GLU A 424 -10.85 -19.92 27.98
CA GLU A 424 -11.56 -18.84 28.65
C GLU A 424 -11.07 -17.53 28.04
N LEU A 425 -12.01 -16.75 27.53
CA LEU A 425 -11.71 -15.60 26.69
C LEU A 425 -11.73 -14.31 27.50
N ASP A 426 -10.92 -13.35 27.04
CA ASP A 426 -10.92 -12.02 27.62
C ASP A 426 -12.31 -11.41 27.60
N GLU A 427 -12.53 -10.45 28.49
CA GLU A 427 -13.71 -9.61 28.43
C GLU A 427 -13.54 -8.54 27.36
N ILE A 428 -14.66 -8.08 26.82
CA ILE A 428 -14.72 -6.91 25.97
C ILE A 428 -15.79 -5.97 26.51
N GLY A 429 -15.96 -4.85 25.82
CA GLY A 429 -16.80 -3.78 26.31
C GLY A 429 -18.25 -4.18 26.42
N GLU A 430 -19.02 -3.25 26.98
CA GLU A 430 -20.45 -3.43 27.09
C GLU A 430 -21.12 -3.09 25.77
N ASP A 431 -22.12 -3.89 25.40
CA ASP A 431 -22.71 -3.79 24.08
C ASP A 431 -23.80 -2.72 24.09
N VAL A 432 -23.66 -1.74 23.20
CA VAL A 432 -24.52 -0.57 23.19
C VAL A 432 -25.45 -0.55 21.97
N ALA A 433 -25.04 -1.14 20.86
CA ALA A 433 -25.80 -1.16 19.62
C ALA A 433 -26.48 -2.51 19.43
N PRO A 434 -27.51 -2.58 18.58
CA PRO A 434 -28.15 -3.88 18.34
C PRO A 434 -27.24 -4.92 17.70
N ILE A 435 -26.38 -4.51 16.78
CA ILE A 435 -25.53 -5.47 16.09
C ILE A 435 -24.49 -6.04 17.03
N GLU A 436 -24.14 -5.30 18.08
CA GLU A 436 -23.26 -5.85 19.09
C GLU A 436 -23.92 -7.00 19.84
N TYR A 437 -25.21 -6.90 20.13
CA TYR A 437 -25.92 -8.00 20.79
C TYR A 437 -26.10 -9.19 19.85
N ILE A 438 -26.38 -8.91 18.57
CA ILE A 438 -26.44 -9.97 17.57
C ILE A 438 -25.11 -10.72 17.49
N ALA A 439 -24.02 -9.97 17.37
CA ALA A 439 -22.70 -10.54 17.33
C ALA A 439 -22.40 -11.31 18.61
N SER A 440 -22.95 -10.87 19.74
CA SER A 440 -22.68 -11.54 20.99
C SER A 440 -23.37 -12.90 21.07
N MET A 441 -24.60 -13.02 20.56
CA MET A 441 -25.23 -14.34 20.57
C MET A 441 -24.55 -15.28 19.56
N ARG A 442 -24.21 -14.77 18.39
CA ARG A 442 -23.36 -15.52 17.45
C ARG A 442 -22.10 -16.04 18.14
N ARG A 443 -21.45 -15.17 18.88
CA ARG A 443 -20.22 -15.50 19.57
C ARG A 443 -20.43 -16.52 20.67
N ASN A 444 -21.58 -16.48 21.34
CA ASN A 444 -21.88 -17.49 22.35
C ASN A 444 -21.96 -18.86 21.72
N TYR A 445 -22.67 -18.97 20.59
CA TYR A 445 -22.75 -20.25 19.88
C TYR A 445 -21.37 -20.73 19.45
N PHE A 446 -20.61 -19.85 18.79
CA PHE A 446 -19.25 -20.18 18.35
C PHE A 446 -18.40 -20.70 19.51
N THR A 447 -18.34 -19.93 20.58
CA THR A 447 -17.52 -20.29 21.73
C THR A 447 -17.96 -21.61 22.34
N ALA A 448 -19.26 -21.87 22.37
CA ALA A 448 -19.75 -23.16 22.85
C ALA A 448 -19.19 -24.30 22.02
N GLU A 449 -19.34 -24.22 20.69
CA GLU A 449 -18.82 -25.29 19.84
C GLU A 449 -17.30 -25.41 19.94
N VAL A 450 -16.60 -24.30 20.14
CA VAL A 450 -15.15 -24.29 19.99
C VAL A 450 -14.41 -24.63 21.29
N SER A 451 -14.99 -24.34 22.45
CA SER A 451 -14.33 -24.67 23.70
C SER A 451 -14.36 -26.15 24.01
N HIS A 452 -15.33 -26.89 23.46
CA HIS A 452 -15.39 -28.34 23.57
C HIS A 452 -14.87 -28.97 22.28
N CYS A 453 -13.56 -29.06 22.17
CA CYS A 453 -12.94 -29.73 21.04
C CYS A 453 -11.49 -30.03 21.37
N ARG A 454 -11.04 -31.22 20.99
CA ARG A 454 -9.68 -31.64 21.27
C ARG A 454 -8.64 -30.78 20.55
N ALA A 455 -9.03 -30.22 19.42
CA ALA A 455 -8.13 -29.34 18.68
C ALA A 455 -7.75 -28.12 19.52
N THR A 456 -8.71 -27.56 20.25
CA THR A 456 -8.42 -26.46 21.16
C THR A 456 -7.49 -26.89 22.28
N GLU A 457 -7.61 -28.14 22.73
CA GLU A 457 -6.70 -28.67 23.72
C GLU A 457 -5.27 -28.68 23.19
N TYR A 458 -5.10 -29.07 21.92
CA TYR A 458 -3.77 -29.08 21.33
C TYR A 458 -3.25 -27.67 21.14
N ILE A 459 -4.14 -26.74 20.79
CA ILE A 459 -3.78 -25.32 20.71
C ILE A 459 -3.16 -24.86 22.02
N MET A 460 -3.88 -25.05 23.11
CA MET A 460 -3.41 -24.55 24.40
C MET A 460 -2.13 -25.24 24.84
N LYS A 461 -2.05 -26.55 24.63
CA LYS A 461 -0.80 -27.28 24.86
C LYS A 461 0.38 -26.65 24.14
N GLY A 462 0.27 -26.50 22.82
CA GLY A 462 1.39 -26.01 22.03
C GLY A 462 1.77 -24.59 22.38
N VAL A 463 0.76 -23.74 22.59
CA VAL A 463 1.03 -22.36 22.97
C VAL A 463 1.82 -22.33 24.27
N TYR A 464 1.38 -23.11 25.26
CA TYR A 464 2.09 -23.17 26.54
C TYR A 464 3.53 -23.61 26.36
N ILE A 465 3.74 -24.71 25.64
CA ILE A 465 5.09 -25.29 25.55
C ILE A 465 6.02 -24.37 24.79
N ASN A 466 5.54 -23.79 23.69
CA ASN A 466 6.42 -22.98 22.87
C ASN A 466 6.76 -21.66 23.55
N THR A 467 5.78 -21.04 24.21
CA THR A 467 6.05 -19.90 25.08
C THR A 467 7.13 -20.21 26.10
N ALA A 468 6.94 -21.30 26.85
CA ALA A 468 7.89 -21.69 27.88
C ALA A 468 9.28 -21.91 27.30
N LEU A 469 9.37 -22.62 26.18
CA LEU A 469 10.67 -22.93 25.60
C LEU A 469 11.38 -21.67 25.11
N LEU A 470 10.67 -20.78 24.42
CA LEU A 470 11.28 -19.53 23.98
C LEU A 470 11.79 -18.71 25.15
N ASN A 471 10.98 -18.56 26.19
CA ASN A 471 11.38 -17.71 27.31
C ASN A 471 12.57 -18.31 28.05
N ALA A 472 12.53 -19.61 28.33
CA ALA A 472 13.66 -20.28 28.95
C ALA A 472 14.90 -20.24 28.07
N SER A 473 14.72 -20.28 26.75
CA SER A 473 15.85 -20.31 25.84
C SER A 473 16.58 -18.97 25.83
N CYS A 474 15.84 -17.87 25.79
CA CYS A 474 16.51 -16.57 25.90
C CYS A 474 17.05 -16.33 27.29
N ALA A 475 16.36 -16.80 28.33
CA ALA A 475 16.75 -16.47 29.69
C ALA A 475 17.95 -17.30 30.15
N ALA A 476 17.89 -18.62 29.96
CA ALA A 476 18.95 -19.54 30.35
C ALA A 476 19.47 -20.26 29.11
N MET A 477 20.61 -19.79 28.61
CA MET A 477 21.19 -20.29 27.38
C MET A 477 22.16 -21.43 27.59
N ASP A 478 22.84 -21.46 28.72
CA ASP A 478 23.84 -22.48 29.02
C ASP A 478 23.33 -23.58 29.93
N ASP A 479 22.25 -23.35 30.66
CA ASP A 479 21.76 -24.28 31.64
C ASP A 479 20.72 -25.22 31.04
N PHE A 480 20.62 -26.41 31.61
CA PHE A 480 19.57 -27.34 31.29
C PHE A 480 18.39 -27.03 32.20
N GLN A 481 17.16 -27.23 31.70
CA GLN A 481 16.01 -26.82 32.48
C GLN A 481 14.80 -27.73 32.33
N LEU A 482 14.20 -28.03 33.47
CA LEU A 482 13.00 -28.84 33.57
C LEU A 482 11.76 -27.97 33.43
N ILE A 483 10.84 -28.39 32.58
CA ILE A 483 9.66 -27.61 32.20
C ILE A 483 8.46 -28.55 32.18
N PRO A 484 7.51 -28.45 33.12
CA PRO A 484 6.32 -29.29 33.02
C PRO A 484 5.35 -28.84 31.96
N MET A 485 4.62 -29.83 31.44
CA MET A 485 3.52 -29.60 30.51
C MET A 485 2.24 -29.51 31.30
N ILE A 486 1.68 -28.31 31.39
CA ILE A 486 0.53 -28.02 32.23
C ILE A 486 -0.57 -27.48 31.35
N SER A 487 -1.80 -27.84 31.69
CA SER A 487 -2.98 -27.29 31.06
C SER A 487 -4.02 -27.05 32.13
N LYS A 488 -5.06 -26.32 31.75
CA LYS A 488 -6.11 -25.91 32.66
C LYS A 488 -7.44 -26.05 31.96
N CYS A 489 -8.39 -26.67 32.63
CA CYS A 489 -9.71 -26.92 32.08
C CYS A 489 -10.76 -26.56 33.12
N ARG A 490 -12.00 -26.47 32.66
CA ARG A 490 -13.16 -26.34 33.52
C ARG A 490 -14.10 -27.47 33.17
N THR A 491 -14.18 -28.45 34.07
CA THR A 491 -14.92 -29.66 33.77
C THR A 491 -16.42 -29.37 33.74
N LYS A 492 -17.20 -30.43 33.55
CA LYS A 492 -18.61 -30.30 33.23
C LYS A 492 -19.40 -29.65 34.37
N GLU A 493 -18.97 -29.86 35.61
CA GLU A 493 -19.67 -29.32 36.77
C GLU A 493 -19.20 -27.93 37.18
N GLY A 494 -18.39 -27.28 36.36
CA GLY A 494 -17.91 -25.95 36.66
C GLY A 494 -16.65 -25.90 37.50
N ARG A 495 -16.09 -27.04 37.88
CA ARG A 495 -14.87 -27.07 38.66
C ARG A 495 -13.65 -26.84 37.78
N ARG A 496 -12.73 -26.02 38.27
CA ARG A 496 -11.44 -25.87 37.61
C ARG A 496 -10.58 -27.10 37.87
N LYS A 497 -9.80 -27.47 36.86
CA LYS A 497 -8.87 -28.57 36.96
C LYS A 497 -7.55 -28.20 36.32
N THR A 498 -6.47 -28.59 36.96
CA THR A 498 -5.13 -28.51 36.41
C THR A 498 -4.73 -29.91 35.93
N ASN A 499 -3.89 -29.96 34.89
CA ASN A 499 -3.60 -31.19 34.19
C ASN A 499 -2.13 -31.24 33.82
N LEU A 500 -1.49 -32.36 34.13
CA LEU A 500 -0.08 -32.60 33.82
C LEU A 500 0.02 -33.66 32.75
N TYR A 501 0.67 -33.31 31.64
CA TYR A 501 0.86 -34.22 30.52
C TYR A 501 2.22 -34.88 30.50
N GLY A 502 3.22 -34.28 31.14
CA GLY A 502 4.55 -34.84 31.12
C GLY A 502 5.58 -33.79 31.49
N PHE A 503 6.76 -33.94 30.90
CA PHE A 503 7.91 -33.11 31.22
C PHE A 503 8.75 -32.88 29.98
N ILE A 504 9.49 -31.77 29.99
CA ILE A 504 10.47 -31.46 28.98
C ILE A 504 11.76 -31.05 29.67
N ILE A 505 12.89 -31.42 29.07
CA ILE A 505 14.20 -30.97 29.50
C ILE A 505 14.81 -30.22 28.34
N LYS A 506 15.01 -28.93 28.51
CA LYS A 506 15.67 -28.06 27.54
C LYS A 506 17.17 -28.11 27.73
N GLY A 507 17.89 -28.13 26.62
CA GLY A 507 19.32 -28.04 26.57
C GLY A 507 19.81 -26.64 26.26
N ARG A 508 21.01 -26.56 25.70
CA ARG A 508 21.64 -25.26 25.44
C ARG A 508 21.00 -24.60 24.23
N SER A 509 20.88 -23.28 24.29
CA SER A 509 20.03 -22.53 23.36
C SER A 509 20.71 -21.24 22.91
N HIS A 510 21.98 -21.33 22.54
CA HIS A 510 22.68 -20.21 21.94
C HIS A 510 22.28 -20.09 20.47
N LEU A 511 21.23 -19.31 20.23
CA LEU A 511 20.59 -19.22 18.92
C LEU A 511 20.92 -17.88 18.29
N ARG A 512 22.01 -17.85 17.52
CA ARG A 512 22.42 -16.67 16.77
C ARG A 512 21.57 -16.42 15.53
N ASN A 513 20.65 -17.32 15.21
CA ASN A 513 19.96 -17.31 13.92
C ASN A 513 18.57 -17.92 14.10
N ASP A 514 17.66 -17.55 13.19
CA ASP A 514 16.26 -17.97 13.33
C ASP A 514 16.10 -19.46 13.13
N THR A 515 16.94 -20.07 12.30
CA THR A 515 16.84 -21.48 11.98
C THR A 515 17.65 -22.37 12.91
N ASP A 516 18.56 -21.80 13.69
CA ASP A 516 19.36 -22.57 14.63
C ASP A 516 18.46 -23.33 15.60
N VAL A 517 18.94 -24.49 16.05
CA VAL A 517 18.10 -25.51 16.67
C VAL A 517 18.44 -25.59 18.15
N VAL A 518 17.40 -25.60 18.97
CA VAL A 518 17.48 -25.96 20.38
C VAL A 518 16.90 -27.35 20.55
N ASN A 519 17.66 -28.23 21.20
CA ASN A 519 17.28 -29.61 21.41
C ASN A 519 16.65 -29.79 22.78
N PHE A 520 15.72 -30.72 22.86
CA PHE A 520 15.04 -31.00 24.11
C PHE A 520 14.61 -32.45 24.16
N VAL A 521 14.36 -32.91 25.38
CA VAL A 521 13.94 -34.28 25.66
C VAL A 521 12.52 -34.23 26.19
N SER A 522 11.62 -34.91 25.50
CA SER A 522 10.22 -34.97 25.85
C SER A 522 9.90 -36.28 26.54
N MET A 523 9.12 -36.20 27.63
CA MET A 523 8.60 -37.34 28.35
C MET A 523 7.11 -37.17 28.49
N GLU A 524 6.35 -38.15 28.04
CA GLU A 524 4.89 -38.06 28.08
C GLU A 524 4.28 -39.34 28.62
N PHE A 525 3.22 -39.19 29.40
CA PHE A 525 2.48 -40.32 29.95
C PHE A 525 1.47 -40.84 28.94
N SER A 526 1.23 -42.14 28.99
CA SER A 526 0.21 -42.72 28.13
C SER A 526 -0.24 -44.07 28.67
N LEU A 527 -1.33 -44.56 28.09
CA LEU A 527 -1.84 -45.90 28.33
C LEU A 527 -1.77 -46.79 27.10
N THR A 528 -1.24 -46.28 25.99
CA THR A 528 -1.36 -46.94 24.71
C THR A 528 -0.16 -47.84 24.48
N ASP A 529 -0.43 -49.08 24.10
CA ASP A 529 0.63 -50.06 23.92
C ASP A 529 1.43 -49.72 22.65
N PRO A 530 2.76 -49.68 22.71
CA PRO A 530 3.53 -49.36 21.51
C PRO A 530 3.83 -50.55 20.60
N ARG A 531 3.34 -51.74 20.95
CA ARG A 531 3.61 -52.94 20.17
C ARG A 531 2.62 -53.15 19.03
N LEU A 532 1.58 -52.31 18.93
CA LEU A 532 0.55 -52.47 17.92
C LEU A 532 0.74 -51.57 16.70
N GLU A 533 1.49 -50.48 16.83
CA GLU A 533 1.83 -49.62 15.70
C GLU A 533 3.25 -49.12 15.90
N PRO A 534 4.24 -50.02 15.85
CA PRO A 534 5.62 -49.60 16.10
C PRO A 534 6.18 -48.70 15.01
N HIS A 535 5.67 -48.79 13.79
CA HIS A 535 6.12 -47.89 12.72
C HIS A 535 5.75 -46.44 13.01
N LYS A 536 4.78 -46.21 13.88
CA LYS A 536 4.46 -44.86 14.31
C LYS A 536 5.50 -44.31 15.27
N TRP A 537 6.18 -45.19 16.01
CA TRP A 537 7.04 -44.79 17.12
C TRP A 537 8.51 -45.05 16.83
N GLU A 538 8.94 -44.74 15.61
CA GLU A 538 10.31 -45.01 15.19
C GLU A 538 11.31 -44.23 16.03
N LYS A 539 10.97 -43.00 16.39
CA LYS A 539 11.88 -42.09 17.06
C LYS A 539 11.81 -42.14 18.59
N TYR A 540 11.06 -43.09 19.14
CA TYR A 540 10.70 -43.10 20.55
C TYR A 540 11.29 -44.33 21.24
N CYS A 541 11.72 -44.13 22.49
CA CYS A 541 11.81 -45.20 23.46
C CYS A 541 10.60 -45.15 24.37
N VAL A 542 10.05 -46.31 24.69
CA VAL A 542 8.85 -46.42 25.48
C VAL A 542 9.14 -47.32 26.66
N LEU A 543 8.99 -46.77 27.85
CA LEU A 543 9.17 -47.44 29.12
C LEU A 543 7.82 -47.91 29.64
N GLU A 544 7.83 -48.63 30.76
CA GLU A 544 6.64 -48.96 31.51
C GLU A 544 6.84 -48.47 32.94
N ILE A 545 5.96 -47.57 33.38
CA ILE A 545 6.16 -46.85 34.64
C ILE A 545 5.10 -47.14 35.68
N GLY A 546 3.97 -47.75 35.34
CA GLY A 546 3.00 -47.97 36.39
C GLY A 546 1.77 -48.73 35.94
N ASP A 547 0.79 -48.76 36.82
CA ASP A 547 -0.51 -49.36 36.58
C ASP A 547 -1.59 -48.39 37.05
N MET A 548 -2.77 -48.50 36.44
CA MET A 548 -3.85 -47.55 36.63
C MET A 548 -5.18 -48.29 36.67
N LEU A 549 -6.03 -47.94 37.63
CA LEU A 549 -7.37 -48.51 37.76
C LEU A 549 -8.38 -47.49 37.26
N LEU A 550 -8.99 -47.77 36.12
CA LEU A 550 -9.99 -46.90 35.53
C LEU A 550 -11.37 -47.23 36.09
N ARG A 551 -12.36 -46.42 35.71
CA ARG A 551 -13.74 -46.71 36.08
C ARG A 551 -14.14 -48.03 35.43
N SER A 552 -14.21 -49.09 36.24
CA SER A 552 -14.07 -50.44 35.74
C SER A 552 -15.37 -51.22 35.82
N ALA A 553 -15.67 -51.91 34.72
CA ALA A 553 -16.51 -53.10 34.74
C ALA A 553 -15.66 -54.38 34.71
N ILE A 554 -14.39 -54.27 34.38
CA ILE A 554 -13.48 -55.43 34.39
C ILE A 554 -12.92 -55.51 35.79
N GLY A 555 -13.74 -56.01 36.72
CA GLY A 555 -13.41 -56.00 38.13
C GLY A 555 -12.91 -54.63 38.56
N GLN A 556 -11.62 -54.56 38.88
CA GLN A 556 -10.85 -53.33 38.75
C GLN A 556 -9.76 -53.59 37.73
N MET A 557 -9.52 -52.60 36.88
CA MET A 557 -8.87 -52.86 35.59
C MET A 557 -7.39 -53.19 35.73
N SER A 558 -6.61 -52.25 36.28
CA SER A 558 -5.14 -52.34 36.32
C SER A 558 -4.57 -52.44 34.92
N ARG A 559 -4.85 -51.42 34.13
CA ARG A 559 -4.25 -51.22 32.83
C ARG A 559 -2.86 -50.61 33.00
N PRO A 560 -1.84 -51.08 32.28
CA PRO A 560 -0.50 -50.52 32.48
C PRO A 560 -0.39 -49.10 31.96
N MET A 561 0.75 -48.49 32.29
CA MET A 561 0.97 -47.07 32.10
C MET A 561 2.40 -46.85 31.67
N PHE A 562 2.57 -46.28 30.49
CA PHE A 562 3.83 -46.13 29.79
C PHE A 562 4.29 -44.68 29.77
N LEU A 563 5.58 -44.52 29.53
CA LEU A 563 6.22 -43.22 29.31
C LEU A 563 6.90 -43.24 27.95
N TYR A 564 6.47 -42.36 27.07
CA TYR A 564 7.08 -42.15 25.77
C TYR A 564 8.16 -41.09 25.88
N VAL A 565 9.38 -41.45 25.55
CA VAL A 565 10.55 -40.60 25.69
C VAL A 565 11.12 -40.33 24.32
N ARG A 566 11.65 -39.12 24.12
CA ARG A 566 12.10 -38.72 22.81
C ARG A 566 13.12 -37.60 22.95
N THR A 567 13.99 -37.52 21.96
CA THR A 567 14.75 -36.32 21.65
C THR A 567 14.09 -35.61 20.47
N ASN A 568 13.92 -34.30 20.59
CA ASN A 568 13.38 -33.49 19.51
C ASN A 568 14.09 -32.15 19.51
N GLY A 569 13.67 -31.28 18.62
CA GLY A 569 14.31 -29.99 18.45
C GLY A 569 13.39 -29.02 17.78
N THR A 570 13.70 -27.73 17.97
CA THR A 570 12.85 -26.66 17.46
C THR A 570 13.73 -25.43 17.21
N SER A 571 13.16 -24.48 16.48
CA SER A 571 13.79 -23.23 16.13
C SER A 571 12.96 -22.06 16.63
N LYS A 572 13.57 -20.88 16.58
CA LYS A 572 12.92 -19.66 17.04
C LYS A 572 11.65 -19.35 16.25
N ILE A 573 11.69 -19.53 14.93
CA ILE A 573 10.54 -19.18 14.11
C ILE A 573 9.43 -20.21 14.28
N LYS A 574 9.78 -21.48 14.45
CA LYS A 574 8.78 -22.49 14.72
C LYS A 574 8.09 -22.26 16.07
N MET A 575 8.88 -21.90 17.08
CA MET A 575 8.32 -21.53 18.37
C MET A 575 7.39 -20.33 18.25
N LYS A 576 7.88 -19.25 17.64
CA LYS A 576 7.07 -18.05 17.39
C LYS A 576 5.74 -18.38 16.75
N TRP A 577 5.72 -19.29 15.78
CA TRP A 577 4.49 -19.61 15.08
C TRP A 577 3.62 -20.60 15.83
N GLY A 578 4.19 -21.40 16.72
CA GLY A 578 3.41 -22.21 17.63
C GLY A 578 3.02 -21.53 18.90
N MET A 579 3.62 -20.37 19.17
CA MET A 579 3.24 -19.48 20.25
C MET A 579 2.02 -18.65 19.94
N GLU A 580 1.48 -18.76 18.72
CA GLU A 580 0.35 -17.97 18.27
C GLU A 580 -0.62 -18.82 17.44
N MET A 581 -0.91 -20.02 17.91
CA MET A 581 -1.82 -20.91 17.20
C MET A 581 -3.27 -20.50 17.30
N ARG A 582 -3.62 -19.60 18.22
CA ARG A 582 -4.99 -19.17 18.40
C ARG A 582 -5.59 -18.55 17.15
N ARG A 583 -4.76 -18.03 16.25
CA ARG A 583 -5.23 -17.50 14.97
C ARG A 583 -6.02 -18.53 14.19
N CYS A 584 -5.73 -19.82 14.40
CA CYS A 584 -6.47 -20.87 13.73
C CYS A 584 -7.95 -20.76 14.02
N LEU A 585 -8.30 -20.44 15.27
CA LEU A 585 -9.69 -20.26 15.67
C LEU A 585 -10.40 -19.26 14.79
N LEU A 586 -9.70 -18.22 14.34
CA LEU A 586 -10.33 -17.24 13.49
C LEU A 586 -10.69 -17.84 12.14
N GLN A 587 -9.72 -18.51 11.51
CA GLN A 587 -9.84 -19.00 10.14
C GLN A 587 -11.14 -19.76 9.95
N SER A 588 -11.27 -20.89 10.66
CA SER A 588 -12.48 -21.67 10.72
C SER A 588 -13.72 -20.80 10.89
N LEU A 589 -13.74 -20.03 11.97
CA LEU A 589 -14.94 -19.30 12.33
C LEU A 589 -15.32 -18.32 11.26
N GLN A 590 -14.32 -17.67 10.65
CA GLN A 590 -14.60 -16.73 9.58
C GLN A 590 -15.41 -17.39 8.48
N GLN A 591 -14.94 -18.55 8.01
CA GLN A 591 -15.64 -19.26 6.95
C GLN A 591 -17.07 -19.57 7.37
N ILE A 592 -17.24 -20.01 8.62
CA ILE A 592 -18.57 -20.38 9.10
C ILE A 592 -19.51 -19.19 8.99
N GLU A 593 -19.07 -18.04 9.51
CA GLU A 593 -19.94 -16.87 9.50
C GLU A 593 -20.28 -16.47 8.07
N SER A 594 -19.31 -16.61 7.15
CA SER A 594 -19.57 -16.32 5.75
C SER A 594 -20.78 -17.10 5.26
N MET A 595 -20.76 -18.41 5.49
CA MET A 595 -21.87 -19.26 5.07
C MET A 595 -23.18 -18.75 5.66
N ILE A 596 -23.17 -18.44 6.96
CA ILE A 596 -24.38 -17.97 7.62
C ILE A 596 -24.85 -16.69 6.95
N GLU A 597 -23.92 -15.75 6.74
CA GLU A 597 -24.29 -14.49 6.15
C GLU A 597 -24.81 -14.69 4.74
N ALA A 598 -24.25 -15.67 4.02
CA ALA A 598 -24.68 -15.90 2.64
C ALA A 598 -26.13 -16.35 2.56
N GLU A 599 -26.67 -16.89 3.65
CA GLU A 599 -28.08 -17.24 3.70
C GLU A 599 -28.91 -16.12 4.28
N SER A 600 -28.34 -15.35 5.21
CA SER A 600 -29.08 -14.27 5.84
C SER A 600 -29.41 -13.18 4.85
N SER A 601 -28.55 -12.96 3.85
CA SER A 601 -28.86 -12.05 2.78
C SER A 601 -30.01 -12.56 1.93
N VAL A 602 -30.13 -13.87 1.78
CA VAL A 602 -31.16 -14.47 0.94
C VAL A 602 -32.51 -14.44 1.65
N LYS A 603 -32.55 -14.99 2.86
CA LYS A 603 -33.71 -14.90 3.74
C LYS A 603 -33.41 -13.80 4.74
N GLU A 604 -34.12 -12.68 4.61
CA GLU A 604 -33.74 -11.44 5.28
C GLU A 604 -33.97 -11.58 6.77
N LYS A 605 -33.05 -12.29 7.44
CA LYS A 605 -33.11 -12.57 8.86
C LYS A 605 -31.82 -13.25 9.26
N ASP A 606 -31.49 -13.14 10.54
CA ASP A 606 -30.33 -13.85 11.07
C ASP A 606 -30.65 -15.35 11.18
N MET A 607 -29.65 -16.17 10.88
CA MET A 607 -29.82 -17.60 10.70
C MET A 607 -28.89 -18.43 11.57
N THR A 608 -28.26 -17.82 12.57
CA THR A 608 -27.39 -18.57 13.45
C THR A 608 -28.18 -19.57 14.28
N LYS A 609 -29.37 -19.19 14.74
CA LYS A 609 -30.18 -20.06 15.57
C LYS A 609 -30.65 -21.28 14.80
N GLU A 610 -31.16 -21.06 13.58
CA GLU A 610 -31.64 -22.16 12.74
C GLU A 610 -30.55 -23.19 12.53
N PHE A 611 -29.39 -22.74 12.04
CA PHE A 611 -28.26 -23.63 11.79
C PHE A 611 -27.85 -24.37 13.06
N PHE A 612 -27.60 -23.64 14.14
CA PHE A 612 -26.97 -24.24 15.31
C PHE A 612 -27.93 -25.11 16.13
N GLU A 613 -29.23 -24.83 16.10
CA GLU A 613 -30.22 -25.59 16.87
C GLU A 613 -30.97 -26.60 16.02
N ASN A 614 -31.63 -26.14 14.96
CA ASN A 614 -32.57 -26.99 14.24
C ASN A 614 -31.87 -28.02 13.35
N LYS A 615 -30.60 -27.82 13.04
CA LYS A 615 -29.83 -28.76 12.22
C LYS A 615 -30.50 -28.99 10.86
N SER A 616 -31.07 -27.91 10.31
CA SER A 616 -31.73 -28.02 9.01
C SER A 616 -30.73 -28.31 7.90
N GLU A 617 -29.77 -27.42 7.72
CA GLU A 617 -28.80 -27.53 6.62
C GLU A 617 -27.58 -28.33 7.06
N THR A 618 -27.08 -29.15 6.13
CA THR A 618 -25.91 -29.97 6.35
C THR A 618 -24.98 -29.85 5.16
N TRP A 619 -23.72 -30.23 5.37
CA TRP A 619 -22.69 -30.17 4.35
C TRP A 619 -21.84 -31.44 4.44
N PRO A 620 -21.34 -31.96 3.31
CA PRO A 620 -20.55 -33.19 3.37
C PRO A 620 -19.22 -32.98 4.07
N ILE A 621 -18.87 -33.94 4.92
CA ILE A 621 -17.71 -33.83 5.80
C ILE A 621 -16.76 -35.00 5.71
N GLY A 622 -17.20 -36.18 5.28
CA GLY A 622 -16.32 -37.33 5.35
C GLY A 622 -16.93 -38.52 4.66
N GLU A 623 -16.09 -39.54 4.49
CA GLU A 623 -16.42 -40.71 3.69
C GLU A 623 -16.56 -41.92 4.62
N SER A 624 -17.72 -42.56 4.56
CA SER A 624 -18.01 -43.79 5.25
C SER A 624 -18.36 -44.88 4.25
N PRO A 625 -18.26 -46.15 4.63
CA PRO A 625 -18.94 -47.19 3.84
C PRO A 625 -20.41 -46.88 3.69
N LYS A 626 -20.91 -47.04 2.47
CA LYS A 626 -22.19 -46.54 1.95
C LYS A 626 -22.07 -45.06 1.54
N GLY A 627 -20.90 -44.43 1.71
CA GLY A 627 -20.56 -43.23 0.99
C GLY A 627 -20.56 -41.93 1.76
N VAL A 628 -20.93 -40.85 1.07
CA VAL A 628 -20.77 -39.51 1.60
C VAL A 628 -21.68 -39.30 2.80
N GLU A 629 -21.12 -38.68 3.84
CA GLU A 629 -21.83 -38.37 5.07
C GLU A 629 -21.80 -36.88 5.33
N ASP A 630 -22.95 -36.35 5.72
CA ASP A 630 -23.15 -34.92 5.95
C ASP A 630 -23.12 -34.61 7.43
N GLY A 631 -22.80 -33.35 7.73
CA GLY A 631 -22.71 -32.88 9.09
C GLY A 631 -23.30 -31.49 9.23
N SER A 632 -23.48 -31.11 10.49
CA SER A 632 -24.03 -29.82 10.85
C SER A 632 -22.91 -28.78 10.93
N ILE A 633 -23.31 -27.52 11.07
CA ILE A 633 -22.38 -26.40 10.98
C ILE A 633 -21.33 -26.47 12.07
N GLY A 634 -21.66 -27.05 13.22
CA GLY A 634 -20.67 -27.18 14.28
C GLY A 634 -19.63 -28.23 13.96
N LYS A 635 -20.06 -29.33 13.34
CA LYS A 635 -19.13 -30.35 12.89
C LYS A 635 -18.18 -29.80 11.83
N VAL A 636 -18.70 -28.99 10.91
CA VAL A 636 -17.87 -28.31 9.93
C VAL A 636 -16.86 -27.40 10.63
N CYS A 637 -17.32 -26.67 11.65
CA CYS A 637 -16.43 -25.77 12.37
C CYS A 637 -15.27 -26.52 13.00
N ARG A 638 -15.58 -27.64 13.67
CA ARG A 638 -14.54 -28.40 14.34
C ARG A 638 -13.59 -29.04 13.33
N THR A 639 -14.12 -29.49 12.19
CA THR A 639 -13.31 -30.10 11.16
C THR A 639 -12.31 -29.10 10.57
N LEU A 640 -12.77 -27.88 10.27
CA LEU A 640 -11.85 -26.87 9.74
C LEU A 640 -10.87 -26.39 10.81
N LEU A 641 -11.30 -26.29 12.06
CA LEU A 641 -10.39 -25.94 13.13
C LEU A 641 -9.28 -26.95 13.26
N ALA A 642 -9.62 -28.24 13.20
CA ALA A 642 -8.61 -29.28 13.28
C ALA A 642 -7.68 -29.24 12.08
N LYS A 643 -8.22 -28.92 10.91
CA LYS A 643 -7.38 -28.79 9.72
C LYS A 643 -6.34 -27.70 9.91
N SER A 644 -6.75 -26.53 10.41
CA SER A 644 -5.80 -25.46 10.64
C SER A 644 -4.78 -25.82 11.73
N VAL A 645 -5.23 -26.46 12.80
CA VAL A 645 -4.30 -26.88 13.86
C VAL A 645 -3.27 -27.84 13.32
N PHE A 646 -3.69 -28.78 12.48
CA PHE A 646 -2.76 -29.76 11.91
C PHE A 646 -1.83 -29.12 10.90
N ASN A 647 -2.30 -28.11 10.17
CA ASN A 647 -1.41 -27.33 9.31
C ASN A 647 -0.32 -26.64 10.13
N SER A 648 -0.67 -26.15 11.30
CA SER A 648 0.33 -25.50 12.15
C SER A 648 1.29 -26.51 12.75
N LEU A 649 0.79 -27.69 13.14
CA LEU A 649 1.64 -28.69 13.78
C LEU A 649 2.48 -29.47 12.79
N TYR A 650 1.97 -29.71 11.58
CA TYR A 650 2.63 -30.52 10.58
C TYR A 650 3.05 -29.68 9.37
N ALA A 651 3.52 -28.47 9.63
CA ALA A 651 3.86 -27.54 8.57
C ALA A 651 5.20 -27.87 7.93
N SER A 652 5.23 -27.80 6.60
CA SER A 652 6.38 -28.21 5.82
C SER A 652 6.34 -27.46 4.48
N PRO A 653 7.46 -27.40 3.75
CA PRO A 653 7.40 -26.83 2.40
C PRO A 653 6.57 -27.66 1.43
N GLN A 654 6.46 -28.96 1.69
CA GLN A 654 5.63 -29.83 0.88
C GLN A 654 4.18 -29.37 0.89
N LEU A 655 3.71 -28.92 2.04
CA LEU A 655 2.32 -28.48 2.16
C LEU A 655 2.07 -27.22 1.35
N GLU A 656 2.97 -26.24 1.44
CA GLU A 656 2.94 -25.05 0.60
C GLU A 656 2.80 -25.41 -0.88
N GLY A 657 3.79 -26.17 -1.37
CA GLY A 657 3.77 -26.59 -2.76
C GLY A 657 2.49 -27.30 -3.17
N PHE A 658 2.09 -28.30 -2.38
CA PHE A 658 0.91 -29.09 -2.72
C PHE A 658 -0.33 -28.22 -2.75
N SER A 659 -0.44 -27.30 -1.80
CA SER A 659 -1.62 -26.44 -1.71
C SER A 659 -1.77 -25.61 -2.97
N ALA A 660 -0.70 -24.96 -3.40
CA ALA A 660 -0.75 -24.19 -4.65
C ALA A 660 -1.12 -25.07 -5.86
N GLU A 661 -0.33 -26.12 -6.07
CA GLU A 661 -0.48 -26.90 -7.29
C GLU A 661 -1.82 -27.63 -7.34
N SER A 662 -2.43 -27.91 -6.19
CA SER A 662 -3.76 -28.50 -6.15
C SER A 662 -4.88 -27.46 -6.18
N ARG A 663 -4.61 -26.22 -5.77
CA ARG A 663 -5.55 -25.13 -6.03
C ARG A 663 -5.88 -25.06 -7.50
N LYS A 664 -4.85 -25.15 -8.35
CA LYS A 664 -5.09 -25.07 -9.80
C LYS A 664 -6.06 -26.15 -10.28
N LEU A 665 -5.84 -27.39 -9.87
CA LEU A 665 -6.68 -28.49 -10.35
C LEU A 665 -8.08 -28.40 -9.77
N LEU A 666 -8.19 -28.01 -8.50
CA LEU A 666 -9.48 -27.74 -7.89
C LEU A 666 -10.27 -26.72 -8.69
N LEU A 667 -9.60 -25.69 -9.19
CA LEU A 667 -10.30 -24.64 -9.91
C LEU A 667 -10.72 -25.08 -11.31
N VAL A 668 -9.90 -25.88 -11.98
CA VAL A 668 -10.34 -26.36 -13.29
C VAL A 668 -11.46 -27.39 -13.15
N VAL A 669 -11.46 -28.20 -12.08
CA VAL A 669 -12.59 -29.08 -11.83
C VAL A 669 -13.85 -28.27 -11.55
N GLN A 670 -13.75 -27.21 -10.75
CA GLN A 670 -14.89 -26.34 -10.53
C GLN A 670 -15.41 -25.76 -11.83
N ALA A 671 -14.50 -25.40 -12.74
CA ALA A 671 -14.91 -24.90 -14.04
C ALA A 671 -15.63 -25.96 -14.86
N LEU A 672 -15.31 -27.23 -14.62
CA LEU A 672 -16.03 -28.31 -15.30
C LEU A 672 -17.41 -28.51 -14.68
N ARG A 673 -17.51 -28.40 -13.36
CA ARG A 673 -18.82 -28.55 -12.71
C ARG A 673 -19.74 -27.39 -13.04
N ASP A 674 -19.19 -26.18 -13.14
CA ASP A 674 -19.95 -25.01 -13.60
C ASP A 674 -20.27 -25.03 -15.08
N ASN A 675 -19.84 -26.04 -15.83
CA ASN A 675 -20.12 -26.15 -17.27
C ASN A 675 -19.57 -24.94 -18.03
N LEU A 676 -18.24 -24.80 -17.98
CA LEU A 676 -17.53 -23.70 -18.62
C LEU A 676 -16.53 -24.15 -19.65
N GLU A 677 -16.59 -25.40 -20.10
CA GLU A 677 -15.76 -25.92 -21.17
C GLU A 677 -14.26 -25.72 -20.90
N PRO A 678 -13.73 -26.26 -19.82
CA PRO A 678 -12.33 -26.01 -19.48
C PRO A 678 -11.38 -26.79 -20.37
N GLY A 679 -10.15 -26.29 -20.41
CA GLY A 679 -9.10 -26.91 -21.20
C GLY A 679 -7.74 -26.63 -20.59
N THR A 680 -6.76 -27.39 -21.07
CA THR A 680 -5.40 -27.34 -20.57
C THR A 680 -4.45 -27.32 -21.74
N PHE A 681 -3.17 -27.12 -21.44
CA PHE A 681 -2.09 -27.18 -22.41
C PHE A 681 -1.07 -28.25 -22.04
N ASP A 682 -0.79 -28.44 -20.76
CA ASP A 682 0.04 -29.55 -20.29
C ASP A 682 -0.44 -29.92 -18.89
N LEU A 683 -1.26 -30.97 -18.80
CA LEU A 683 -1.79 -31.45 -17.53
C LEU A 683 -0.83 -32.39 -16.82
N GLU A 684 -0.13 -33.23 -17.58
CA GLU A 684 0.84 -34.13 -16.98
C GLU A 684 1.98 -33.37 -16.33
N GLY A 685 2.28 -32.16 -16.82
CA GLY A 685 3.23 -31.32 -16.13
C GLY A 685 2.73 -30.88 -14.76
N LEU A 686 1.45 -30.53 -14.69
CA LEU A 686 0.85 -30.16 -13.40
C LEU A 686 0.88 -31.34 -12.44
N TYR A 687 0.53 -32.53 -12.91
CA TYR A 687 0.59 -33.71 -12.06
C TYR A 687 2.01 -34.00 -11.60
N GLU A 688 2.98 -33.91 -12.51
CA GLU A 688 4.37 -34.11 -12.15
C GLU A 688 4.87 -33.06 -11.17
N ALA A 689 4.24 -31.89 -11.15
CA ALA A 689 4.62 -30.85 -10.21
C ALA A 689 3.99 -31.06 -8.84
N ILE A 690 2.75 -31.55 -8.81
CA ILE A 690 2.15 -31.94 -7.55
C ILE A 690 2.94 -33.07 -6.91
N GLU A 691 3.15 -34.16 -7.66
CA GLU A 691 3.82 -35.34 -7.16
C GLU A 691 5.28 -35.08 -6.76
N GLU A 692 5.84 -33.94 -7.15
CA GLU A 692 7.21 -33.61 -6.78
C GLU A 692 7.33 -33.20 -5.31
N CYS A 693 6.22 -32.83 -4.69
CA CYS A 693 6.20 -32.33 -3.32
C CYS A 693 5.80 -33.39 -2.31
N LEU A 694 5.13 -34.45 -2.75
CA LEU A 694 4.75 -35.56 -1.88
C LEU A 694 5.98 -36.43 -1.68
N ILE A 695 6.61 -36.31 -0.50
CA ILE A 695 7.83 -37.05 -0.22
C ILE A 695 7.65 -37.91 1.02
N ASN A 696 7.51 -37.26 2.18
CA ASN A 696 7.56 -37.99 3.45
C ASN A 696 6.69 -37.47 4.58
N ASP A 697 5.85 -36.48 4.36
CA ASP A 697 5.11 -35.88 5.47
C ASP A 697 3.72 -36.52 5.58
N PRO A 698 3.32 -37.02 6.75
CA PRO A 698 2.00 -37.68 6.83
C PRO A 698 0.83 -36.80 6.46
N TRP A 699 0.86 -35.56 6.92
CA TRP A 699 -0.25 -34.64 6.72
C TRP A 699 -0.50 -34.35 5.25
N VAL A 700 0.57 -34.23 4.48
CA VAL A 700 0.46 -33.89 3.06
C VAL A 700 -0.06 -35.07 2.28
N LEU A 701 0.45 -36.26 2.57
CA LEU A 701 -0.05 -37.46 1.91
C LEU A 701 -1.53 -37.70 2.24
N LEU A 702 -1.94 -37.37 3.45
CA LEU A 702 -3.35 -37.48 3.78
C LEU A 702 -4.19 -36.48 2.99
N ASN A 703 -3.70 -35.27 2.81
CA ASN A 703 -4.41 -34.31 1.98
C ASN A 703 -4.53 -34.79 0.54
N ALA A 704 -3.48 -35.42 0.02
CA ALA A 704 -3.52 -35.97 -1.33
C ALA A 704 -4.53 -37.11 -1.45
N SER A 705 -4.54 -38.01 -0.48
CA SER A 705 -5.58 -39.05 -0.42
C SER A 705 -6.97 -38.44 -0.43
N TRP A 706 -7.17 -37.38 0.35
CA TRP A 706 -8.44 -36.68 0.37
C TRP A 706 -8.78 -36.09 -0.98
N PHE A 707 -7.77 -35.59 -1.70
CA PHE A 707 -8.01 -35.01 -3.01
C PHE A 707 -8.42 -36.07 -4.01
N ASN A 708 -7.81 -37.24 -3.94
CA ASN A 708 -8.22 -38.35 -4.80
C ASN A 708 -9.66 -38.76 -4.51
N SER A 709 -10.03 -38.82 -3.23
CA SER A 709 -11.41 -39.11 -2.88
C SER A 709 -12.36 -38.03 -3.41
N PHE A 710 -11.94 -36.77 -3.35
CA PHE A 710 -12.74 -35.68 -3.88
C PHE A 710 -12.95 -35.84 -5.39
N LEU A 711 -11.87 -36.17 -6.12
CA LEU A 711 -12.00 -36.38 -7.56
C LEU A 711 -12.91 -37.55 -7.87
N THR A 712 -12.88 -38.58 -7.04
CA THR A 712 -13.75 -39.73 -7.26
C THR A 712 -15.20 -39.37 -7.03
N HIS A 713 -15.49 -38.57 -6.01
CA HIS A 713 -16.88 -38.24 -5.69
C HIS A 713 -17.39 -37.08 -6.51
N ALA A 714 -16.53 -36.12 -6.83
CA ALA A 714 -16.79 -35.18 -7.91
C ALA A 714 -16.54 -35.92 -9.22
N LEU A 715 -16.59 -35.19 -10.33
CA LEU A 715 -16.34 -35.75 -11.65
C LEU A 715 -17.32 -36.88 -11.92
N ARG A 716 -18.59 -36.52 -11.93
CA ARG A 716 -19.67 -37.49 -12.09
C ARG A 716 -20.89 -36.87 -12.76
N MET B 1 -17.22 -43.26 10.35
CA MET B 1 -16.98 -42.11 9.45
C MET B 1 -15.57 -41.54 9.58
N ASP B 2 -14.89 -41.47 8.45
CA ASP B 2 -13.59 -40.82 8.35
C ASP B 2 -13.77 -39.46 7.70
N VAL B 3 -13.12 -38.46 8.25
CA VAL B 3 -13.45 -37.06 7.97
C VAL B 3 -12.61 -36.59 6.78
N ASN B 4 -13.25 -35.83 5.89
CA ASN B 4 -12.60 -35.22 4.74
C ASN B 4 -13.11 -33.80 4.54
N PRO B 5 -12.31 -32.77 4.80
CA PRO B 5 -12.79 -31.40 4.57
C PRO B 5 -12.94 -31.04 3.10
N THR B 6 -12.16 -31.68 2.21
CA THR B 6 -12.21 -31.31 0.80
C THR B 6 -13.56 -31.61 0.19
N LEU B 7 -14.28 -32.61 0.72
CA LEU B 7 -15.63 -32.90 0.26
C LEU B 7 -16.59 -31.73 0.47
N LEU B 8 -16.23 -30.78 1.33
CA LEU B 8 -17.02 -29.56 1.44
C LEU B 8 -17.15 -28.85 0.10
N PHE B 9 -16.13 -28.97 -0.75
CA PHE B 9 -16.16 -28.40 -2.09
C PHE B 9 -17.16 -29.08 -3.02
N LEU B 10 -17.85 -30.14 -2.58
CA LEU B 10 -18.90 -30.73 -3.40
C LEU B 10 -20.22 -29.99 -3.31
N LYS B 11 -20.38 -29.08 -2.35
CA LYS B 11 -21.58 -28.27 -2.21
C LYS B 11 -21.30 -26.78 -2.33
N VAL B 12 -20.27 -26.28 -1.68
CA VAL B 12 -19.89 -24.87 -1.74
C VAL B 12 -18.85 -24.71 -2.85
N PRO B 13 -18.93 -23.69 -3.71
CA PRO B 13 -17.91 -23.53 -4.74
C PRO B 13 -16.53 -23.24 -4.16
N ALA B 14 -15.53 -23.47 -5.01
CA ALA B 14 -14.14 -23.40 -4.58
C ALA B 14 -13.69 -21.98 -4.30
N GLN B 15 -14.30 -20.99 -4.93
CA GLN B 15 -13.93 -19.60 -4.70
C GLN B 15 -14.56 -19.04 -3.44
N ASN B 16 -15.77 -19.49 -3.11
CA ASN B 16 -16.42 -19.10 -1.87
C ASN B 16 -15.89 -19.86 -0.66
N ALA B 17 -14.86 -20.71 -0.84
CA ALA B 17 -14.19 -21.39 0.27
C ALA B 17 -12.68 -21.49 0.08
N ILE B 18 -12.12 -20.72 -0.86
CA ILE B 18 -10.71 -20.82 -1.22
C ILE B 18 -9.79 -20.54 -0.06
N SER B 19 -10.28 -19.83 0.96
CA SER B 19 -9.51 -19.58 2.16
C SER B 19 -9.03 -20.86 2.83
N THR B 20 -9.76 -21.97 2.65
CA THR B 20 -9.34 -23.24 3.22
C THR B 20 -8.08 -23.78 2.57
N THR B 21 -7.73 -23.31 1.37
CA THR B 21 -6.62 -23.85 0.60
C THR B 21 -5.33 -23.09 0.79
N PHE B 22 -5.21 -22.34 1.89
CA PHE B 22 -4.06 -21.47 2.15
C PHE B 22 -3.53 -21.82 3.54
N PRO B 23 -2.40 -22.55 3.64
CA PRO B 23 -1.95 -23.05 4.95
C PRO B 23 -1.15 -22.04 5.77
N TYR B 24 -1.67 -20.82 5.88
CA TYR B 24 -0.90 -19.69 6.40
C TYR B 24 -1.03 -19.53 7.91
N THR B 25 -1.32 -20.62 8.62
CA THR B 25 -1.27 -20.67 10.07
C THR B 25 0.01 -21.33 10.57
N GLY B 26 0.87 -21.80 9.66
CA GLY B 26 2.12 -22.44 10.01
C GLY B 26 3.33 -21.64 9.57
N ASP B 27 4.48 -22.07 10.05
CA ASP B 27 5.73 -21.41 9.73
C ASP B 27 6.02 -21.54 8.22
N PRO B 28 6.59 -20.51 7.59
CA PRO B 28 6.89 -20.60 6.17
C PRO B 28 8.28 -21.17 5.94
N PRO B 29 8.58 -21.63 4.73
CA PRO B 29 9.90 -22.21 4.47
C PRO B 29 10.99 -21.17 4.49
N TYR B 30 12.14 -21.58 5.01
CA TYR B 30 13.31 -20.74 5.18
C TYR B 30 14.51 -21.43 4.57
N SER B 31 15.45 -20.61 4.10
CA SER B 31 16.76 -21.10 3.70
C SER B 31 17.69 -21.10 4.91
N HIS B 32 18.71 -21.93 4.84
CA HIS B 32 19.57 -22.21 5.98
C HIS B 32 21.03 -21.85 5.74
N GLY B 33 21.55 -22.07 4.54
CA GLY B 33 22.94 -21.79 4.23
C GLY B 33 23.08 -20.94 2.99
N THR B 34 24.17 -21.20 2.26
CA THR B 34 24.55 -20.45 1.07
C THR B 34 23.45 -20.46 0.02
N GLY B 35 23.50 -19.45 -0.85
CA GLY B 35 22.67 -19.37 -2.03
C GLY B 35 23.45 -19.39 -3.34
N THR B 36 24.72 -19.80 -3.27
CA THR B 36 25.56 -19.90 -4.45
C THR B 36 24.97 -20.83 -5.50
N GLY B 37 24.37 -21.93 -5.06
CA GLY B 37 23.89 -22.93 -6.01
C GLY B 37 22.76 -22.41 -6.87
N TYR B 38 21.84 -21.65 -6.28
CA TYR B 38 20.73 -21.11 -7.04
C TYR B 38 21.18 -20.02 -7.99
N THR B 39 22.18 -19.25 -7.59
CA THR B 39 22.81 -18.29 -8.47
C THR B 39 23.38 -18.97 -9.71
N MET B 40 24.22 -19.98 -9.50
CA MET B 40 24.77 -20.76 -10.61
C MET B 40 23.67 -21.32 -11.50
N ASP B 41 22.62 -21.88 -10.90
CA ASP B 41 21.50 -22.40 -11.68
C ASP B 41 20.90 -21.33 -12.58
N THR B 42 20.66 -20.13 -12.05
CA THR B 42 20.04 -19.09 -12.87
C THR B 42 20.96 -18.66 -14.00
N VAL B 43 22.25 -18.51 -13.70
CA VAL B 43 23.22 -18.12 -14.73
C VAL B 43 23.23 -19.14 -15.86
N ASN B 44 23.37 -20.42 -15.50
CA ASN B 44 23.49 -21.44 -16.52
C ASN B 44 22.17 -21.67 -17.26
N ARG B 45 21.05 -21.43 -16.59
CA ARG B 45 19.76 -21.51 -17.28
C ARG B 45 19.65 -20.43 -18.35
N THR B 46 19.85 -19.17 -17.98
CA THR B 46 19.68 -18.12 -18.96
C THR B 46 20.77 -18.11 -20.02
N HIS B 47 21.91 -18.77 -19.77
CA HIS B 47 22.84 -19.07 -20.85
C HIS B 47 22.45 -20.31 -21.65
N GLN B 48 21.54 -21.13 -21.12
CA GLN B 48 21.04 -22.29 -21.87
C GLN B 48 19.94 -21.91 -22.85
N TYR B 49 19.01 -21.06 -22.43
CA TYR B 49 17.88 -20.67 -23.26
C TYR B 49 18.23 -19.61 -24.29
N SER B 50 19.51 -19.25 -24.41
CA SER B 50 19.98 -18.24 -25.34
C SER B 50 21.29 -18.67 -25.98
N GLU B 51 21.49 -19.98 -26.14
CA GLU B 51 22.80 -20.52 -26.41
C GLU B 51 23.19 -20.45 -27.87
N LYS B 52 22.21 -20.41 -28.77
CA LYS B 52 22.46 -20.34 -30.20
C LYS B 52 22.81 -18.93 -30.68
N GLY B 53 22.98 -17.98 -29.77
CA GLY B 53 23.42 -16.65 -30.14
C GLY B 53 24.91 -16.63 -30.41
N LYS B 54 25.53 -15.45 -30.36
CA LYS B 54 26.95 -15.30 -30.65
C LYS B 54 27.68 -14.71 -29.46
N TRP B 55 28.90 -15.19 -29.23
CA TRP B 55 29.71 -14.74 -28.13
C TRP B 55 30.64 -13.62 -28.55
N THR B 56 30.98 -12.77 -27.59
CA THR B 56 31.89 -11.66 -27.81
C THR B 56 32.62 -11.40 -26.51
N THR B 57 33.72 -10.64 -26.61
CA THR B 57 34.51 -10.26 -25.45
C THR B 57 34.55 -8.75 -25.35
N ASN B 58 34.05 -8.23 -24.25
CA ASN B 58 34.09 -6.80 -24.01
C ASN B 58 35.52 -6.33 -23.87
N THR B 59 35.80 -5.18 -24.47
CA THR B 59 37.13 -4.59 -24.42
C THR B 59 37.42 -3.93 -23.08
N GLU B 60 36.40 -3.61 -22.30
CA GLU B 60 36.53 -2.88 -21.05
C GLU B 60 36.60 -3.78 -19.83
N THR B 61 35.76 -4.82 -19.77
CA THR B 61 35.78 -5.79 -18.68
C THR B 61 36.57 -7.05 -19.01
N GLY B 62 36.72 -7.36 -20.30
CA GLY B 62 37.31 -8.63 -20.69
C GLY B 62 36.37 -9.80 -20.58
N ALA B 63 35.08 -9.55 -20.48
CA ALA B 63 34.11 -10.56 -20.09
C ALA B 63 33.47 -11.22 -21.32
N PRO B 64 33.18 -12.52 -21.29
CA PRO B 64 32.45 -13.14 -22.41
C PRO B 64 30.96 -12.89 -22.29
N GLN B 65 30.40 -12.24 -23.29
CA GLN B 65 29.00 -11.83 -23.32
C GLN B 65 28.30 -12.49 -24.50
N LEU B 66 27.12 -13.03 -24.23
CA LEU B 66 26.34 -13.76 -25.21
C LEU B 66 25.21 -12.87 -25.72
N ASN B 67 25.20 -12.64 -27.03
CA ASN B 67 24.19 -11.83 -27.69
C ASN B 67 23.24 -12.76 -28.44
N PRO B 68 22.00 -12.94 -27.98
CA PRO B 68 21.01 -13.72 -28.73
C PRO B 68 20.05 -12.92 -29.60
N ILE B 69 20.20 -11.60 -29.65
CA ILE B 69 19.20 -10.78 -30.33
C ILE B 69 19.27 -11.01 -31.83
N ASP B 70 18.09 -11.07 -32.45
CA ASP B 70 17.95 -11.43 -33.86
C ASP B 70 18.60 -12.77 -34.17
N GLY B 71 18.60 -13.67 -33.19
CA GLY B 71 19.09 -15.01 -33.37
C GLY B 71 18.08 -15.85 -34.13
N PRO B 72 18.32 -17.15 -34.21
CA PRO B 72 17.40 -18.01 -34.93
C PRO B 72 16.04 -18.08 -34.25
N LEU B 73 15.09 -18.59 -35.00
CA LEU B 73 13.74 -18.74 -34.51
C LEU B 73 13.57 -20.08 -33.81
N PRO B 74 12.71 -20.16 -32.80
CA PRO B 74 12.54 -21.43 -32.09
C PRO B 74 11.88 -22.49 -32.98
N GLU B 75 12.18 -23.74 -32.63
CA GLU B 75 11.63 -24.91 -33.32
C GLU B 75 10.78 -25.79 -32.44
N ASP B 76 10.71 -25.52 -31.13
CA ASP B 76 9.92 -26.30 -30.20
C ASP B 76 9.31 -25.36 -29.17
N ASN B 77 8.53 -25.91 -28.25
CA ASN B 77 7.86 -25.13 -27.21
C ASN B 77 8.69 -24.99 -25.95
N GLU B 78 10.01 -25.05 -26.05
CA GLU B 78 10.86 -24.77 -24.91
C GLU B 78 11.13 -23.28 -24.81
N PRO B 79 11.61 -22.79 -23.67
CA PRO B 79 11.88 -21.35 -23.54
C PRO B 79 12.95 -20.88 -24.52
N SER B 80 12.86 -19.60 -24.86
CA SER B 80 13.76 -19.00 -25.84
C SER B 80 13.96 -17.53 -25.52
N GLY B 81 15.21 -17.10 -25.58
CA GLY B 81 15.58 -15.70 -25.45
C GLY B 81 16.00 -15.08 -26.77
N TYR B 82 15.52 -15.64 -27.87
CA TYR B 82 15.86 -15.18 -29.20
C TYR B 82 14.82 -14.15 -29.62
N ALA B 83 15.08 -12.90 -29.25
CA ALA B 83 14.20 -11.79 -29.56
C ALA B 83 14.55 -11.15 -30.89
N GLN B 84 13.55 -10.59 -31.54
CA GLN B 84 13.67 -9.96 -32.84
C GLN B 84 13.39 -8.48 -32.74
N THR B 85 14.31 -7.65 -33.22
CA THR B 85 14.18 -6.20 -33.09
C THR B 85 12.99 -5.67 -33.85
N ASP B 86 12.81 -6.12 -35.10
CA ASP B 86 11.79 -5.54 -35.97
C ASP B 86 10.40 -5.70 -35.37
N CYS B 87 10.16 -6.82 -34.70
CA CYS B 87 8.84 -7.09 -34.15
C CYS B 87 8.60 -6.31 -32.86
N VAL B 88 9.64 -6.12 -32.05
CA VAL B 88 9.53 -5.26 -30.88
C VAL B 88 9.19 -3.84 -31.32
N LEU B 89 9.92 -3.31 -32.30
CA LEU B 89 9.66 -1.95 -32.75
C LEU B 89 8.30 -1.83 -33.41
N GLU B 90 7.86 -2.85 -34.12
CA GLU B 90 6.52 -2.84 -34.68
C GLU B 90 5.47 -2.82 -33.59
N ALA B 91 5.72 -3.53 -32.50
CA ALA B 91 4.82 -3.52 -31.35
C ALA B 91 4.69 -2.13 -30.77
N MET B 92 5.83 -1.48 -30.52
CA MET B 92 5.82 -0.12 -30.00
C MET B 92 5.14 0.85 -30.96
N ALA B 93 5.41 0.73 -32.25
CA ALA B 93 4.82 1.62 -33.24
C ALA B 93 3.30 1.50 -33.25
N PHE B 94 2.78 0.28 -33.27
CA PHE B 94 1.33 0.13 -33.24
C PHE B 94 0.74 0.57 -31.92
N LEU B 95 1.49 0.44 -30.82
CA LEU B 95 1.02 0.96 -29.55
C LEU B 95 0.82 2.47 -29.62
N GLU B 96 1.84 3.19 -30.07
CA GLU B 96 1.69 4.63 -30.27
C GLU B 96 0.61 4.97 -31.27
N GLU B 97 0.42 4.12 -32.28
CA GLU B 97 -0.63 4.35 -33.27
C GLU B 97 -2.01 4.29 -32.64
N SER B 98 -2.21 3.40 -31.67
CA SER B 98 -3.52 3.22 -31.08
C SER B 98 -3.79 4.22 -29.94
N HIS B 99 -2.73 4.67 -29.26
CA HIS B 99 -2.83 5.61 -28.16
C HIS B 99 -1.87 6.77 -28.44
N PRO B 100 -2.24 7.68 -29.34
CA PRO B 100 -1.27 8.70 -29.77
C PRO B 100 -0.93 9.68 -28.68
N GLY B 101 0.27 10.26 -28.79
CA GLY B 101 0.75 11.25 -27.85
C GLY B 101 1.19 10.71 -26.52
N ILE B 102 1.20 9.40 -26.35
CA ILE B 102 1.50 8.80 -25.05
C ILE B 102 2.98 9.01 -24.71
N PHE B 103 3.85 8.81 -25.69
CA PHE B 103 5.28 8.91 -25.44
C PHE B 103 5.73 10.36 -25.28
N GLU B 104 5.19 11.25 -26.12
CA GLU B 104 5.51 12.68 -25.99
C GLU B 104 5.19 13.20 -24.61
N ASN B 105 3.95 13.01 -24.16
CA ASN B 105 3.51 13.54 -22.88
C ASN B 105 4.27 12.90 -21.72
N SER B 106 4.47 11.58 -21.78
CA SER B 106 5.23 10.92 -20.74
C SER B 106 6.65 11.44 -20.68
N CYS B 107 7.24 11.74 -21.85
CA CYS B 107 8.59 12.25 -21.90
C CYS B 107 8.67 13.66 -21.33
N LEU B 108 7.65 14.47 -21.55
CA LEU B 108 7.63 15.82 -20.98
C LEU B 108 7.56 15.79 -19.45
N GLU B 109 6.63 15.00 -18.92
CA GLU B 109 6.55 14.79 -17.48
C GLU B 109 7.89 14.34 -16.91
N THR B 110 8.48 13.31 -17.50
CA THR B 110 9.75 12.82 -17.00
C THR B 110 10.87 13.84 -17.17
N MET B 111 10.75 14.74 -18.14
CA MET B 111 11.77 15.78 -18.29
C MET B 111 11.71 16.76 -17.13
N GLU B 112 10.50 17.17 -16.76
CA GLU B 112 10.33 17.99 -15.56
C GLU B 112 10.92 17.30 -14.34
N VAL B 113 10.56 16.03 -14.14
CA VAL B 113 11.06 15.27 -13.00
C VAL B 113 12.58 15.20 -13.01
N VAL B 114 13.18 14.96 -14.17
CA VAL B 114 14.63 14.89 -14.30
C VAL B 114 15.26 16.21 -13.91
N GLN B 115 14.65 17.32 -14.30
CA GLN B 115 15.26 18.61 -14.05
C GLN B 115 15.17 19.02 -12.59
N GLN B 116 14.08 18.64 -11.91
CA GLN B 116 13.86 19.14 -10.54
C GLN B 116 14.46 18.26 -9.45
N THR B 117 14.39 16.94 -9.58
CA THR B 117 14.64 16.04 -8.45
C THR B 117 16.07 16.17 -7.92
N ARG B 118 16.28 15.61 -6.73
CA ARG B 118 17.49 15.81 -5.93
C ARG B 118 18.09 14.48 -5.52
N VAL B 119 19.31 14.57 -4.96
CA VAL B 119 20.07 13.38 -4.61
C VAL B 119 19.47 12.69 -3.39
N ASP B 120 18.87 13.48 -2.49
CA ASP B 120 18.22 12.95 -1.30
C ASP B 120 17.15 11.90 -1.61
N ARG B 121 16.63 11.88 -2.83
CA ARG B 121 15.64 10.86 -3.20
C ARG B 121 16.23 9.46 -3.16
N LEU B 122 17.55 9.33 -3.30
CA LEU B 122 18.17 8.02 -3.20
C LEU B 122 18.27 7.53 -1.76
N THR B 123 18.12 8.42 -0.78
CA THR B 123 18.20 8.00 0.61
C THR B 123 17.01 7.15 1.01
N GLN B 124 15.85 7.40 0.41
CA GLN B 124 14.64 6.65 0.72
C GLN B 124 14.53 5.47 -0.22
N GLY B 125 14.46 4.27 0.34
CA GLY B 125 14.27 3.08 -0.44
C GLY B 125 14.65 1.85 0.37
N ARG B 126 15.15 0.85 -0.35
CA ARG B 126 15.55 -0.42 0.22
C ARG B 126 17.06 -0.45 0.34
N GLN B 127 17.60 -1.55 0.81
CA GLN B 127 19.04 -1.68 0.93
C GLN B 127 19.68 -1.65 -0.45
N THR B 128 21.00 -1.48 -0.45
CA THR B 128 21.76 -1.17 -1.64
C THR B 128 23.13 -1.78 -1.48
N TYR B 129 23.63 -2.38 -2.57
CA TYR B 129 24.96 -2.99 -2.55
C TYR B 129 26.02 -1.92 -2.70
N ASP B 130 26.95 -1.86 -1.74
CA ASP B 130 27.99 -0.85 -1.70
C ASP B 130 29.29 -1.47 -2.20
N TRP B 131 29.75 -1.01 -3.36
CA TRP B 131 31.05 -1.41 -3.86
C TRP B 131 32.20 -1.01 -2.93
N THR B 132 31.99 -0.03 -2.06
CA THR B 132 33.04 0.40 -1.14
C THR B 132 33.34 -0.67 -0.10
N LEU B 133 32.35 -1.53 0.21
CA LEU B 133 32.48 -2.55 1.24
C LEU B 133 32.25 -3.96 0.73
N ASN B 134 31.72 -4.13 -0.48
CA ASN B 134 31.45 -5.44 -1.06
C ASN B 134 30.45 -6.20 -0.21
N ARG B 135 29.41 -5.49 0.21
CA ARG B 135 28.25 -6.09 0.84
C ARG B 135 27.12 -5.07 0.77
N ASN B 136 25.98 -5.44 1.33
CA ASN B 136 24.82 -4.57 1.35
C ASN B 136 24.85 -3.64 2.54
N GLN B 137 24.37 -2.43 2.34
CA GLN B 137 24.24 -1.44 3.38
C GLN B 137 22.96 -0.69 3.10
N PRO B 138 22.46 0.13 4.01
CA PRO B 138 21.29 0.95 3.68
C PRO B 138 21.61 1.95 2.57
N ALA B 139 20.55 2.59 2.10
CA ALA B 139 20.66 3.44 0.91
C ALA B 139 21.47 4.69 1.20
N ALA B 140 21.21 5.34 2.33
CA ALA B 140 21.88 6.59 2.65
C ALA B 140 23.34 6.36 3.00
N THR B 141 23.65 5.24 3.65
CA THR B 141 25.03 4.91 3.96
C THR B 141 25.85 4.72 2.69
N ALA B 142 25.27 3.99 1.72
CA ALA B 142 25.94 3.76 0.45
C ALA B 142 26.15 5.07 -0.30
N LEU B 143 25.11 5.89 -0.36
CA LEU B 143 25.22 7.21 -0.98
C LEU B 143 26.33 8.02 -0.36
N ALA B 144 26.39 8.05 0.97
CA ALA B 144 27.36 8.88 1.67
C ALA B 144 28.78 8.41 1.40
N ASN B 145 29.01 7.10 1.41
CA ASN B 145 30.36 6.60 1.17
C ASN B 145 30.78 6.84 -0.28
N THR B 146 29.85 6.69 -1.21
CA THR B 146 30.14 6.96 -2.62
C THR B 146 30.50 8.43 -2.82
N ILE B 147 29.73 9.33 -2.24
CA ILE B 147 30.02 10.76 -2.33
C ILE B 147 31.37 11.07 -1.70
N GLU B 148 31.68 10.43 -0.58
CA GLU B 148 32.96 10.68 0.09
C GLU B 148 34.12 10.30 -0.81
N VAL B 149 34.06 9.12 -1.43
CA VAL B 149 35.17 8.71 -2.28
C VAL B 149 35.27 9.60 -3.52
N PHE B 150 34.13 9.99 -4.08
CA PHE B 150 34.14 10.92 -5.20
C PHE B 150 34.84 12.22 -4.84
N ARG B 151 34.41 12.88 -3.76
CA ARG B 151 35.04 14.13 -3.35
C ARG B 151 36.51 13.92 -2.98
N SER B 152 36.86 12.75 -2.48
CA SER B 152 38.27 12.46 -2.21
C SER B 152 39.07 12.33 -3.49
N ASN B 153 38.41 11.98 -4.60
CA ASN B 153 39.10 11.82 -5.88
C ASN B 153 39.08 13.10 -6.72
N GLY B 154 37.98 13.84 -6.71
CA GLY B 154 37.89 15.09 -7.44
C GLY B 154 36.54 15.41 -8.04
N LEU B 155 35.64 14.45 -8.06
CA LEU B 155 34.31 14.67 -8.61
C LEU B 155 33.44 15.35 -7.57
N THR B 156 33.00 16.58 -7.86
CA THR B 156 32.34 17.44 -6.87
C THR B 156 31.09 18.10 -7.42
N ALA B 157 30.55 17.63 -8.54
CA ALA B 157 29.40 18.29 -9.14
C ALA B 157 28.14 18.11 -8.30
N ASN B 158 28.05 17.02 -7.54
CA ASN B 158 26.88 16.75 -6.72
C ASN B 158 26.65 17.80 -5.64
N GLU B 159 27.62 18.69 -5.39
CA GLU B 159 27.40 19.84 -4.52
C GLU B 159 26.23 20.70 -5.00
N SER B 160 25.92 20.65 -6.30
CA SER B 160 24.71 21.31 -6.79
C SER B 160 23.46 20.80 -6.11
N GLY B 161 23.48 19.57 -5.60
CA GLY B 161 22.35 18.97 -4.94
C GLY B 161 21.37 18.27 -5.85
N ARG B 162 21.60 18.29 -7.16
CA ARG B 162 20.75 17.60 -8.10
C ARG B 162 21.27 16.20 -8.37
N LEU B 163 20.37 15.35 -8.86
CA LEU B 163 20.71 13.96 -9.14
C LEU B 163 21.50 13.84 -10.42
N ILE B 164 21.08 14.55 -11.47
CA ILE B 164 21.69 14.42 -12.78
C ILE B 164 23.17 14.81 -12.74
N ASP B 165 23.54 15.70 -11.81
CA ASP B 165 24.95 16.02 -11.64
C ASP B 165 25.70 14.87 -10.97
N PHE B 166 25.05 14.16 -10.05
CA PHE B 166 25.66 12.96 -9.48
C PHE B 166 25.84 11.89 -10.54
N LEU B 167 24.92 11.82 -11.50
CA LEU B 167 25.06 10.87 -12.60
C LEU B 167 26.18 11.28 -13.55
N LYS B 168 26.30 12.57 -13.83
CA LYS B 168 27.47 13.05 -14.58
C LYS B 168 28.76 12.68 -13.87
N ASP B 169 28.75 12.73 -12.54
CA ASP B 169 29.95 12.36 -11.78
C ASP B 169 30.25 10.88 -11.91
N VAL B 170 29.24 10.02 -11.76
CA VAL B 170 29.52 8.58 -11.82
C VAL B 170 29.93 8.20 -13.24
N MET B 171 29.44 8.92 -14.24
CA MET B 171 29.90 8.68 -15.60
C MET B 171 31.35 9.11 -15.78
N GLU B 172 31.69 10.31 -15.30
CA GLU B 172 33.05 10.81 -15.40
C GLU B 172 34.04 10.00 -14.59
N SER B 173 33.57 9.24 -13.60
CA SER B 173 34.46 8.42 -12.79
C SER B 173 34.93 7.16 -13.49
N MET B 174 34.25 6.75 -14.56
CA MET B 174 34.66 5.58 -15.31
C MET B 174 35.84 5.84 -16.22
N ASP B 175 36.07 7.09 -16.60
CA ASP B 175 37.17 7.46 -17.47
C ASP B 175 38.43 7.83 -16.69
N LYS B 176 38.56 7.33 -15.46
CA LYS B 176 39.72 7.58 -14.62
C LYS B 176 40.55 6.31 -14.51
N GLU B 177 41.88 6.48 -14.49
CA GLU B 177 42.76 5.33 -14.49
C GLU B 177 42.74 4.60 -13.15
N GLU B 178 43.11 5.29 -12.07
CA GLU B 178 43.25 4.69 -10.74
C GLU B 178 42.33 5.41 -9.78
N MET B 179 41.19 4.78 -9.47
CA MET B 179 40.35 5.23 -8.38
C MET B 179 41.01 4.88 -7.05
N GLU B 180 40.63 5.61 -6.00
CA GLU B 180 41.14 5.40 -4.66
C GLU B 180 39.98 5.25 -3.69
N ILE B 181 40.13 4.33 -2.74
CA ILE B 181 39.10 4.08 -1.74
C ILE B 181 39.79 3.92 -0.37
N THR B 182 38.97 3.79 0.66
CA THR B 182 39.42 3.65 2.03
C THR B 182 38.62 2.53 2.67
N THR B 183 39.29 1.75 3.52
CA THR B 183 38.70 0.57 4.13
C THR B 183 38.89 0.59 5.64
N HIS B 184 37.90 0.02 6.32
CA HIS B 184 37.86 -0.07 7.78
C HIS B 184 38.62 -1.29 8.27
N PHE B 185 39.17 -1.17 9.47
CA PHE B 185 39.71 -2.32 10.19
C PHE B 185 39.51 -2.09 11.68
N GLN B 186 39.99 -3.04 12.47
CA GLN B 186 40.18 -2.83 13.89
C GLN B 186 41.06 -3.95 14.44
N ARG B 187 41.88 -3.62 15.42
CA ARG B 187 42.81 -4.53 16.04
C ARG B 187 42.70 -4.44 17.55
N LYS B 188 42.68 -5.59 18.21
CA LYS B 188 42.65 -5.66 19.67
C LYS B 188 43.69 -6.67 20.15
N ARG B 189 44.29 -6.35 21.29
CA ARG B 189 45.31 -7.20 21.92
C ARG B 189 44.87 -7.63 23.31
N GLN B 202 44.32 -3.74 23.34
CA GLN B 202 43.73 -2.43 23.15
C GLN B 202 43.05 -2.33 21.79
N ARG B 203 41.76 -2.00 21.79
CA ARG B 203 40.98 -1.90 20.56
C ARG B 203 41.41 -0.66 19.79
N THR B 204 42.25 -0.85 18.78
CA THR B 204 42.58 0.20 17.83
C THR B 204 41.66 0.09 16.64
N ILE B 205 41.03 1.21 16.26
CA ILE B 205 40.08 1.26 15.14
C ILE B 205 40.51 2.41 14.24
N GLY B 206 40.81 2.10 12.99
CA GLY B 206 41.30 3.09 12.04
C GLY B 206 40.84 2.83 10.62
N LYS B 207 41.63 3.30 9.67
CA LYS B 207 41.30 3.19 8.25
C LYS B 207 42.60 2.99 7.47
N LYS B 208 42.46 2.56 6.23
CA LYS B 208 43.60 2.44 5.33
C LYS B 208 43.19 2.71 3.90
N LYS B 209 44.07 3.39 3.16
CA LYS B 209 43.83 3.69 1.76
C LYS B 209 44.24 2.53 0.87
N GLN B 210 43.50 2.34 -0.22
CA GLN B 210 43.90 1.42 -1.25
C GLN B 210 43.46 1.96 -2.60
N ARG B 211 43.98 1.34 -3.65
CA ARG B 211 43.77 1.76 -5.03
C ARG B 211 42.97 0.71 -5.78
N VAL B 212 42.29 1.17 -6.82
CA VAL B 212 41.42 0.34 -7.65
C VAL B 212 41.69 0.75 -9.09
N ASN B 213 42.32 -0.14 -9.85
CA ASN B 213 42.50 0.11 -11.27
C ASN B 213 41.14 0.23 -11.97
N LYS B 214 41.20 0.67 -13.22
CA LYS B 214 40.00 1.06 -13.94
C LYS B 214 39.07 -0.14 -14.19
N ARG B 215 39.64 -1.27 -14.58
CA ARG B 215 38.84 -2.47 -14.85
C ARG B 215 38.20 -3.01 -13.58
N SER B 216 38.94 -2.98 -12.47
CA SER B 216 38.38 -3.38 -11.18
C SER B 216 37.19 -2.51 -10.81
N TYR B 217 37.35 -1.19 -10.90
CA TYR B 217 36.25 -0.29 -10.62
C TYR B 217 35.05 -0.58 -11.53
N LEU B 218 35.30 -0.93 -12.78
CA LEU B 218 34.20 -1.21 -13.68
C LEU B 218 33.44 -2.47 -13.27
N ILE B 219 34.15 -3.54 -12.93
CA ILE B 219 33.46 -4.75 -12.53
C ILE B 219 32.71 -4.54 -11.21
N ARG B 220 33.23 -3.68 -10.34
CA ARG B 220 32.56 -3.40 -9.07
C ARG B 220 31.33 -2.52 -9.28
N ALA B 221 31.39 -1.58 -10.21
CA ALA B 221 30.25 -0.72 -10.49
C ALA B 221 29.16 -1.47 -11.24
N LEU B 222 29.52 -2.48 -12.03
CA LEU B 222 28.55 -3.18 -12.85
C LEU B 222 27.94 -4.40 -12.18
N THR B 223 28.46 -4.82 -11.04
CA THR B 223 28.02 -6.06 -10.43
C THR B 223 26.83 -5.83 -9.51
N LEU B 224 26.12 -6.93 -9.25
CA LEU B 224 24.96 -6.97 -8.39
C LEU B 224 25.23 -8.00 -7.30
N ASN B 225 24.59 -7.82 -6.16
CA ASN B 225 24.68 -8.84 -5.12
C ASN B 225 23.50 -9.80 -5.25
N THR B 226 23.70 -11.02 -4.77
CA THR B 226 22.69 -12.06 -4.85
C THR B 226 22.49 -12.69 -3.48
N MET B 227 21.26 -13.09 -3.23
CA MET B 227 20.94 -13.76 -1.97
C MET B 227 19.66 -14.55 -2.14
N THR B 228 19.45 -15.48 -1.22
CA THR B 228 18.29 -16.33 -1.25
C THR B 228 17.13 -15.69 -0.49
N LYS B 229 15.93 -15.89 -1.02
CA LYS B 229 14.73 -15.26 -0.48
C LYS B 229 14.05 -16.19 0.51
N ASP B 230 14.02 -15.78 1.77
CA ASP B 230 13.31 -16.51 2.82
C ASP B 230 11.85 -16.09 2.91
N ALA B 231 11.08 -16.89 3.64
CA ALA B 231 9.66 -16.64 3.90
C ALA B 231 8.87 -16.48 2.62
N GLU B 232 9.01 -17.46 1.72
CA GLU B 232 8.22 -17.53 0.51
C GLU B 232 7.04 -18.48 0.72
N ARG B 233 5.84 -17.99 0.43
CA ARG B 233 4.64 -18.80 0.43
C ARG B 233 4.36 -19.31 -0.97
N GLY B 234 4.32 -20.62 -1.13
CA GLY B 234 3.75 -21.26 -2.29
C GLY B 234 4.71 -22.05 -3.14
N LYS B 235 5.89 -22.38 -2.63
CA LYS B 235 6.95 -22.99 -3.41
C LYS B 235 7.61 -24.08 -2.59
N LEU B 236 7.93 -25.18 -3.25
CA LEU B 236 8.70 -26.25 -2.60
C LEU B 236 10.17 -25.88 -2.50
N LYS B 237 10.72 -25.22 -3.52
CA LYS B 237 12.14 -24.94 -3.63
C LYS B 237 12.41 -23.46 -3.54
N ARG B 238 13.60 -23.13 -3.05
CA ARG B 238 14.00 -21.75 -2.80
C ARG B 238 14.44 -21.06 -4.08
N ARG B 239 14.33 -19.74 -4.06
CA ARG B 239 14.67 -18.87 -5.18
C ARG B 239 15.79 -17.92 -4.78
N ALA B 240 16.56 -17.50 -5.77
CA ALA B 240 17.56 -16.45 -5.61
C ALA B 240 17.02 -15.12 -6.15
N ILE B 241 17.53 -14.05 -5.58
CA ILE B 241 17.16 -12.69 -5.95
C ILE B 241 18.41 -11.82 -5.94
N ALA B 242 18.31 -10.68 -6.61
CA ALA B 242 19.42 -9.76 -6.76
C ALA B 242 19.12 -8.41 -6.13
N THR B 243 20.20 -7.70 -5.86
CA THR B 243 20.17 -6.37 -5.27
C THR B 243 21.15 -5.51 -6.07
N PRO B 244 20.72 -4.42 -6.69
CA PRO B 244 21.65 -3.59 -7.47
C PRO B 244 22.33 -2.50 -6.64
N GLY B 245 23.36 -1.91 -7.24
CA GLY B 245 24.21 -0.96 -6.59
C GLY B 245 23.73 0.47 -6.66
N MET B 246 24.63 1.38 -6.29
CA MET B 246 24.36 2.80 -6.16
C MET B 246 24.46 3.55 -7.48
N GLN B 247 25.27 3.05 -8.40
CA GLN B 247 25.52 3.76 -9.64
C GLN B 247 24.47 3.49 -10.71
N ILE B 248 23.76 2.36 -10.60
CA ILE B 248 22.69 2.01 -11.52
C ILE B 248 21.32 2.41 -10.96
N ARG B 249 21.30 3.33 -10.00
CA ARG B 249 20.09 3.62 -9.23
C ARG B 249 19.34 4.85 -9.71
N GLY B 250 20.04 5.95 -10.01
CA GLY B 250 19.36 7.12 -10.54
C GLY B 250 18.84 6.90 -11.94
N PHE B 251 19.61 6.20 -12.75
CA PHE B 251 19.20 5.92 -14.12
C PHE B 251 17.93 5.08 -14.14
N VAL B 252 17.92 4.00 -13.38
CA VAL B 252 16.72 3.17 -13.31
C VAL B 252 15.58 3.91 -12.63
N TYR B 253 15.88 4.84 -11.72
CA TYR B 253 14.81 5.68 -11.17
C TYR B 253 14.10 6.45 -12.27
N PHE B 254 14.86 7.10 -13.16
CA PHE B 254 14.25 7.86 -14.24
C PHE B 254 13.53 6.93 -15.22
N VAL B 255 14.11 5.76 -15.49
CA VAL B 255 13.49 4.83 -16.43
C VAL B 255 12.14 4.35 -15.91
N GLU B 256 12.09 4.00 -14.63
CA GLU B 256 10.83 3.55 -14.05
C GLU B 256 9.84 4.69 -13.90
N THR B 257 10.32 5.92 -13.75
CA THR B 257 9.44 7.08 -13.81
C THR B 257 8.73 7.16 -15.16
N LEU B 258 9.51 7.08 -16.25
CA LEU B 258 8.93 7.06 -17.59
C LEU B 258 7.94 5.92 -17.75
N ALA B 259 8.30 4.73 -17.29
CA ALA B 259 7.45 3.56 -17.47
C ALA B 259 6.16 3.68 -16.67
N ARG B 260 6.24 4.20 -15.45
CA ARG B 260 5.06 4.54 -14.67
C ARG B 260 4.14 5.48 -15.43
N SER B 261 4.70 6.57 -15.94
CA SER B 261 3.90 7.55 -16.66
C SER B 261 3.20 6.92 -17.86
N ILE B 262 3.86 6.01 -18.56
CA ILE B 262 3.23 5.35 -19.69
C ILE B 262 2.13 4.41 -19.20
N CYS B 263 2.48 3.48 -18.31
CA CYS B 263 1.54 2.47 -17.84
C CYS B 263 0.31 3.04 -17.17
N GLU B 264 0.40 4.24 -16.60
CA GLU B 264 -0.78 4.90 -16.04
C GLU B 264 -1.83 5.16 -17.12
N LYS B 265 -1.40 5.43 -18.34
CA LYS B 265 -2.30 5.74 -19.44
C LYS B 265 -2.80 4.52 -20.19
N LEU B 266 -2.50 3.32 -19.70
CA LEU B 266 -2.90 2.07 -20.34
C LEU B 266 -3.92 1.36 -19.47
N GLU B 267 -5.05 0.99 -20.07
CA GLU B 267 -6.10 0.26 -19.38
C GLU B 267 -5.74 -1.18 -19.07
N GLN B 268 -4.60 -1.68 -19.53
CA GLN B 268 -4.21 -3.06 -19.36
C GLN B 268 -3.27 -3.29 -18.19
N SER B 269 -2.56 -2.27 -17.75
CA SER B 269 -1.57 -2.44 -16.70
C SER B 269 -2.26 -2.68 -15.36
N GLY B 270 -1.48 -3.21 -14.42
CA GLY B 270 -1.92 -3.43 -13.06
C GLY B 270 -0.89 -3.08 -12.01
N LEU B 271 0.29 -2.66 -12.44
CA LEU B 271 1.44 -2.47 -11.55
C LEU B 271 1.41 -1.18 -10.73
N PRO B 272 1.04 -0.02 -11.27
CA PRO B 272 1.11 1.21 -10.47
C PRO B 272 -0.06 1.41 -9.54
N VAL B 273 -1.06 0.53 -9.57
CA VAL B 273 -2.27 0.64 -8.75
C VAL B 273 -2.27 -0.50 -7.74
N GLY B 274 -2.70 -0.19 -6.52
CA GLY B 274 -2.74 -1.17 -5.46
C GLY B 274 -4.10 -1.22 -4.78
N GLY B 275 -4.34 -2.35 -4.12
CA GLY B 275 -5.50 -2.54 -3.28
C GLY B 275 -6.82 -2.69 -3.99
N ASN B 276 -7.73 -1.76 -3.73
CA ASN B 276 -9.04 -1.74 -4.37
C ASN B 276 -9.04 -1.00 -5.69
N GLU B 277 -8.07 -0.11 -5.89
CA GLU B 277 -7.87 0.50 -7.20
C GLU B 277 -7.58 -0.57 -8.24
N LYS B 278 -6.70 -1.51 -7.91
CA LYS B 278 -6.40 -2.64 -8.78
C LYS B 278 -7.65 -3.42 -9.15
N LYS B 279 -8.42 -3.87 -8.16
CA LYS B 279 -9.61 -4.68 -8.44
C LYS B 279 -10.65 -3.90 -9.22
N ALA B 280 -10.80 -2.61 -8.89
CA ALA B 280 -11.73 -1.76 -9.62
C ALA B 280 -11.36 -1.67 -11.08
N LYS B 281 -10.09 -1.40 -11.37
CA LYS B 281 -9.63 -1.33 -12.75
C LYS B 281 -9.85 -2.64 -13.48
N LEU B 282 -9.46 -3.75 -12.86
CA LEU B 282 -9.68 -5.07 -13.45
C LEU B 282 -11.13 -5.30 -13.80
N ALA B 283 -12.04 -4.95 -12.88
CA ALA B 283 -13.45 -5.22 -13.10
C ALA B 283 -14.03 -4.31 -14.19
N ASN B 284 -13.65 -3.04 -14.19
CA ASN B 284 -14.08 -2.13 -15.23
C ASN B 284 -13.61 -2.60 -16.60
N VAL B 285 -12.38 -3.09 -16.67
CA VAL B 285 -11.83 -3.58 -17.93
C VAL B 285 -12.59 -4.81 -18.41
N VAL B 286 -12.88 -5.74 -17.50
CA VAL B 286 -13.63 -6.94 -17.87
C VAL B 286 -15.02 -6.57 -18.39
N ARG B 287 -15.68 -5.61 -17.73
CA ARG B 287 -17.00 -5.18 -18.19
C ARG B 287 -16.91 -4.53 -19.56
N LYS B 288 -15.88 -3.70 -19.77
CA LYS B 288 -15.71 -3.05 -21.07
C LYS B 288 -15.54 -4.08 -22.17
N MET B 289 -14.71 -5.09 -21.94
CA MET B 289 -14.54 -6.17 -22.91
C MET B 289 -15.86 -6.86 -23.19
N MET B 290 -16.56 -7.31 -22.15
CA MET B 290 -17.80 -8.03 -22.36
C MET B 290 -18.90 -7.16 -22.98
N THR B 291 -18.75 -5.83 -22.92
CA THR B 291 -19.70 -4.96 -23.62
C THR B 291 -19.33 -4.80 -25.09
N ASN B 292 -18.03 -4.67 -25.38
CA ASN B 292 -17.59 -4.54 -26.76
C ASN B 292 -17.74 -5.85 -27.51
N SER B 293 -17.62 -6.98 -26.82
CA SER B 293 -17.88 -8.27 -27.43
C SER B 293 -19.32 -8.35 -27.92
N GLN B 294 -19.54 -9.23 -28.88
CA GLN B 294 -20.84 -9.42 -29.50
C GLN B 294 -21.56 -10.60 -28.86
N ASP B 295 -22.83 -10.75 -29.22
CA ASP B 295 -23.67 -11.80 -28.63
C ASP B 295 -23.58 -13.11 -29.40
N THR B 296 -23.38 -13.05 -30.71
CA THR B 296 -23.12 -14.24 -31.51
C THR B 296 -21.69 -14.72 -31.38
N GLU B 297 -20.85 -14.05 -30.61
CA GLU B 297 -19.43 -14.36 -30.51
C GLU B 297 -19.16 -15.19 -29.27
N LEU B 298 -18.31 -16.19 -29.44
CA LEU B 298 -17.84 -17.05 -28.37
C LEU B 298 -16.61 -16.42 -27.71
N SER B 299 -16.53 -16.58 -26.40
CA SER B 299 -15.58 -15.85 -25.58
C SER B 299 -14.95 -16.80 -24.56
N PHE B 300 -13.63 -16.69 -24.39
CA PHE B 300 -12.88 -17.53 -23.47
C PHE B 300 -11.87 -16.68 -22.72
N THR B 301 -11.46 -17.16 -21.55
CA THR B 301 -10.48 -16.53 -20.69
C THR B 301 -9.37 -17.51 -20.36
N ILE B 302 -8.14 -17.10 -20.63
CA ILE B 302 -6.93 -17.79 -20.20
C ILE B 302 -6.44 -17.14 -18.92
N THR B 303 -6.29 -17.96 -17.89
CA THR B 303 -5.56 -17.62 -16.67
C THR B 303 -4.14 -18.11 -16.85
N GLY B 304 -3.18 -17.20 -16.90
CA GLY B 304 -1.84 -17.54 -17.34
C GLY B 304 -0.75 -16.93 -16.53
N ASP B 305 0.33 -17.69 -16.39
CA ASP B 305 1.61 -17.27 -15.88
C ASP B 305 2.65 -17.48 -16.97
N ASN B 306 3.74 -16.73 -16.89
CA ASN B 306 4.85 -16.86 -17.82
C ASN B 306 6.01 -17.57 -17.13
N THR B 307 6.66 -18.46 -17.87
CA THR B 307 7.76 -19.26 -17.36
C THR B 307 9.08 -18.63 -17.75
N LYS B 308 9.99 -18.52 -16.77
CA LYS B 308 11.33 -18.01 -17.01
C LYS B 308 11.28 -16.60 -17.58
N TRP B 309 10.38 -15.79 -17.00
CA TRP B 309 10.09 -14.47 -17.52
C TRP B 309 11.28 -13.53 -17.39
N ASN B 310 12.02 -13.63 -16.29
CA ASN B 310 13.11 -12.72 -16.02
C ASN B 310 14.43 -13.13 -16.64
N GLU B 311 14.51 -14.33 -17.23
CA GLU B 311 15.72 -14.78 -17.90
C GLU B 311 15.69 -14.54 -19.40
N ASN B 312 14.52 -14.61 -20.02
CA ASN B 312 14.40 -14.37 -21.44
C ASN B 312 14.50 -12.90 -21.78
N GLN B 313 13.87 -12.04 -20.98
CA GLN B 313 13.82 -10.61 -21.25
C GLN B 313 15.22 -10.02 -21.25
N ASN B 314 15.58 -9.37 -22.36
CA ASN B 314 16.92 -8.88 -22.62
C ASN B 314 16.98 -7.36 -22.50
N PRO B 315 18.06 -6.79 -21.94
CA PRO B 315 18.16 -5.33 -21.91
C PRO B 315 18.29 -4.66 -23.27
N ARG B 316 18.76 -5.37 -24.29
CA ARG B 316 18.93 -4.75 -25.59
C ARG B 316 17.58 -4.41 -26.22
N MET B 317 16.57 -5.25 -25.97
CA MET B 317 15.22 -4.91 -26.39
C MET B 317 14.71 -3.69 -25.64
N PHE B 318 15.11 -3.54 -24.37
CA PHE B 318 14.72 -2.36 -23.62
C PHE B 318 15.39 -1.12 -24.17
N LEU B 319 16.62 -1.24 -24.65
CA LEU B 319 17.28 -0.10 -25.26
C LEU B 319 16.60 0.29 -26.57
N ALA B 320 16.19 -0.70 -27.35
CA ALA B 320 15.40 -0.42 -28.55
C ALA B 320 14.13 0.34 -28.20
N MET B 321 13.37 -0.18 -27.23
CA MET B 321 12.15 0.49 -26.76
C MET B 321 12.42 1.92 -26.31
N ILE B 322 13.45 2.12 -25.49
CA ILE B 322 13.82 3.45 -25.02
C ILE B 322 14.08 4.38 -26.19
N THR B 323 14.87 3.93 -27.16
CA THR B 323 15.22 4.80 -28.28
C THR B 323 14.03 5.05 -29.18
N TYR B 324 13.00 4.21 -29.13
CA TYR B 324 11.78 4.51 -29.86
C TYR B 324 10.85 5.43 -29.09
N ILE B 325 10.93 5.41 -27.77
CA ILE B 325 10.03 6.23 -26.96
C ILE B 325 10.57 7.64 -26.84
N THR B 326 11.89 7.80 -26.86
CA THR B 326 12.55 9.10 -26.88
C THR B 326 12.70 9.66 -28.28
N LYS B 327 11.97 9.13 -29.25
CA LYS B 327 12.05 9.62 -30.62
C LYS B 327 11.60 11.08 -30.69
N ASN B 328 12.45 11.93 -31.26
CA ASN B 328 12.21 13.36 -31.38
C ASN B 328 12.11 14.02 -30.00
N GLN B 329 13.17 13.83 -29.22
CA GLN B 329 13.35 14.49 -27.94
C GLN B 329 14.78 14.99 -27.86
N PRO B 330 15.09 15.84 -26.88
CA PRO B 330 16.47 16.31 -26.74
C PRO B 330 17.44 15.18 -26.44
N GLU B 331 18.66 15.33 -26.95
CA GLU B 331 19.62 14.24 -26.89
C GLU B 331 20.10 13.98 -25.46
N TRP B 332 20.08 14.99 -24.59
CA TRP B 332 20.45 14.76 -23.20
C TRP B 332 19.48 13.80 -22.52
N PHE B 333 18.20 13.89 -22.87
CA PHE B 333 17.19 13.00 -22.32
C PHE B 333 17.37 11.59 -22.88
N ARG B 334 17.54 11.50 -24.20
CA ARG B 334 17.80 10.23 -24.87
C ARG B 334 19.05 9.55 -24.34
N ASN B 335 20.01 10.33 -23.85
CA ASN B 335 21.29 9.81 -23.41
C ASN B 335 21.34 9.54 -21.92
N VAL B 336 20.45 10.13 -21.14
CA VAL B 336 20.37 9.81 -19.71
C VAL B 336 19.38 8.69 -19.45
N LEU B 337 18.50 8.37 -20.41
CA LEU B 337 17.66 7.17 -20.30
C LEU B 337 18.24 5.95 -20.98
N SER B 338 19.31 6.09 -21.76
CA SER B 338 19.90 4.96 -22.47
C SER B 338 20.96 4.22 -21.67
N ILE B 339 21.25 4.66 -20.45
CA ILE B 339 22.40 4.16 -19.72
C ILE B 339 22.07 2.95 -18.85
N ALA B 340 20.85 2.89 -18.33
CA ALA B 340 20.43 1.74 -17.54
C ALA B 340 20.44 0.44 -18.34
N PRO B 341 19.82 0.35 -19.51
CA PRO B 341 19.87 -0.90 -20.27
C PRO B 341 21.27 -1.26 -20.72
N ILE B 342 22.10 -0.27 -21.00
CA ILE B 342 23.52 -0.52 -21.26
C ILE B 342 24.16 -1.22 -20.07
N MET B 343 24.10 -0.58 -18.90
CA MET B 343 24.75 -1.09 -17.71
C MET B 343 24.16 -2.41 -17.22
N PHE B 344 22.93 -2.73 -17.60
CA PHE B 344 22.34 -4.04 -17.31
C PHE B 344 22.54 -5.03 -18.45
N SER B 345 23.22 -4.65 -19.53
CA SER B 345 23.64 -5.57 -20.56
C SER B 345 25.08 -6.00 -20.42
N ASN B 346 25.87 -5.27 -19.66
CA ASN B 346 27.25 -5.61 -19.33
C ASN B 346 27.41 -5.95 -17.87
N LYS B 347 26.34 -6.44 -17.25
CA LYS B 347 26.31 -6.63 -15.81
C LYS B 347 27.02 -7.92 -15.41
N MET B 348 27.26 -8.03 -14.11
CA MET B 348 27.86 -9.22 -13.51
C MET B 348 27.02 -9.66 -12.32
N ALA B 349 27.50 -10.65 -11.59
CA ALA B 349 26.75 -11.22 -10.48
C ALA B 349 27.70 -11.83 -9.47
N ARG B 350 27.60 -11.39 -8.21
CA ARG B 350 28.34 -12.05 -7.15
C ARG B 350 27.67 -13.37 -6.82
N LEU B 351 28.49 -14.37 -6.53
CA LEU B 351 27.98 -15.72 -6.38
C LEU B 351 27.45 -15.97 -4.98
N GLY B 352 28.18 -15.52 -3.95
CA GLY B 352 27.63 -15.41 -2.62
C GLY B 352 28.55 -15.85 -1.50
N LYS B 353 27.96 -16.55 -0.53
CA LYS B 353 28.69 -16.95 0.66
C LYS B 353 29.71 -18.04 0.35
N GLY B 354 29.35 -18.96 -0.54
CA GLY B 354 30.19 -20.08 -0.88
C GLY B 354 29.59 -21.41 -0.48
N TYR B 355 30.38 -22.25 0.16
CA TYR B 355 29.94 -23.59 0.55
C TYR B 355 30.64 -23.95 1.85
N MET B 356 30.19 -25.05 2.47
CA MET B 356 30.84 -25.58 3.66
C MET B 356 31.07 -27.07 3.50
N PHE B 357 32.21 -27.51 4.03
CA PHE B 357 32.73 -28.85 3.89
C PHE B 357 32.81 -29.53 5.25
N GLU B 358 32.78 -30.86 5.23
CA GLU B 358 32.61 -31.66 6.43
C GLU B 358 33.52 -32.88 6.36
N SER B 359 34.16 -33.20 7.49
CA SER B 359 34.93 -34.42 7.64
C SER B 359 34.43 -35.16 8.87
N LYS B 360 34.00 -36.40 8.67
CA LYS B 360 33.43 -37.21 9.74
C LYS B 360 34.50 -37.90 10.57
N SER B 361 35.53 -38.43 9.90
CA SER B 361 36.61 -39.10 10.61
C SER B 361 37.30 -38.17 11.59
N MET B 362 37.78 -37.03 11.10
CA MET B 362 38.44 -36.05 11.95
C MET B 362 37.47 -35.16 12.71
N LYS B 363 36.17 -35.23 12.40
CA LYS B 363 35.14 -34.46 13.11
C LYS B 363 35.42 -32.95 13.02
N LEU B 364 35.33 -32.44 11.80
CA LEU B 364 35.56 -31.01 11.60
C LEU B 364 34.71 -30.50 10.45
N ARG B 365 34.59 -29.18 10.40
CA ARG B 365 33.84 -28.48 9.37
C ARG B 365 34.62 -27.25 8.94
N THR B 366 34.31 -26.77 7.73
CA THR B 366 35.11 -25.75 7.09
C THR B 366 34.19 -24.95 6.17
N GLN B 367 34.62 -23.73 5.84
CA GLN B 367 33.94 -22.89 4.86
C GLN B 367 34.87 -22.55 3.70
N ILE B 368 34.25 -22.40 2.53
CA ILE B 368 34.91 -22.23 1.26
C ILE B 368 34.28 -21.01 0.59
N PRO B 369 34.99 -19.89 0.41
CA PRO B 369 34.38 -18.75 -0.26
C PRO B 369 34.15 -18.99 -1.74
N ALA B 370 33.23 -18.21 -2.29
CA ALA B 370 32.88 -18.31 -3.70
C ALA B 370 33.99 -17.81 -4.62
N GLU B 371 34.99 -17.11 -4.10
CA GLU B 371 36.06 -16.56 -4.92
C GLU B 371 37.22 -17.52 -5.10
N MET B 372 36.97 -18.83 -4.98
CA MET B 372 37.96 -19.84 -5.31
C MET B 372 37.38 -20.97 -6.15
N LEU B 373 36.14 -20.85 -6.62
CA LEU B 373 35.54 -21.90 -7.43
C LEU B 373 36.28 -22.13 -8.73
N ALA B 374 37.04 -21.13 -9.20
CA ALA B 374 37.90 -21.29 -10.36
C ALA B 374 39.21 -21.97 -10.03
N SER B 375 39.65 -21.93 -8.78
CA SER B 375 40.95 -22.41 -8.33
C SER B 375 40.79 -23.42 -7.20
N ILE B 376 39.90 -24.40 -7.39
CA ILE B 376 39.63 -25.42 -6.40
C ILE B 376 39.40 -26.74 -7.12
N ASP B 377 39.96 -27.82 -6.57
CA ASP B 377 39.77 -29.12 -7.16
C ASP B 377 38.36 -29.64 -6.86
N LEU B 378 37.75 -30.22 -7.87
CA LEU B 378 36.34 -30.58 -7.84
C LEU B 378 36.06 -31.93 -7.19
N LYS B 379 37.07 -32.54 -6.55
CA LYS B 379 36.84 -33.81 -5.86
C LYS B 379 35.84 -33.66 -4.73
N TYR B 380 35.79 -32.49 -4.09
CA TYR B 380 34.99 -32.32 -2.89
C TYR B 380 33.50 -32.35 -3.19
N PHE B 381 33.11 -31.79 -4.32
CA PHE B 381 31.70 -31.55 -4.60
C PHE B 381 31.01 -32.80 -5.11
N ASN B 382 29.69 -32.75 -5.04
CA ASN B 382 28.83 -33.78 -5.59
C ASN B 382 28.51 -33.47 -7.05
N GLU B 383 27.78 -34.36 -7.70
CA GLU B 383 27.67 -34.36 -9.16
C GLU B 383 26.99 -33.10 -9.68
N SER B 384 25.83 -32.75 -9.12
CA SER B 384 25.10 -31.56 -9.56
C SER B 384 25.96 -30.32 -9.46
N THR B 385 26.60 -30.11 -8.31
CA THR B 385 27.42 -28.94 -8.10
C THR B 385 28.67 -28.96 -8.96
N ARG B 386 29.24 -30.14 -9.17
CA ARG B 386 30.36 -30.29 -10.08
C ARG B 386 30.00 -29.83 -11.48
N LYS B 387 28.85 -30.29 -11.98
CA LYS B 387 28.38 -29.86 -13.29
C LYS B 387 28.17 -28.36 -13.36
N LYS B 388 27.52 -27.79 -12.33
CA LYS B 388 27.32 -26.35 -12.25
C LYS B 388 28.63 -25.59 -12.43
N ILE B 389 29.61 -25.91 -11.59
CA ILE B 389 30.89 -25.22 -11.62
C ILE B 389 31.59 -25.44 -12.96
N GLU B 390 31.49 -26.66 -13.50
CA GLU B 390 32.11 -26.97 -14.78
C GLU B 390 31.57 -26.09 -15.88
N LYS B 391 30.26 -25.83 -15.86
CA LYS B 391 29.67 -24.98 -16.88
C LYS B 391 30.02 -23.52 -16.66
N ILE B 392 30.11 -23.09 -15.40
CA ILE B 392 30.19 -21.66 -15.13
C ILE B 392 31.61 -21.11 -15.12
N ARG B 393 32.62 -21.96 -14.93
CA ARG B 393 34.01 -21.51 -14.79
C ARG B 393 34.53 -20.58 -15.90
N PRO B 394 34.08 -20.71 -17.15
CA PRO B 394 34.50 -19.72 -18.15
C PRO B 394 34.08 -18.29 -17.84
N LEU B 395 32.96 -18.09 -17.17
CA LEU B 395 32.38 -16.76 -16.99
C LEU B 395 32.88 -16.03 -15.75
N LEU B 396 33.83 -16.60 -15.02
CA LEU B 396 34.28 -16.03 -13.76
C LEU B 396 35.34 -14.96 -13.99
N ILE B 397 35.13 -13.79 -13.40
CA ILE B 397 36.09 -12.70 -13.42
C ILE B 397 36.07 -12.06 -12.04
N ASP B 398 37.09 -12.35 -11.23
CA ASP B 398 37.25 -11.74 -9.93
C ASP B 398 36.06 -12.02 -9.01
N GLY B 399 35.62 -13.28 -9.00
CA GLY B 399 34.57 -13.68 -8.09
C GLY B 399 33.17 -13.29 -8.48
N THR B 400 32.93 -12.97 -9.74
CA THR B 400 31.63 -12.57 -10.21
C THR B 400 31.46 -13.04 -11.64
N ALA B 401 30.27 -13.56 -11.93
CA ALA B 401 29.98 -14.14 -13.22
C ALA B 401 29.35 -13.13 -14.17
N SER B 402 29.81 -13.14 -15.42
CA SER B 402 29.15 -12.40 -16.48
C SER B 402 27.72 -12.88 -16.67
N LEU B 403 26.79 -11.94 -16.82
CA LEU B 403 25.41 -12.30 -17.10
C LEU B 403 24.78 -11.18 -17.94
N SER B 404 24.90 -11.33 -19.25
CA SER B 404 24.26 -10.45 -20.22
C SER B 404 22.83 -10.81 -20.59
N PRO B 405 22.52 -12.08 -20.93
CA PRO B 405 21.28 -12.34 -21.68
C PRO B 405 19.96 -12.23 -20.93
N GLY B 406 19.96 -11.74 -19.70
CA GLY B 406 18.68 -11.66 -19.02
C GLY B 406 18.72 -10.76 -17.81
N MET B 407 17.53 -10.46 -17.32
CA MET B 407 17.35 -9.61 -16.15
C MET B 407 17.56 -10.45 -14.90
N MET B 408 17.17 -9.89 -13.76
CA MET B 408 17.03 -10.62 -12.52
C MET B 408 15.71 -10.22 -11.87
N MET B 409 15.31 -11.01 -10.88
CA MET B 409 13.99 -10.85 -10.28
C MET B 409 13.87 -9.48 -9.61
N GLY B 410 12.88 -8.71 -10.04
CA GLY B 410 12.54 -7.46 -9.39
C GLY B 410 13.18 -6.21 -9.95
N MET B 411 13.02 -5.98 -11.24
CA MET B 411 13.54 -4.76 -11.85
C MET B 411 12.99 -4.66 -13.26
N PHE B 412 12.67 -3.43 -13.67
CA PHE B 412 12.08 -3.15 -14.98
C PHE B 412 10.75 -3.87 -15.16
N ASN B 413 10.01 -4.03 -14.06
CA ASN B 413 8.69 -4.62 -14.13
C ASN B 413 7.71 -3.73 -14.90
N MET B 414 7.91 -2.42 -14.84
CA MET B 414 7.03 -1.49 -15.53
C MET B 414 7.22 -1.57 -17.04
N LEU B 415 8.47 -1.54 -17.49
CA LEU B 415 8.75 -1.58 -18.92
C LEU B 415 8.43 -2.94 -19.50
N SER B 416 8.62 -3.98 -18.71
CA SER B 416 8.20 -5.32 -19.12
C SER B 416 6.68 -5.39 -19.25
N THR B 417 5.95 -4.72 -18.36
CA THR B 417 4.52 -4.62 -18.52
C THR B 417 4.16 -3.82 -19.77
N VAL B 418 4.98 -2.83 -20.13
CA VAL B 418 4.71 -2.07 -21.35
C VAL B 418 4.81 -2.99 -22.56
N LEU B 419 5.83 -3.83 -22.59
CA LEU B 419 5.94 -4.81 -23.68
C LEU B 419 4.77 -5.79 -23.70
N GLY B 420 4.36 -6.28 -22.53
CA GLY B 420 3.20 -7.15 -22.48
C GLY B 420 1.95 -6.50 -23.03
N VAL B 421 1.72 -5.23 -22.69
CA VAL B 421 0.56 -4.55 -23.24
C VAL B 421 0.74 -4.29 -24.72
N SER B 422 1.98 -4.12 -25.18
CA SER B 422 2.22 -3.97 -26.61
C SER B 422 1.77 -5.21 -27.36
N ILE B 423 2.00 -6.38 -26.77
CA ILE B 423 1.55 -7.61 -27.41
C ILE B 423 0.03 -7.76 -27.29
N LEU B 424 -0.54 -7.38 -26.15
CA LEU B 424 -1.99 -7.44 -26.01
C LEU B 424 -2.72 -6.48 -26.95
N ASN B 425 -2.05 -5.40 -27.35
CA ASN B 425 -2.64 -4.44 -28.27
C ASN B 425 -2.63 -4.90 -29.72
N LEU B 426 -2.06 -6.05 -30.02
CA LEU B 426 -2.07 -6.61 -31.36
C LEU B 426 -3.25 -7.54 -31.58
N GLY B 427 -4.35 -7.31 -30.86
CA GLY B 427 -5.56 -8.08 -31.01
C GLY B 427 -6.76 -7.18 -31.20
N GLN B 428 -6.55 -6.06 -31.88
CA GLN B 428 -7.55 -5.02 -32.03
C GLN B 428 -8.50 -5.26 -33.20
N LYS B 429 -8.27 -6.29 -34.02
CA LYS B 429 -9.03 -6.66 -35.21
C LYS B 429 -8.69 -5.77 -36.41
N ARG B 430 -7.89 -4.72 -36.26
CA ARG B 430 -7.25 -4.05 -37.37
C ARG B 430 -5.78 -4.39 -37.50
N TYR B 431 -5.26 -5.23 -36.60
CA TYR B 431 -3.90 -5.72 -36.65
C TYR B 431 -3.83 -7.23 -36.83
N THR B 432 -4.89 -7.96 -36.54
CA THR B 432 -4.97 -9.37 -36.84
C THR B 432 -5.47 -9.64 -38.25
N LYS B 433 -6.31 -8.76 -38.79
CA LYS B 433 -6.84 -8.86 -40.15
C LYS B 433 -7.61 -10.17 -40.32
N THR B 434 -8.60 -10.36 -39.48
CA THR B 434 -9.35 -11.61 -39.40
C THR B 434 -10.58 -11.37 -38.54
N THR B 435 -11.25 -12.46 -38.16
CA THR B 435 -12.50 -12.40 -37.41
C THR B 435 -12.36 -12.78 -35.94
N TYR B 436 -11.19 -13.23 -35.50
CA TYR B 436 -10.90 -13.41 -34.08
C TYR B 436 -10.12 -12.22 -33.56
N TRP B 437 -10.15 -12.07 -32.23
CA TRP B 437 -9.46 -10.95 -31.61
C TRP B 437 -9.28 -11.24 -30.13
N TRP B 438 -8.50 -10.40 -29.46
CA TRP B 438 -8.16 -10.65 -28.08
C TRP B 438 -7.75 -9.36 -27.38
N ASP B 439 -7.75 -9.43 -26.05
CA ASP B 439 -7.33 -8.34 -25.18
C ASP B 439 -7.01 -8.97 -23.83
N GLY B 440 -6.64 -8.16 -22.86
CA GLY B 440 -6.45 -8.72 -21.53
C GLY B 440 -5.82 -7.74 -20.55
N LEU B 441 -5.27 -8.34 -19.49
CA LEU B 441 -4.71 -7.64 -18.35
C LEU B 441 -3.34 -8.24 -18.08
N GLN B 442 -2.39 -7.39 -17.72
CA GLN B 442 -0.99 -7.78 -17.58
C GLN B 442 -0.40 -7.14 -16.33
N SER B 443 0.27 -7.97 -15.53
CA SER B 443 1.27 -7.50 -14.59
C SER B 443 2.50 -8.37 -14.82
N SER B 444 3.62 -7.92 -14.29
CA SER B 444 4.90 -8.58 -14.52
C SER B 444 4.84 -10.04 -14.08
N ASP B 445 4.90 -10.96 -15.05
CA ASP B 445 4.91 -12.40 -14.81
C ASP B 445 3.52 -12.92 -14.41
N ASP B 446 2.46 -12.30 -14.90
CA ASP B 446 1.11 -12.82 -14.69
C ASP B 446 0.17 -12.10 -15.63
N PHE B 447 -0.83 -12.83 -16.13
CA PHE B 447 -1.73 -12.22 -17.11
C PHE B 447 -3.04 -12.98 -17.18
N ALA B 448 -4.04 -12.25 -17.67
CA ALA B 448 -5.34 -12.79 -17.99
C ALA B 448 -5.67 -12.36 -19.41
N LEU B 449 -5.83 -13.34 -20.29
CA LEU B 449 -6.18 -13.08 -21.68
C LEU B 449 -7.64 -13.40 -21.91
N ILE B 450 -8.29 -12.64 -22.78
CA ILE B 450 -9.66 -12.87 -23.17
C ILE B 450 -9.69 -12.88 -24.69
N VAL B 451 -10.17 -13.98 -25.26
CA VAL B 451 -10.15 -14.24 -26.69
C VAL B 451 -11.58 -14.39 -27.17
N ASN B 452 -11.88 -13.75 -28.29
CA ASN B 452 -13.20 -13.76 -28.89
C ASN B 452 -13.12 -14.25 -30.33
N ALA B 453 -14.08 -15.09 -30.71
CA ALA B 453 -14.15 -15.63 -32.06
C ALA B 453 -15.51 -16.29 -32.22
N PRO B 454 -15.95 -16.52 -33.46
CA PRO B 454 -17.26 -17.15 -33.68
C PRO B 454 -17.26 -18.67 -33.55
N ASN B 455 -16.14 -19.29 -33.21
CA ASN B 455 -16.07 -20.75 -33.10
C ASN B 455 -14.85 -21.11 -32.28
N HIS B 456 -14.67 -22.41 -32.05
CA HIS B 456 -13.55 -22.89 -31.27
C HIS B 456 -12.27 -22.92 -32.08
N GLU B 457 -12.39 -23.04 -33.40
CA GLU B 457 -11.21 -23.01 -34.26
C GLU B 457 -10.54 -21.64 -34.22
N GLY B 458 -11.33 -20.58 -34.25
CA GLY B 458 -10.79 -19.24 -34.10
C GLY B 458 -10.18 -19.03 -32.73
N ILE B 459 -10.74 -19.65 -31.71
CA ILE B 459 -10.18 -19.56 -30.36
C ILE B 459 -8.79 -20.19 -30.35
N GLN B 460 -8.67 -21.38 -30.91
CA GLN B 460 -7.37 -22.05 -30.98
C GLN B 460 -6.37 -21.24 -31.80
N ALA B 461 -6.83 -20.65 -32.90
CA ALA B 461 -5.93 -19.87 -33.74
C ALA B 461 -5.45 -18.61 -33.03
N GLY B 462 -6.33 -17.93 -32.32
CA GLY B 462 -5.92 -16.77 -31.55
C GLY B 462 -4.96 -17.13 -30.44
N VAL B 463 -5.18 -18.26 -29.78
CA VAL B 463 -4.27 -18.70 -28.73
C VAL B 463 -2.90 -18.99 -29.33
N ASP B 464 -2.89 -19.64 -30.50
CA ASP B 464 -1.63 -19.95 -31.17
C ASP B 464 -0.89 -18.68 -31.58
N ARG B 465 -1.62 -17.71 -32.14
CA ARG B 465 -0.99 -16.47 -32.56
C ARG B 465 -0.47 -15.67 -31.39
N PHE B 466 -1.20 -15.66 -30.27
CA PHE B 466 -0.69 -15.00 -29.08
C PHE B 466 0.60 -15.64 -28.62
N TYR B 467 0.62 -16.98 -28.57
CA TYR B 467 1.82 -17.69 -28.16
C TYR B 467 3.01 -17.37 -29.06
N ARG B 468 2.78 -17.33 -30.36
CA ARG B 468 3.88 -17.13 -31.31
C ARG B 468 4.34 -15.68 -31.35
N THR B 469 3.40 -14.74 -31.35
CA THR B 469 3.74 -13.33 -31.29
C THR B 469 4.49 -12.99 -30.01
N CYS B 470 4.22 -13.73 -28.94
CA CYS B 470 4.95 -13.53 -27.69
C CYS B 470 6.30 -14.22 -27.70
N LYS B 471 6.45 -15.31 -28.47
CA LYS B 471 7.75 -15.94 -28.59
C LYS B 471 8.71 -15.16 -29.48
N LEU B 472 8.17 -14.35 -30.39
CA LEU B 472 9.04 -13.49 -31.20
C LEU B 472 9.68 -12.36 -30.40
N VAL B 473 9.26 -12.16 -29.15
CA VAL B 473 9.78 -11.09 -28.30
C VAL B 473 10.52 -11.63 -27.08
N GLY B 474 10.44 -12.93 -26.82
CA GLY B 474 11.04 -13.50 -25.64
C GLY B 474 10.09 -13.64 -24.48
N ILE B 475 8.79 -13.80 -24.73
CA ILE B 475 7.77 -13.97 -23.71
C ILE B 475 7.25 -15.39 -23.85
N ASN B 476 7.55 -16.22 -22.87
CA ASN B 476 7.18 -17.63 -22.87
C ASN B 476 6.08 -17.86 -21.85
N MET B 477 5.07 -18.62 -22.25
CA MET B 477 3.92 -18.90 -21.41
C MET B 477 4.06 -20.26 -20.77
N SER B 478 3.71 -20.35 -19.49
CA SER B 478 3.78 -21.61 -18.76
C SER B 478 2.52 -22.40 -19.06
N LYS B 479 2.67 -23.46 -19.84
CA LYS B 479 1.57 -24.37 -20.13
C LYS B 479 1.24 -25.23 -18.92
N LYS B 480 2.25 -25.52 -18.10
CA LYS B 480 2.08 -26.32 -16.90
C LYS B 480 1.20 -25.64 -15.86
N LYS B 481 1.06 -24.30 -15.91
CA LYS B 481 0.39 -23.53 -14.87
C LYS B 481 -0.69 -22.61 -15.41
N SER B 482 -1.20 -22.86 -16.62
CA SER B 482 -2.17 -22.00 -17.28
C SER B 482 -3.36 -22.83 -17.71
N TYR B 483 -4.54 -22.21 -17.71
CA TYR B 483 -5.72 -22.92 -18.16
C TYR B 483 -6.74 -21.95 -18.73
N ILE B 484 -7.59 -22.49 -19.59
CA ILE B 484 -8.56 -21.71 -20.36
C ILE B 484 -9.96 -22.23 -20.06
N ASN B 485 -10.85 -21.31 -19.70
CA ASN B 485 -12.26 -21.62 -19.48
C ASN B 485 -13.08 -20.53 -20.15
N ARG B 486 -14.40 -20.63 -20.05
CA ARG B 486 -15.24 -19.55 -20.53
C ARG B 486 -15.13 -18.34 -19.61
N THR B 487 -15.64 -17.21 -20.09
CA THR B 487 -15.60 -15.99 -19.32
C THR B 487 -16.54 -16.06 -18.13
N GLY B 488 -16.10 -15.44 -17.04
CA GLY B 488 -16.87 -15.37 -15.82
C GLY B 488 -16.03 -15.69 -14.61
N THR B 489 -15.04 -16.55 -14.77
CA THR B 489 -14.18 -16.98 -13.68
C THR B 489 -12.73 -16.92 -14.14
N PHE B 490 -11.88 -16.34 -13.29
CA PHE B 490 -10.45 -16.33 -13.56
C PHE B 490 -9.70 -16.00 -12.27
N GLU B 491 -8.38 -15.95 -12.38
CA GLU B 491 -7.48 -15.69 -11.28
C GLU B 491 -6.41 -14.71 -11.74
N PHE B 492 -6.07 -13.75 -10.88
CA PHE B 492 -5.08 -12.74 -11.20
C PHE B 492 -4.44 -12.25 -9.90
N THR B 493 -3.17 -12.55 -9.73
CA THR B 493 -2.37 -12.16 -8.56
C THR B 493 -3.10 -12.51 -7.27
N SER B 494 -3.52 -13.76 -7.17
CA SER B 494 -4.22 -14.28 -6.00
C SER B 494 -5.51 -13.51 -5.72
N PHE B 495 -6.13 -12.99 -6.77
CA PHE B 495 -7.49 -12.49 -6.73
C PHE B 495 -8.33 -13.44 -7.57
N PHE B 496 -9.34 -14.04 -6.94
CA PHE B 496 -10.17 -15.05 -7.57
C PHE B 496 -11.48 -14.39 -7.95
N TYR B 497 -11.66 -14.16 -9.23
CA TYR B 497 -12.84 -13.52 -9.77
C TYR B 497 -13.81 -14.62 -10.16
N ARG B 498 -15.01 -14.56 -9.61
CA ARG B 498 -16.11 -15.45 -9.96
C ARG B 498 -17.34 -14.58 -10.15
N TYR B 499 -17.53 -14.09 -11.37
CA TYR B 499 -18.63 -13.17 -11.68
C TYR B 499 -18.58 -11.94 -10.80
N GLY B 500 -17.37 -11.56 -10.40
CA GLY B 500 -17.14 -10.57 -9.36
C GLY B 500 -16.01 -11.10 -8.51
N PHE B 501 -15.27 -10.17 -7.92
CA PHE B 501 -14.16 -10.58 -7.08
C PHE B 501 -14.65 -11.08 -5.73
N VAL B 502 -13.80 -11.85 -5.07
CA VAL B 502 -14.16 -12.70 -3.96
C VAL B 502 -13.16 -12.46 -2.83
N ALA B 503 -13.65 -12.51 -1.60
CA ALA B 503 -12.83 -12.32 -0.42
C ALA B 503 -12.18 -13.64 -0.01
N ASN B 504 -10.94 -13.54 0.46
CA ASN B 504 -10.15 -14.71 0.81
C ASN B 504 -9.84 -14.79 2.31
N PHE B 505 -9.24 -13.75 2.88
CA PHE B 505 -9.02 -13.51 4.30
C PHE B 505 -7.83 -14.30 4.87
N SER B 506 -7.29 -15.28 4.19
CA SER B 506 -6.15 -16.01 4.71
C SER B 506 -4.82 -15.40 4.29
N MET B 507 -4.82 -14.57 3.25
CA MET B 507 -3.64 -13.80 2.92
C MET B 507 -3.31 -12.81 4.03
N GLU B 508 -4.33 -12.34 4.74
CA GLU B 508 -4.21 -11.29 5.73
C GLU B 508 -4.07 -11.84 7.15
N LEU B 509 -3.90 -13.14 7.31
CA LEU B 509 -3.98 -13.81 8.60
C LEU B 509 -2.76 -13.55 9.47
N PRO B 510 -1.53 -13.51 8.94
CA PRO B 510 -0.39 -13.18 9.80
C PRO B 510 -0.33 -11.73 10.26
N SER B 511 -1.26 -10.88 9.82
CA SER B 511 -1.36 -9.50 10.25
C SER B 511 -2.23 -9.32 11.48
N PHE B 512 -2.66 -10.41 12.12
CA PHE B 512 -3.62 -10.37 13.22
C PHE B 512 -2.97 -10.59 14.58
N GLY B 513 -1.65 -10.47 14.66
CA GLY B 513 -0.96 -10.57 15.93
C GLY B 513 -0.20 -9.32 16.32
N VAL B 514 0.64 -9.48 17.33
CA VAL B 514 1.49 -8.40 17.80
C VAL B 514 2.51 -8.08 16.72
N SER B 515 2.61 -6.81 16.36
CA SER B 515 3.44 -6.39 15.24
C SER B 515 4.88 -6.18 15.63
N GLY B 516 5.14 -5.77 16.86
CA GLY B 516 6.48 -5.71 17.39
C GLY B 516 7.16 -4.38 17.21
N ILE B 517 6.43 -3.30 17.48
CA ILE B 517 6.92 -1.93 17.35
C ILE B 517 7.01 -1.25 18.71
N ASN B 518 5.90 -1.15 19.41
CA ASN B 518 5.84 -0.72 20.80
C ASN B 518 4.41 -0.97 21.27
N GLU B 519 4.16 -0.66 22.54
CA GLU B 519 2.86 -0.93 23.15
C GLU B 519 1.74 -0.16 22.45
N SER B 520 1.87 1.16 22.36
CA SER B 520 0.86 1.99 21.71
C SER B 520 0.67 1.60 20.25
N ALA B 521 1.77 1.45 19.52
CA ALA B 521 1.69 1.18 18.11
C ALA B 521 1.11 -0.20 17.83
N ASP B 522 1.52 -1.19 18.61
CA ASP B 522 0.97 -2.54 18.43
C ASP B 522 -0.51 -2.57 18.75
N MET B 523 -0.93 -1.84 19.78
CA MET B 523 -2.35 -1.76 20.11
C MET B 523 -3.15 -1.16 18.96
N SER B 524 -2.71 0.01 18.47
CA SER B 524 -3.44 0.69 17.42
C SER B 524 -3.48 -0.14 16.14
N ILE B 525 -2.36 -0.73 15.77
CA ILE B 525 -2.30 -1.56 14.58
C ILE B 525 -3.22 -2.77 14.75
N GLY B 526 -3.25 -3.36 15.93
CA GLY B 526 -4.09 -4.51 16.16
C GLY B 526 -5.56 -4.24 15.97
N VAL B 527 -6.03 -3.11 16.48
CA VAL B 527 -7.45 -2.78 16.29
C VAL B 527 -7.73 -2.31 14.86
N THR B 528 -6.73 -1.69 14.22
CA THR B 528 -6.94 -1.11 12.91
C THR B 528 -7.01 -2.20 11.84
N VAL B 529 -6.25 -3.27 11.97
CA VAL B 529 -6.36 -4.35 10.99
C VAL B 529 -7.72 -5.04 11.12
N ILE B 530 -8.27 -5.13 12.33
CA ILE B 530 -9.59 -5.71 12.50
C ILE B 530 -10.63 -4.88 11.75
N LYS B 531 -10.63 -3.56 11.95
CA LYS B 531 -11.68 -2.80 11.25
C LYS B 531 -11.43 -2.74 9.75
N ASN B 532 -10.17 -2.75 9.32
CA ASN B 532 -9.88 -2.82 7.89
C ASN B 532 -10.42 -4.10 7.28
N ASN B 533 -10.11 -5.25 7.89
CA ASN B 533 -10.63 -6.52 7.40
C ASN B 533 -12.14 -6.60 7.49
N MET B 534 -12.76 -5.86 8.40
CA MET B 534 -14.21 -5.74 8.36
C MET B 534 -14.67 -4.99 7.12
N ILE B 535 -13.94 -3.95 6.71
CA ILE B 535 -14.32 -3.21 5.51
C ILE B 535 -13.98 -4.01 4.26
N ASN B 536 -12.70 -4.31 4.05
CA ASN B 536 -12.24 -4.80 2.76
C ASN B 536 -12.53 -6.28 2.58
N ASN B 537 -12.06 -7.11 3.50
CA ASN B 537 -12.40 -8.52 3.52
C ASN B 537 -13.79 -8.66 4.13
N ASP B 538 -14.18 -9.90 4.45
CA ASP B 538 -15.51 -10.19 4.96
C ASP B 538 -15.47 -10.76 6.37
N LEU B 539 -14.69 -10.14 7.24
CA LEU B 539 -14.65 -10.53 8.65
C LEU B 539 -15.91 -10.02 9.33
N GLY B 540 -16.70 -10.95 9.89
CA GLY B 540 -17.93 -10.59 10.52
C GLY B 540 -17.74 -9.97 11.88
N PRO B 541 -18.85 -9.55 12.49
CA PRO B 541 -18.74 -8.84 13.76
C PRO B 541 -18.41 -9.74 14.94
N ALA B 542 -19.04 -10.91 15.03
CA ALA B 542 -18.73 -11.84 16.10
C ALA B 542 -17.30 -12.32 16.03
N THR B 543 -16.86 -12.68 14.83
CA THR B 543 -15.49 -13.12 14.65
C THR B 543 -14.51 -12.00 14.97
N ALA B 544 -14.92 -10.74 14.74
CA ALA B 544 -14.11 -9.60 15.13
C ALA B 544 -14.03 -9.43 16.64
N GLN B 545 -15.12 -9.68 17.35
CA GLN B 545 -15.07 -9.69 18.81
C GLN B 545 -14.09 -10.75 19.31
N MET B 546 -14.17 -11.95 18.74
CA MET B 546 -13.22 -12.99 19.09
C MET B 546 -11.80 -12.58 18.78
N ALA B 547 -11.59 -11.93 17.63
CA ALA B 547 -10.27 -11.43 17.25
C ALA B 547 -9.74 -10.43 18.27
N LEU B 548 -10.57 -9.50 18.72
CA LEU B 548 -10.21 -8.63 19.83
C LEU B 548 -9.74 -9.42 21.03
N GLN B 549 -10.54 -10.37 21.49
CA GLN B 549 -10.20 -11.16 22.67
C GLN B 549 -8.84 -11.84 22.52
N LEU B 550 -8.62 -12.48 21.38
CA LEU B 550 -7.36 -13.19 21.16
C LEU B 550 -6.18 -12.25 21.02
N PHE B 551 -6.37 -11.12 20.32
CA PHE B 551 -5.34 -10.11 20.24
C PHE B 551 -4.96 -9.59 21.61
N ILE B 552 -5.93 -9.40 22.48
CA ILE B 552 -5.62 -8.86 23.80
C ILE B 552 -4.90 -9.90 24.64
N LYS B 553 -5.22 -11.18 24.48
CA LYS B 553 -4.43 -12.22 25.14
C LYS B 553 -2.98 -12.19 24.69
N ASP B 554 -2.74 -12.14 23.38
CA ASP B 554 -1.37 -12.09 22.88
C ASP B 554 -0.65 -10.83 23.34
N TYR B 555 -1.32 -9.69 23.29
CA TYR B 555 -0.77 -8.44 23.79
C TYR B 555 -0.33 -8.58 25.24
N ARG B 556 -1.21 -9.08 26.09
CA ARG B 556 -0.91 -9.17 27.51
C ARG B 556 0.22 -10.14 27.79
N TYR B 557 0.25 -11.27 27.10
CA TYR B 557 1.30 -12.25 27.36
C TYR B 557 2.64 -11.79 26.83
N THR B 558 2.67 -11.18 25.65
CA THR B 558 3.92 -10.63 25.13
C THR B 558 4.46 -9.55 26.05
N TYR B 559 3.67 -8.51 26.30
CA TYR B 559 4.16 -7.33 26.99
C TYR B 559 4.06 -7.42 28.51
N ARG B 560 3.58 -8.54 29.04
CA ARG B 560 3.62 -8.83 30.48
C ARG B 560 2.78 -7.83 31.26
N CYS B 561 1.59 -7.57 30.73
CA CYS B 561 0.68 -6.57 31.25
C CYS B 561 -0.66 -7.24 31.46
N HIS B 562 -0.81 -7.90 32.59
CA HIS B 562 -2.03 -8.59 32.96
C HIS B 562 -2.88 -7.70 33.86
N ARG B 563 -4.15 -8.09 33.99
CA ARG B 563 -5.24 -7.23 34.46
C ARG B 563 -4.92 -6.45 35.74
N GLY B 564 -4.03 -6.95 36.58
CA GLY B 564 -3.73 -6.31 37.86
C GLY B 564 -4.59 -6.81 39.01
N ASP B 565 -5.80 -7.27 38.71
CA ASP B 565 -6.60 -8.05 39.64
C ASP B 565 -6.41 -9.55 39.43
N THR B 566 -5.22 -9.95 39.01
CA THR B 566 -4.89 -11.34 38.69
C THR B 566 -3.72 -11.76 39.57
N GLN B 567 -3.43 -13.06 39.54
CA GLN B 567 -2.37 -13.66 40.33
C GLN B 567 -1.35 -14.34 39.42
N ILE B 568 -0.98 -13.67 38.34
CA ILE B 568 -0.05 -14.18 37.34
C ILE B 568 1.28 -13.49 37.61
N GLN B 569 2.27 -14.24 38.08
CA GLN B 569 3.54 -13.66 38.48
C GLN B 569 4.41 -13.47 37.25
N THR B 570 4.79 -12.21 37.00
CA THR B 570 5.70 -11.82 35.95
C THR B 570 6.77 -10.94 36.57
N ARG B 571 7.67 -10.41 35.73
CA ARG B 571 8.72 -9.55 36.25
C ARG B 571 8.21 -8.17 36.63
N ARG B 572 7.07 -7.73 36.09
CA ARG B 572 6.44 -6.48 36.47
C ARG B 572 5.00 -6.69 36.89
N SER B 573 4.76 -7.73 37.67
CA SER B 573 3.47 -7.95 38.28
C SER B 573 3.33 -7.23 39.62
N PHE B 574 4.41 -6.63 40.12
CA PHE B 574 4.41 -5.90 41.37
C PHE B 574 4.13 -4.42 41.16
N GLU B 575 4.81 -3.81 40.19
CA GLU B 575 4.55 -2.41 39.87
C GLU B 575 3.10 -2.21 39.46
N LEU B 576 2.56 -3.15 38.70
CA LEU B 576 1.20 -3.02 38.20
C LEU B 576 0.18 -3.13 39.32
N LYS B 577 0.45 -3.91 40.36
CA LYS B 577 -0.45 -4.01 41.49
C LYS B 577 -0.44 -2.75 42.32
N LYS B 578 0.75 -2.17 42.53
CA LYS B 578 0.85 -0.88 43.20
C LYS B 578 0.09 0.18 42.43
N LEU B 579 0.22 0.20 41.12
CA LEU B 579 -0.53 1.14 40.30
C LEU B 579 -2.04 0.88 40.40
N TRP B 580 -2.43 -0.39 40.45
CA TRP B 580 -3.83 -0.76 40.58
C TRP B 580 -4.42 -0.23 41.87
N GLU B 581 -3.69 -0.36 42.97
CA GLU B 581 -4.22 0.01 44.27
C GLU B 581 -4.20 1.53 44.50
N GLN B 582 -3.21 2.22 43.97
CA GLN B 582 -3.21 3.69 44.00
C GLN B 582 -4.44 4.24 43.29
N THR B 583 -4.87 3.59 42.22
CA THR B 583 -5.81 4.19 41.28
C THR B 583 -7.24 3.98 41.76
N ARG B 584 -8.02 5.04 41.66
CA ARG B 584 -9.43 5.02 42.02
C ARG B 584 -10.28 4.57 40.85
N SER B 585 -10.13 5.23 39.71
CA SER B 585 -10.86 4.88 38.49
C SER B 585 -10.02 3.88 37.71
N LYS B 586 -10.48 2.64 37.69
CA LYS B 586 -9.73 1.54 37.10
C LYS B 586 -10.11 1.26 35.65
N ALA B 587 -11.25 1.76 35.19
CA ALA B 587 -11.61 1.69 33.79
C ALA B 587 -10.87 2.71 32.93
N GLY B 588 -10.09 3.59 33.54
CA GLY B 588 -9.29 4.57 32.85
C GLY B 588 -7.87 4.17 32.60
N LEU B 589 -7.45 3.02 33.11
CA LEU B 589 -6.10 2.53 32.88
C LEU B 589 -6.01 1.83 31.54
N LEU B 590 -4.80 1.84 31.00
CA LEU B 590 -4.50 1.21 29.72
C LEU B 590 -4.15 -0.24 29.92
N VAL B 591 -4.43 -1.05 28.90
CA VAL B 591 -4.10 -2.47 28.92
C VAL B 591 -2.63 -2.70 29.19
N SER B 592 -1.77 -1.74 28.81
CA SER B 592 -0.34 -1.82 29.07
C SER B 592 0.02 -1.48 30.50
N ASP B 593 -0.90 -0.89 31.27
CA ASP B 593 -0.69 -0.57 32.66
C ASP B 593 -1.53 -1.44 33.60
N GLY B 594 -2.22 -2.43 33.06
CA GLY B 594 -2.96 -3.37 33.87
C GLY B 594 -4.40 -2.98 34.03
N GLY B 595 -5.07 -2.71 32.92
CA GLY B 595 -6.43 -2.23 32.92
C GLY B 595 -7.31 -3.02 32.00
N PRO B 596 -8.60 -2.75 32.02
CA PRO B 596 -9.55 -3.52 31.23
C PRO B 596 -9.57 -3.07 29.77
N ASN B 597 -10.37 -3.78 28.99
CA ASN B 597 -10.54 -3.53 27.57
C ASN B 597 -11.97 -3.06 27.34
N LEU B 598 -12.12 -1.81 26.90
CA LEU B 598 -13.41 -1.21 26.63
C LEU B 598 -13.72 -1.15 25.15
N TYR B 599 -13.05 -1.95 24.34
CA TYR B 599 -13.21 -1.91 22.90
C TYR B 599 -14.33 -2.83 22.44
N ASN B 600 -14.99 -2.42 21.37
CA ASN B 600 -15.98 -3.22 20.67
C ASN B 600 -16.09 -2.65 19.26
N ILE B 601 -16.98 -3.23 18.46
CA ILE B 601 -17.16 -2.82 17.08
C ILE B 601 -17.49 -1.34 16.99
N ARG B 602 -18.30 -0.86 17.93
CA ARG B 602 -18.74 0.53 17.98
C ARG B 602 -17.60 1.52 17.93
N ASN B 603 -16.45 1.19 18.52
CA ASN B 603 -15.41 2.17 18.80
C ASN B 603 -14.03 1.63 18.49
N LEU B 604 -13.88 0.93 17.38
CA LEU B 604 -12.58 0.43 16.94
C LEU B 604 -11.72 1.52 16.31
N HIS B 605 -12.28 2.67 15.99
CA HIS B 605 -11.61 3.72 15.24
C HIS B 605 -11.08 4.84 16.12
N ILE B 606 -10.93 4.60 17.42
CA ILE B 606 -10.55 5.63 18.39
C ILE B 606 -9.32 5.15 19.15
N PRO B 607 -8.31 5.99 19.40
CA PRO B 607 -7.16 5.49 20.17
C PRO B 607 -7.52 5.13 21.60
N GLU B 608 -6.53 4.59 22.30
CA GLU B 608 -6.71 4.07 23.66
C GLU B 608 -6.64 5.15 24.72
N VAL B 609 -6.19 6.35 24.38
CA VAL B 609 -6.07 7.43 25.34
C VAL B 609 -7.29 8.34 25.30
N CYS B 610 -7.83 8.58 24.11
CA CYS B 610 -9.04 9.36 23.98
C CYS B 610 -10.29 8.55 24.33
N LEU B 611 -10.24 7.24 24.08
CA LEU B 611 -11.30 6.35 24.53
C LEU B 611 -11.53 6.44 26.03
N LYS B 612 -10.45 6.57 26.79
CA LYS B 612 -10.48 6.66 28.25
C LYS B 612 -9.65 7.87 28.65
N TRP B 613 -10.29 9.03 28.66
CA TRP B 613 -9.69 10.30 29.06
C TRP B 613 -10.45 10.98 30.18
N GLU B 614 -11.75 10.78 30.25
CA GLU B 614 -12.57 11.22 31.36
C GLU B 614 -12.56 10.22 32.50
N LEU B 615 -12.18 8.98 32.25
CA LEU B 615 -12.08 7.95 33.26
C LEU B 615 -10.73 7.95 33.97
N MET B 616 -9.73 8.65 33.43
CA MET B 616 -8.42 8.65 34.05
C MET B 616 -8.41 9.49 35.31
N ASP B 617 -7.52 9.12 36.23
CA ASP B 617 -7.13 10.01 37.30
C ASP B 617 -6.15 11.04 36.77
N GLU B 618 -6.19 12.22 37.37
CA GLU B 618 -5.43 13.34 36.82
C GLU B 618 -3.93 13.15 36.99
N ASP B 619 -3.52 12.54 38.10
CA ASP B 619 -2.09 12.29 38.30
C ASP B 619 -1.56 11.29 37.29
N TYR B 620 -2.29 10.19 37.07
CA TYR B 620 -1.93 9.23 36.05
C TYR B 620 -1.93 9.87 34.67
N GLN B 621 -2.96 10.66 34.39
CA GLN B 621 -3.09 11.35 33.11
C GLN B 621 -1.90 12.27 32.85
N GLY B 622 -1.37 12.90 33.91
CA GLY B 622 -0.27 13.82 33.73
C GLY B 622 1.09 13.16 33.73
N ARG B 623 1.20 12.01 34.39
CA ARG B 623 2.44 11.24 34.35
C ARG B 623 2.61 10.57 33.00
N LEU B 624 1.60 9.82 32.58
CA LEU B 624 1.64 9.12 31.31
C LEU B 624 1.91 10.08 30.15
N CYS B 625 1.03 11.06 29.97
CA CYS B 625 1.18 12.05 28.91
C CYS B 625 1.96 13.23 29.46
N ASN B 626 3.29 13.14 29.37
CA ASN B 626 4.21 14.15 29.84
C ASN B 626 5.26 14.30 28.75
N PRO B 627 5.58 15.53 28.30
CA PRO B 627 6.63 15.68 27.29
C PRO B 627 8.03 15.47 27.82
N LEU B 628 8.25 15.60 29.13
CA LEU B 628 9.58 15.44 29.69
C LEU B 628 9.99 13.98 29.87
N ASN B 629 9.20 13.02 29.39
CA ASN B 629 9.55 11.63 29.56
C ASN B 629 10.81 11.28 28.78
N PRO B 630 11.66 10.38 29.29
CA PRO B 630 12.86 9.98 28.54
C PRO B 630 12.69 8.80 27.61
N PHE B 631 11.47 8.34 27.36
CA PHE B 631 11.23 7.13 26.60
C PHE B 631 10.82 7.41 25.16
N VAL B 632 10.27 8.58 24.90
CA VAL B 632 9.72 8.90 23.59
C VAL B 632 10.83 9.45 22.69
N SER B 633 10.73 9.17 21.40
CA SER B 633 11.65 9.72 20.41
C SER B 633 10.89 9.93 19.11
N HIS B 634 10.65 11.18 18.76
CA HIS B 634 10.13 11.57 17.45
C HIS B 634 11.27 12.29 16.72
N LYS B 635 11.52 11.87 15.47
CA LYS B 635 12.65 12.39 14.71
C LYS B 635 12.21 13.20 13.49
N GLU B 636 11.38 12.63 12.61
CA GLU B 636 10.97 13.31 11.39
C GLU B 636 9.54 12.93 11.05
N ILE B 637 8.84 13.86 10.39
CA ILE B 637 7.42 13.72 10.12
C ILE B 637 7.09 12.46 9.33
N GLU B 638 8.02 11.99 8.50
CA GLU B 638 7.77 10.81 7.69
C GLU B 638 7.94 9.51 8.46
N SER B 639 8.19 9.58 9.76
CA SER B 639 8.41 8.42 10.60
C SER B 639 7.73 8.55 11.95
N VAL B 640 6.72 9.41 12.06
CA VAL B 640 6.10 9.69 13.35
C VAL B 640 5.14 8.57 13.73
N ASN B 641 4.10 8.38 12.92
CA ASN B 641 3.12 7.34 13.14
C ASN B 641 3.02 6.59 11.84
N ASN B 642 4.00 5.71 11.63
CA ASN B 642 4.19 5.00 10.39
C ASN B 642 5.16 3.86 10.67
N ALA B 643 4.75 2.63 10.38
CA ALA B 643 5.56 1.46 10.70
C ALA B 643 5.60 0.51 9.52
N VAL B 644 6.74 -0.16 9.36
CA VAL B 644 6.88 -1.15 8.29
C VAL B 644 6.32 -2.48 8.77
N VAL B 645 5.43 -3.05 7.97
CA VAL B 645 4.83 -4.36 8.24
C VAL B 645 5.00 -5.22 7.00
N MET B 646 5.04 -6.54 7.24
CA MET B 646 5.54 -7.52 6.29
C MET B 646 4.45 -8.54 5.98
N PRO B 647 3.65 -8.33 4.94
CA PRO B 647 2.50 -9.20 4.68
C PRO B 647 2.91 -10.52 4.06
N ALA B 648 1.91 -11.37 3.83
CA ALA B 648 2.06 -12.56 3.00
C ALA B 648 1.79 -12.18 1.55
N HIS B 649 2.67 -12.64 0.65
CA HIS B 649 2.60 -12.31 -0.77
C HIS B 649 2.66 -10.80 -0.99
N GLY B 650 3.78 -10.21 -0.59
CA GLY B 650 4.07 -8.85 -0.95
C GLY B 650 5.39 -8.37 -0.38
N PRO B 651 5.76 -7.13 -0.70
CA PRO B 651 6.89 -6.50 -0.02
C PRO B 651 6.45 -5.78 1.25
N ALA B 652 7.45 -5.36 2.03
CA ALA B 652 7.21 -4.72 3.31
C ALA B 652 6.59 -3.34 3.08
N LYS B 653 5.29 -3.22 3.35
CA LYS B 653 4.58 -1.97 3.17
C LYS B 653 4.63 -1.15 4.45
N SER B 654 4.14 0.08 4.35
CA SER B 654 4.13 1.03 5.46
C SER B 654 2.70 1.31 5.89
N MET B 655 2.44 1.16 7.18
CA MET B 655 1.11 1.28 7.76
C MET B 655 1.04 2.51 8.66
N GLU B 656 -0.03 3.28 8.50
CA GLU B 656 -0.32 4.48 9.27
C GLU B 656 -1.25 4.11 10.42
N TYR B 657 -0.85 4.44 11.64
CA TYR B 657 -1.64 4.16 12.84
C TYR B 657 -1.89 5.44 13.64
N ASP B 658 -3.13 5.60 14.07
CA ASP B 658 -3.55 6.75 14.86
C ASP B 658 -3.27 6.51 16.33
N ALA B 659 -2.42 7.34 16.93
CA ALA B 659 -2.00 7.15 18.30
C ALA B 659 -1.55 8.48 18.90
N VAL B 660 -1.49 8.49 20.23
CA VAL B 660 -1.09 9.64 21.03
C VAL B 660 0.26 9.32 21.64
N ALA B 661 1.15 10.31 21.64
CA ALA B 661 2.49 10.11 22.16
C ALA B 661 2.47 10.02 23.67
N THR B 662 2.76 8.83 24.19
CA THR B 662 2.76 8.54 25.61
C THR B 662 4.12 7.97 25.98
N THR B 663 4.28 7.67 27.26
CA THR B 663 5.50 7.07 27.77
C THR B 663 5.67 5.62 27.33
N HIS B 664 4.63 5.01 26.78
CA HIS B 664 4.68 3.69 26.17
C HIS B 664 5.20 3.70 24.75
N SER B 665 5.55 4.86 24.21
CA SER B 665 5.98 4.98 22.82
C SER B 665 7.50 4.96 22.74
N TRP B 666 8.04 3.82 23.14
CA TRP B 666 9.48 3.60 23.26
C TRP B 666 10.04 2.92 22.02
N ILE B 667 11.36 3.03 21.86
CA ILE B 667 12.10 2.34 20.80
C ILE B 667 12.85 1.17 21.44
N PRO B 668 12.97 0.02 20.78
CA PRO B 668 13.80 -1.05 21.33
C PRO B 668 15.25 -0.98 20.87
N LYS B 669 16.06 -1.85 21.47
CA LYS B 669 17.51 -1.82 21.35
C LYS B 669 17.97 -2.46 20.04
N ARG B 670 19.29 -2.39 19.82
CA ARG B 670 19.93 -2.72 18.56
C ARG B 670 20.68 -4.05 18.63
N ASN B 671 21.16 -4.48 17.46
CA ASN B 671 21.66 -5.84 17.28
C ASN B 671 22.95 -6.07 18.04
N ARG B 672 23.89 -5.12 17.93
CA ARG B 672 25.12 -5.13 18.71
C ARG B 672 26.13 -6.19 18.30
N SER B 673 25.91 -6.87 17.16
CA SER B 673 26.88 -7.84 16.68
C SER B 673 28.08 -7.18 16.01
N ILE B 674 27.85 -6.06 15.33
CA ILE B 674 28.87 -5.34 14.59
C ILE B 674 30.04 -4.88 15.46
N LEU B 675 29.91 -4.95 16.79
CA LEU B 675 31.04 -4.67 17.66
C LEU B 675 32.20 -5.62 17.41
N ASN B 676 31.91 -6.83 16.96
CA ASN B 676 32.92 -7.88 16.84
C ASN B 676 33.52 -7.98 15.45
N THR B 677 33.23 -7.03 14.57
CA THR B 677 33.62 -7.11 13.17
C THR B 677 34.59 -5.99 12.81
N SER B 678 35.25 -6.16 11.67
CA SER B 678 36.20 -5.17 11.19
C SER B 678 35.50 -3.83 10.95
N GLN B 679 34.27 -3.87 10.46
CA GLN B 679 33.48 -2.68 10.23
C GLN B 679 32.76 -2.23 11.50
N ARG B 680 33.52 -2.05 12.57
CA ARG B 680 32.97 -1.51 13.81
C ARG B 680 32.97 0.01 13.79
N GLY B 681 33.88 0.63 13.05
CA GLY B 681 34.02 2.07 13.00
C GLY B 681 32.88 2.82 12.34
N ILE B 682 31.85 2.13 11.86
CA ILE B 682 30.68 2.82 11.34
C ILE B 682 29.82 3.34 12.47
N LEU B 683 29.83 2.64 13.61
CA LEU B 683 29.11 3.10 14.80
C LEU B 683 29.60 4.46 15.26
N GLU B 684 30.91 4.67 15.28
CA GLU B 684 31.45 5.93 15.78
C GLU B 684 31.07 7.08 14.88
N ASP B 685 31.13 6.86 13.57
CA ASP B 685 30.68 7.85 12.61
C ASP B 685 29.21 8.19 12.82
N GLU B 686 28.37 7.17 12.92
CA GLU B 686 26.94 7.36 13.20
C GLU B 686 26.74 8.20 14.45
N GLN B 687 27.47 7.87 15.52
CA GLN B 687 27.31 8.54 16.80
C GLN B 687 27.68 10.03 16.71
N MET B 688 28.82 10.31 16.08
CA MET B 688 29.27 11.70 15.95
C MET B 688 28.30 12.50 15.08
N TYR B 689 27.87 11.93 13.95
CA TYR B 689 26.90 12.60 13.09
C TYR B 689 25.62 12.89 13.85
N GLN B 690 25.21 12.00 14.75
CA GLN B 690 23.98 12.20 15.47
C GLN B 690 24.11 13.29 16.52
N LYS B 691 25.25 13.34 17.21
CA LYS B 691 25.56 14.48 18.07
C LYS B 691 25.41 15.81 17.32
N CYS B 692 26.11 15.94 16.19
CA CYS B 692 26.08 17.17 15.43
C CYS B 692 24.67 17.53 14.97
N CYS B 693 23.92 16.55 14.46
CA CYS B 693 22.59 16.83 13.95
C CYS B 693 21.63 17.21 15.07
N ASN B 694 21.74 16.55 16.23
CA ASN B 694 20.92 16.91 17.38
C ASN B 694 21.15 18.35 17.79
N LEU B 695 22.42 18.76 17.87
CA LEU B 695 22.72 20.14 18.20
C LEU B 695 22.15 21.09 17.16
N PHE B 696 22.24 20.73 15.88
CA PHE B 696 21.64 21.56 14.84
C PHE B 696 20.13 21.71 15.05
N GLU B 697 19.45 20.63 15.41
CA GLU B 697 18.01 20.77 15.69
C GLU B 697 17.76 21.60 16.93
N LYS B 698 18.72 21.65 17.86
CA LYS B 698 18.57 22.58 18.98
C LYS B 698 18.57 24.02 18.48
N PHE B 699 19.57 24.37 17.65
CA PHE B 699 19.61 25.73 17.12
C PHE B 699 18.46 25.98 16.14
N PHE B 700 18.32 25.14 15.12
CA PHE B 700 17.29 25.28 14.09
C PHE B 700 16.19 24.24 14.30
N PRO B 701 15.05 24.59 14.91
CA PRO B 701 14.08 23.55 15.24
C PRO B 701 13.36 22.97 14.04
N SER B 702 13.19 23.76 12.98
CA SER B 702 12.48 23.29 11.79
C SER B 702 13.26 22.30 10.96
N SER B 703 14.51 21.97 11.33
CA SER B 703 15.35 21.12 10.52
C SER B 703 14.82 19.70 10.39
N SER B 704 13.88 19.31 11.24
CA SER B 704 13.26 18.00 11.21
C SER B 704 11.90 17.98 10.53
N TYR B 705 11.32 19.15 10.24
CA TYR B 705 10.05 19.28 9.54
C TYR B 705 10.22 19.69 8.09
N ARG B 706 11.16 20.60 7.83
CA ARG B 706 11.47 21.10 6.51
C ARG B 706 12.95 20.91 6.26
N ARG B 707 13.30 20.46 5.06
CA ARG B 707 14.71 20.25 4.75
C ARG B 707 15.44 21.58 4.78
N PRO B 708 16.55 21.70 5.50
CA PRO B 708 17.34 22.94 5.42
C PRO B 708 17.93 23.13 4.04
N VAL B 709 18.41 24.35 3.81
CA VAL B 709 19.09 24.68 2.56
C VAL B 709 20.14 25.72 2.85
N GLY B 710 21.29 25.55 2.24
CA GLY B 710 22.43 26.40 2.50
C GLY B 710 23.71 25.78 2.00
N ILE B 711 24.74 26.62 1.97
CA ILE B 711 26.07 26.23 1.55
C ILE B 711 27.11 26.40 2.65
N SER B 712 26.79 27.14 3.70
CA SER B 712 27.72 27.36 4.79
C SER B 712 27.89 26.10 5.62
N SER B 713 29.03 26.01 6.29
CA SER B 713 29.20 24.97 7.29
C SER B 713 28.17 25.14 8.39
N MET B 714 27.85 24.03 9.05
CA MET B 714 26.80 24.05 10.05
C MET B 714 27.15 24.99 11.21
N VAL B 715 28.41 24.97 11.64
CA VAL B 715 28.85 25.82 12.76
C VAL B 715 28.62 27.29 12.47
N GLU B 716 28.78 27.71 11.21
CA GLU B 716 28.61 29.11 10.87
C GLU B 716 27.17 29.55 11.10
N ALA B 717 26.22 28.81 10.53
CA ALA B 717 24.81 29.11 10.73
C ALA B 717 24.44 29.04 12.20
N MET B 718 25.01 28.07 12.92
CA MET B 718 24.68 27.89 14.33
C MET B 718 25.10 29.10 15.15
N VAL B 719 26.37 29.51 15.02
CA VAL B 719 26.85 30.63 15.82
C VAL B 719 26.17 31.93 15.40
N SER B 720 25.87 32.08 14.10
CA SER B 720 25.14 33.26 13.65
C SER B 720 23.77 33.35 14.31
N ARG B 721 23.00 32.27 14.28
CA ARG B 721 21.68 32.30 14.89
C ARG B 721 21.78 32.50 16.39
N ALA B 722 22.84 32.00 17.03
CA ALA B 722 23.04 32.24 18.45
C ALA B 722 23.15 33.73 18.71
N ARG B 723 23.99 34.42 17.93
CA ARG B 723 24.15 35.86 18.12
C ARG B 723 22.83 36.60 17.90
N ILE B 724 22.10 36.23 16.85
CA ILE B 724 20.85 36.94 16.53
C ILE B 724 19.83 36.75 17.65
N ASP B 725 19.64 35.52 18.09
CA ASP B 725 18.64 35.27 19.13
C ASP B 725 19.05 35.94 20.44
N ALA B 726 20.36 35.97 20.73
CA ALA B 726 20.83 36.68 21.90
C ALA B 726 20.44 38.15 21.85
N ARG B 727 20.73 38.81 20.73
CA ARG B 727 20.39 40.23 20.60
C ARG B 727 18.89 40.45 20.75
N ILE B 728 18.09 39.70 19.99
CA ILE B 728 16.65 39.96 19.98
C ILE B 728 16.03 39.63 21.33
N ASP B 729 16.61 38.70 22.10
CA ASP B 729 16.07 38.34 23.39
C ASP B 729 16.59 39.22 24.52
N PHE B 730 17.71 39.91 24.30
CA PHE B 730 18.15 40.92 25.25
C PHE B 730 17.40 42.22 25.08
N GLU B 731 17.09 42.60 23.84
CA GLU B 731 16.49 43.90 23.56
C GLU B 731 15.19 44.09 24.32
N SER B 732 14.24 43.17 24.13
CA SER B 732 12.96 43.21 24.83
C SER B 732 12.63 41.77 25.24
N GLY B 733 13.05 41.40 26.45
CA GLY B 733 12.78 40.07 26.95
C GLY B 733 13.61 39.64 28.13
N ARG B 734 14.19 38.45 28.01
CA ARG B 734 14.69 37.69 29.15
C ARG B 734 16.17 37.85 29.41
N ILE B 735 16.98 38.00 28.36
CA ILE B 735 18.43 37.90 28.51
C ILE B 735 18.96 39.19 29.11
N LYS B 736 19.79 39.05 30.14
CA LYS B 736 20.47 40.17 30.77
C LYS B 736 21.83 40.39 30.11
N LYS B 737 22.66 41.22 30.71
CA LYS B 737 23.93 41.60 30.11
C LYS B 737 25.01 40.55 30.32
N GLU B 738 25.00 39.90 31.49
CA GLU B 738 26.03 38.90 31.80
C GLU B 738 25.94 37.73 30.83
N GLU B 739 24.74 37.18 30.65
CA GLU B 739 24.54 36.10 29.68
C GLU B 739 24.97 36.52 28.29
N PHE B 740 24.58 37.73 27.88
CA PHE B 740 24.94 38.24 26.57
C PHE B 740 26.44 38.23 26.36
N ALA B 741 27.18 38.83 27.29
CA ALA B 741 28.63 38.89 27.16
C ALA B 741 29.26 37.50 27.17
N GLU B 742 28.76 36.61 28.03
CA GLU B 742 29.37 35.29 28.14
C GLU B 742 29.16 34.47 26.86
N ILE B 743 27.94 34.47 26.33
CA ILE B 743 27.71 33.65 25.14
C ILE B 743 28.35 34.28 23.92
N MET B 744 28.48 35.61 23.88
CA MET B 744 29.25 36.21 22.79
C MET B 744 30.72 35.83 22.88
N LYS B 745 31.25 35.71 24.12
CA LYS B 745 32.60 35.23 24.30
C LYS B 745 32.75 33.80 23.78
N ILE B 746 31.76 32.95 24.06
CA ILE B 746 31.83 31.56 23.60
C ILE B 746 31.77 31.52 22.07
N CYS B 747 30.91 32.35 21.47
CA CYS B 747 30.87 32.47 20.01
C CYS B 747 32.23 32.87 19.45
N SER B 748 32.88 33.82 20.11
CA SER B 748 34.19 34.26 19.66
C SER B 748 35.19 33.11 19.69
N THR B 749 35.19 32.33 20.77
CA THR B 749 36.11 31.18 20.85
C THR B 749 35.77 30.13 19.79
N ILE B 750 34.49 29.93 19.49
CA ILE B 750 34.11 29.00 18.43
C ILE B 750 34.69 29.47 17.10
N GLU B 751 34.67 30.77 16.86
CA GLU B 751 35.28 31.29 15.64
C GLU B 751 36.79 31.07 15.64
N GLU B 752 37.46 31.35 16.76
CA GLU B 752 38.90 31.09 16.85
C GLU B 752 39.23 29.62 16.69
N LEU B 753 38.29 28.71 16.95
CA LEU B 753 38.55 27.30 16.72
C LEU B 753 38.29 26.90 15.27
N ARG B 754 37.26 27.47 14.63
CA ARG B 754 36.93 27.03 13.28
C ARG B 754 37.89 27.63 12.25
N ARG B 755 38.16 28.93 12.34
CA ARG B 755 38.93 29.60 11.30
C ARG B 755 40.41 29.29 11.36
N GLN B 756 40.88 28.59 12.40
CA GLN B 756 42.30 28.31 12.59
C GLN B 756 42.50 26.90 13.10
N MET C 1 22.30 29.40 25.83
CA MET C 1 23.41 29.48 26.82
C MET C 1 24.08 28.13 27.07
N GLU C 2 23.29 27.08 27.22
CA GLU C 2 23.84 25.75 27.45
C GLU C 2 24.17 25.03 26.15
N ARG C 3 23.44 25.35 25.07
CA ARG C 3 23.69 24.69 23.79
C ARG C 3 24.95 25.24 23.11
N ILE C 4 25.26 26.52 23.33
CA ILE C 4 26.50 27.07 22.80
C ILE C 4 27.69 26.45 23.50
N LYS C 5 27.55 26.09 24.79
CA LYS C 5 28.61 25.40 25.48
C LYS C 5 28.81 23.99 24.94
N GLU C 6 27.71 23.31 24.61
CA GLU C 6 27.82 22.01 23.97
C GLU C 6 28.51 22.13 22.62
N LEU C 7 28.21 23.20 21.87
CA LEU C 7 28.89 23.44 20.62
C LEU C 7 30.39 23.63 20.82
N ARG C 8 30.76 24.35 21.88
CA ARG C 8 32.19 24.48 22.20
C ARG C 8 32.80 23.12 22.51
N ASN C 9 32.08 22.29 23.26
CA ASN C 9 32.62 20.98 23.62
C ASN C 9 32.82 20.10 22.40
N LEU C 10 31.91 20.18 21.43
CA LEU C 10 32.08 19.45 20.18
C LEU C 10 33.25 19.99 19.39
N MET C 11 33.30 21.32 19.21
CA MET C 11 34.37 21.94 18.44
C MET C 11 35.74 21.72 19.06
N SER C 12 35.81 21.43 20.35
CA SER C 12 37.09 21.14 20.98
C SER C 12 37.66 19.83 20.47
N GLN C 13 36.80 18.85 20.20
CA GLN C 13 37.25 17.57 19.68
C GLN C 13 37.77 17.73 18.25
N SER C 14 38.31 16.64 17.71
CA SER C 14 38.99 16.65 16.42
C SER C 14 38.14 16.07 15.31
N ARG C 15 37.55 14.90 15.52
CA ARG C 15 36.68 14.31 14.51
C ARG C 15 35.38 15.10 14.39
N THR C 16 34.80 15.47 15.53
CA THR C 16 33.53 16.20 15.51
C THR C 16 33.73 17.61 14.96
N ARG C 17 34.86 18.24 15.26
CA ARG C 17 35.22 19.49 14.61
C ARG C 17 35.28 19.32 13.10
N GLU C 18 35.95 18.26 12.64
CA GLU C 18 36.07 18.00 11.22
C GLU C 18 34.71 17.76 10.57
N ILE C 19 33.75 17.25 11.33
CA ILE C 19 32.41 17.06 10.80
C ILE C 19 31.66 18.38 10.75
N LEU C 20 31.81 19.21 11.78
CA LEU C 20 31.05 20.45 11.83
C LEU C 20 31.54 21.44 10.78
N THR C 21 32.85 21.47 10.54
CA THR C 21 33.41 22.48 9.65
C THR C 21 33.28 22.10 8.18
N LYS C 22 33.58 20.85 7.84
CA LYS C 22 33.61 20.39 6.46
C LYS C 22 32.33 19.70 6.03
N THR C 23 31.19 20.15 6.54
CA THR C 23 29.89 19.55 6.22
C THR C 23 28.90 20.67 5.96
N THR C 24 28.47 20.80 4.71
CA THR C 24 27.46 21.78 4.37
C THR C 24 26.11 21.41 4.98
N VAL C 25 25.16 22.31 4.80
CA VAL C 25 23.84 22.13 5.39
C VAL C 25 22.96 21.23 4.51
N ASP C 26 23.20 21.21 3.19
CA ASP C 26 22.51 20.28 2.32
C ASP C 26 23.05 18.86 2.42
N HIS C 27 24.26 18.68 2.94
CA HIS C 27 24.80 17.36 3.22
C HIS C 27 24.36 16.81 4.57
N MET C 28 23.97 17.69 5.50
CA MET C 28 23.41 17.26 6.77
C MET C 28 22.24 16.32 6.56
N ALA C 29 21.44 16.58 5.52
CA ALA C 29 20.27 15.77 5.23
C ALA C 29 20.63 14.32 4.94
N ILE C 30 21.80 14.08 4.37
CA ILE C 30 22.20 12.73 4.02
C ILE C 30 22.82 12.03 5.23
N ILE C 31 23.73 12.71 5.93
CA ILE C 31 24.42 12.08 7.05
C ILE C 31 23.51 11.89 8.25
N LYS C 32 22.38 12.59 8.32
CA LYS C 32 21.45 12.34 9.42
C LYS C 32 20.73 11.00 9.28
N LYS C 33 20.76 10.40 8.08
CA LYS C 33 20.21 9.08 7.84
C LYS C 33 21.29 8.02 7.67
N TYR C 34 22.48 8.28 8.20
CA TYR C 34 23.60 7.36 8.14
C TYR C 34 23.55 6.44 9.35
N THR C 35 23.86 5.17 9.13
CA THR C 35 23.70 4.17 10.18
C THR C 35 24.31 2.85 9.73
N SER C 36 24.44 1.93 10.68
CA SER C 36 24.86 0.57 10.38
C SER C 36 23.70 -0.29 9.92
N GLY C 37 22.53 -0.04 10.48
CA GLY C 37 21.33 -0.77 10.14
C GLY C 37 20.25 -0.60 11.19
N ARG C 38 19.03 -0.37 10.74
CA ARG C 38 17.88 -0.15 11.61
C ARG C 38 16.67 -0.88 11.06
N GLN C 39 16.87 -2.12 10.60
CA GLN C 39 15.84 -2.88 9.90
C GLN C 39 15.65 -4.22 10.61
N GLU C 40 14.42 -4.47 11.04
CA GLU C 40 14.00 -5.80 11.45
C GLU C 40 13.22 -6.44 10.32
N LYS C 41 13.57 -7.68 9.99
CA LYS C 41 12.87 -8.44 8.97
C LYS C 41 11.82 -9.37 9.56
N ASN C 42 11.79 -9.53 10.88
CA ASN C 42 10.63 -10.08 11.57
C ASN C 42 10.54 -9.38 12.92
N PRO C 43 9.75 -8.30 13.03
CA PRO C 43 9.72 -7.56 14.30
C PRO C 43 8.94 -8.26 15.41
N SER C 44 7.94 -9.05 15.03
CA SER C 44 7.15 -9.81 15.99
C SER C 44 8.03 -10.76 16.79
N LEU C 45 8.82 -11.58 16.09
CA LEU C 45 9.70 -12.52 16.75
C LEU C 45 10.74 -11.81 17.60
N ARG C 46 11.24 -10.68 17.12
CA ARG C 46 12.21 -9.94 17.90
C ARG C 46 11.60 -9.41 19.19
N MET C 47 10.34 -8.98 19.14
CA MET C 47 9.69 -8.52 20.35
C MET C 47 9.50 -9.66 21.33
N LYS C 48 8.94 -10.77 20.86
CA LYS C 48 8.79 -11.96 21.71
C LYS C 48 10.11 -12.37 22.34
N TRP C 49 11.20 -12.36 21.57
CA TRP C 49 12.51 -12.77 22.07
C TRP C 49 13.10 -11.73 23.02
N MET C 50 12.91 -10.45 22.75
CA MET C 50 13.51 -9.40 23.54
C MET C 50 12.74 -9.12 24.83
N MET C 51 11.42 -9.16 24.78
CA MET C 51 10.68 -8.97 26.02
C MET C 51 10.76 -10.16 26.96
N ALA C 52 11.43 -11.24 26.54
CA ALA C 52 11.83 -12.30 27.44
C ALA C 52 13.13 -12.02 28.18
N MET C 53 13.91 -11.02 27.75
CA MET C 53 15.19 -10.70 28.37
C MET C 53 15.10 -9.40 29.15
N LYS C 54 16.11 -9.18 29.98
CA LYS C 54 16.21 -7.97 30.76
C LYS C 54 16.78 -6.84 29.92
N TYR C 55 16.25 -5.65 30.15
CA TYR C 55 16.68 -4.42 29.50
C TYR C 55 16.52 -4.43 27.98
N PRO C 56 15.31 -4.61 27.44
CA PRO C 56 15.13 -4.52 25.99
C PRO C 56 14.80 -3.14 25.46
N ILE C 57 14.47 -2.20 26.34
CA ILE C 57 14.00 -0.88 25.94
C ILE C 57 15.16 0.08 26.06
N THR C 58 15.08 1.22 25.39
CA THR C 58 16.09 2.26 25.49
C THR C 58 15.45 3.58 25.88
N ALA C 59 16.27 4.44 26.48
CA ALA C 59 15.83 5.74 26.94
C ALA C 59 17.02 6.69 26.99
N ASP C 60 16.71 7.98 27.05
CA ASP C 60 17.73 8.99 27.28
C ASP C 60 18.46 8.72 28.57
N LYS C 61 19.66 9.29 28.69
CA LYS C 61 20.51 9.04 29.84
C LYS C 61 20.10 9.87 31.06
N ARG C 62 19.39 10.97 30.86
CA ARG C 62 18.90 11.77 31.98
C ARG C 62 17.88 11.03 32.84
N ILE C 63 17.35 9.90 32.37
CA ILE C 63 16.56 9.02 33.23
C ILE C 63 17.33 8.61 34.46
N THR C 64 18.67 8.58 34.37
CA THR C 64 19.50 8.26 35.51
C THR C 64 19.33 9.24 36.67
N GLU C 65 18.83 10.45 36.41
CA GLU C 65 18.57 11.44 37.46
C GLU C 65 17.08 11.69 37.68
N MET C 66 16.22 10.83 37.15
CA MET C 66 14.77 10.98 37.23
C MET C 66 14.11 9.73 37.78
N VAL C 67 14.67 8.57 37.53
CA VAL C 67 14.17 7.28 37.98
C VAL C 67 15.31 6.62 38.76
N PRO C 68 15.05 5.86 39.83
CA PRO C 68 16.16 5.22 40.53
C PRO C 68 16.62 3.93 39.87
N GLU C 69 17.82 3.50 40.25
CA GLU C 69 18.41 2.31 39.66
C GLU C 69 17.61 1.06 40.00
N ARG C 70 16.97 1.04 41.16
CA ARG C 70 16.13 -0.09 41.51
C ARG C 70 15.09 0.36 42.53
N ASN C 71 14.04 -0.44 42.63
CA ASN C 71 12.88 -0.16 43.45
C ASN C 71 13.01 -0.83 44.81
N GLU C 72 11.92 -0.81 45.59
CA GLU C 72 11.96 -1.29 46.96
C GLU C 72 12.12 -2.80 47.02
N GLN C 73 11.51 -3.52 46.08
CA GLN C 73 11.71 -4.97 46.00
C GLN C 73 13.10 -5.36 45.53
N GLY C 74 13.88 -4.41 45.01
CA GLY C 74 15.22 -4.69 44.55
C GLY C 74 15.35 -4.96 43.06
N GLN C 75 14.29 -4.70 42.29
CA GLN C 75 14.33 -4.93 40.86
C GLN C 75 15.01 -3.75 40.17
N THR C 76 15.99 -4.03 39.33
CA THR C 76 16.69 -2.98 38.63
C THR C 76 15.82 -2.44 37.49
N LEU C 77 15.83 -1.13 37.36
CA LEU C 77 15.01 -0.41 36.40
C LEU C 77 15.79 0.10 35.21
N TRP C 78 17.09 0.33 35.35
CA TRP C 78 17.91 0.67 34.21
C TRP C 78 19.31 0.14 34.43
N SER C 79 20.05 0.07 33.33
CA SER C 79 21.41 -0.44 33.29
C SER C 79 22.39 0.67 32.94
N LYS C 80 23.67 0.36 33.14
CA LYS C 80 24.76 1.25 32.80
C LYS C 80 25.26 1.04 31.38
N MET C 81 24.78 0.01 30.69
CA MET C 81 25.19 -0.27 29.32
C MET C 81 24.41 0.63 28.36
N SER C 82 25.09 1.07 27.30
CA SER C 82 24.55 2.01 26.35
C SER C 82 24.23 1.31 25.03
N ASP C 83 23.26 1.87 24.31
CA ASP C 83 22.93 1.35 23.00
C ASP C 83 24.10 1.54 22.04
N ALA C 84 23.96 1.00 20.83
CA ALA C 84 25.10 0.85 19.95
C ALA C 84 25.52 2.18 19.35
N GLY C 85 24.64 2.79 18.55
CA GLY C 85 24.93 4.04 17.89
C GLY C 85 24.29 5.26 18.52
N SER C 86 24.32 5.33 19.85
CA SER C 86 23.56 6.34 20.56
C SER C 86 24.17 6.58 21.93
N ASP C 87 23.74 7.68 22.55
CA ASP C 87 24.00 7.93 23.96
C ASP C 87 22.96 7.28 24.86
N ARG C 88 21.86 6.81 24.29
CA ARG C 88 20.77 6.23 25.06
C ARG C 88 21.26 5.00 25.82
N VAL C 89 20.58 4.72 26.93
CA VAL C 89 20.90 3.61 27.82
C VAL C 89 19.74 2.63 27.82
N MET C 90 20.07 1.37 28.09
CA MET C 90 19.08 0.32 28.11
C MET C 90 18.35 0.26 29.44
N VAL C 91 17.02 0.12 29.36
CA VAL C 91 16.16 0.07 30.52
C VAL C 91 15.11 -1.02 30.28
N SER C 92 14.36 -1.31 31.32
CA SER C 92 13.35 -2.34 31.35
C SER C 92 11.96 -1.74 31.19
N PRO C 93 10.93 -2.58 31.01
CA PRO C 93 9.56 -2.08 31.04
C PRO C 93 9.03 -1.77 32.44
N LEU C 94 9.86 -1.86 33.46
CA LEU C 94 9.46 -1.53 34.82
C LEU C 94 9.68 -0.06 35.13
N ALA C 95 10.68 0.55 34.50
CA ALA C 95 10.86 1.99 34.58
C ALA C 95 9.63 2.73 34.08
N VAL C 96 8.93 2.16 33.10
CA VAL C 96 7.75 2.80 32.54
C VAL C 96 6.62 2.84 33.56
N THR C 97 6.30 1.69 34.16
CA THR C 97 5.22 1.65 35.12
C THR C 97 5.59 2.39 36.40
N TRP C 98 6.88 2.39 36.76
CA TRP C 98 7.32 3.22 37.86
C TRP C 98 7.05 4.69 37.56
N TRP C 99 7.38 5.14 36.36
CA TRP C 99 7.12 6.53 35.99
C TRP C 99 5.62 6.83 36.05
N ASN C 100 4.80 5.87 35.66
CA ASN C 100 3.37 6.12 35.58
C ASN C 100 2.67 6.02 36.93
N ARG C 101 3.32 5.44 37.94
CA ARG C 101 2.75 5.41 39.29
C ARG C 101 3.41 6.40 40.24
N ASN C 102 4.64 6.85 39.94
CA ASN C 102 5.40 7.68 40.86
C ASN C 102 6.16 8.81 40.18
N GLY C 103 5.92 9.08 38.91
CA GLY C 103 6.70 10.04 38.18
C GLY C 103 6.15 11.45 38.22
N PRO C 104 6.89 12.41 37.65
CA PRO C 104 6.43 13.80 37.63
C PRO C 104 5.12 13.98 36.89
N MET C 105 4.40 15.04 37.26
CA MET C 105 3.10 15.37 36.73
C MET C 105 3.18 16.64 35.88
N THR C 106 2.15 16.83 35.06
CA THR C 106 1.99 18.01 34.24
C THR C 106 0.51 18.36 34.18
N SER C 107 0.18 19.34 33.35
CA SER C 107 -1.19 19.74 33.07
C SER C 107 -1.55 19.29 31.67
N THR C 108 -2.71 18.64 31.56
CA THR C 108 -3.13 17.98 30.32
C THR C 108 -4.42 18.59 29.82
N VAL C 109 -4.46 19.93 29.80
CA VAL C 109 -5.64 20.68 29.39
C VAL C 109 -5.48 21.14 27.96
N HIS C 110 -4.23 21.38 27.54
CA HIS C 110 -3.95 21.67 26.14
C HIS C 110 -4.17 20.46 25.24
N TYR C 111 -4.11 19.24 25.79
CA TYR C 111 -4.02 18.05 24.95
C TYR C 111 -5.24 17.81 24.08
N PRO C 112 -6.48 18.06 24.51
CA PRO C 112 -7.62 17.84 23.59
C PRO C 112 -7.72 18.85 22.47
N LYS C 113 -6.87 19.88 22.43
CA LYS C 113 -6.88 20.86 21.37
C LYS C 113 -5.82 20.58 20.31
N VAL C 114 -4.67 20.06 20.73
CA VAL C 114 -3.67 19.58 19.78
C VAL C 114 -4.21 18.39 19.01
N TYR C 115 -4.57 17.32 19.74
CA TYR C 115 -5.12 16.11 19.13
C TYR C 115 -6.61 16.26 18.91
N LYS C 116 -6.98 17.29 18.14
CA LYS C 116 -8.38 17.67 18.04
C LYS C 116 -9.19 16.63 17.29
N THR C 117 -8.63 16.04 16.24
CA THR C 117 -9.36 15.07 15.41
C THR C 117 -9.84 13.88 16.23
N TYR C 118 -8.97 13.33 17.06
CA TYR C 118 -9.29 12.15 17.85
C TYR C 118 -10.44 12.43 18.82
N PHE C 119 -10.29 13.48 19.63
CA PHE C 119 -11.35 13.82 20.57
C PHE C 119 -12.63 14.25 19.87
N GLU C 120 -12.53 14.73 18.63
CA GLU C 120 -13.73 15.02 17.86
C GLU C 120 -14.46 13.73 17.51
N LYS C 121 -13.71 12.69 17.13
CA LYS C 121 -14.31 11.38 16.94
C LYS C 121 -15.00 10.89 18.20
N VAL C 122 -14.34 11.08 19.35
CA VAL C 122 -14.91 10.70 20.63
C VAL C 122 -16.25 11.38 20.84
N GLU C 123 -16.26 12.71 20.82
CA GLU C 123 -17.50 13.46 21.06
C GLU C 123 -18.56 13.17 20.01
N ARG C 124 -18.15 12.79 18.80
CA ARG C 124 -19.08 12.51 17.72
C ARG C 124 -19.68 11.12 17.82
N LEU C 125 -19.01 10.19 18.50
CA LEU C 125 -19.62 8.91 18.84
C LEU C 125 -20.48 9.00 20.08
N LYS C 126 -20.11 9.87 21.03
CA LYS C 126 -20.86 10.00 22.26
C LYS C 126 -22.28 10.50 21.99
N HIS C 127 -22.41 11.55 21.17
CA HIS C 127 -23.69 12.16 20.86
C HIS C 127 -24.33 11.59 19.62
N GLY C 128 -24.03 10.34 19.29
CA GLY C 128 -24.67 9.66 18.18
C GLY C 128 -25.94 8.94 18.59
N THR C 129 -26.77 8.65 17.60
CA THR C 129 -28.08 8.07 17.80
C THR C 129 -28.19 6.81 16.96
N PHE C 130 -28.19 5.66 17.60
CA PHE C 130 -28.32 4.39 16.91
C PHE C 130 -29.78 4.11 16.58
N GLY C 131 -29.96 3.19 15.64
CA GLY C 131 -31.27 2.75 15.22
C GLY C 131 -31.27 1.26 14.97
N PRO C 132 -32.35 0.76 14.38
CA PRO C 132 -32.47 -0.69 14.18
C PRO C 132 -31.47 -1.27 13.21
N VAL C 133 -31.52 -2.59 13.04
CA VAL C 133 -30.66 -3.32 12.11
C VAL C 133 -31.55 -3.99 11.09
N HIS C 134 -31.17 -3.88 9.82
CA HIS C 134 -31.93 -4.42 8.71
C HIS C 134 -31.06 -5.41 7.96
N PHE C 135 -31.54 -6.63 7.82
CA PHE C 135 -30.84 -7.66 7.06
C PHE C 135 -31.35 -7.66 5.64
N ARG C 136 -30.45 -7.69 4.68
CA ARG C 136 -30.83 -7.62 3.27
C ARG C 136 -29.62 -7.92 2.40
N ASN C 137 -29.85 -7.92 1.10
CA ASN C 137 -28.81 -8.17 0.12
C ASN C 137 -28.17 -6.85 -0.29
N GLN C 138 -26.88 -6.76 -0.02
CA GLN C 138 -26.13 -5.53 -0.10
C GLN C 138 -25.07 -5.61 -1.18
N VAL C 139 -24.94 -4.54 -1.95
CA VAL C 139 -23.94 -4.44 -3.01
C VAL C 139 -23.05 -3.25 -2.70
N LYS C 140 -21.76 -3.52 -2.55
CA LYS C 140 -20.76 -2.51 -2.30
C LYS C 140 -20.01 -2.20 -3.59
N ILE C 141 -19.68 -0.93 -3.81
CA ILE C 141 -18.93 -0.50 -4.98
C ILE C 141 -17.69 0.25 -4.51
N ARG C 142 -16.58 0.05 -5.21
CA ARG C 142 -15.29 0.60 -4.80
C ARG C 142 -15.11 2.01 -5.33
N ARG C 143 -14.69 2.91 -4.46
CA ARG C 143 -14.65 4.33 -4.75
C ARG C 143 -13.58 5.02 -3.93
N ARG C 144 -13.12 6.16 -4.46
CA ARG C 144 -12.25 7.06 -3.73
C ARG C 144 -13.08 7.94 -2.82
N VAL C 145 -12.73 7.96 -1.54
CA VAL C 145 -13.49 8.64 -0.50
C VAL C 145 -12.52 9.29 0.46
N ASP C 146 -13.02 10.28 1.18
CA ASP C 146 -12.19 11.12 2.05
C ASP C 146 -12.12 10.53 3.45
N ILE C 147 -10.90 10.38 3.96
CA ILE C 147 -10.69 10.10 5.37
C ILE C 147 -10.80 11.39 6.17
N ASN C 148 -9.97 12.37 5.81
CA ASN C 148 -9.98 13.70 6.38
C ASN C 148 -10.47 14.68 5.33
N PRO C 149 -11.56 15.43 5.54
CA PRO C 149 -12.01 16.35 4.50
C PRO C 149 -11.20 17.63 4.41
N GLY C 150 -10.40 17.93 5.42
CA GLY C 150 -9.56 19.11 5.38
C GLY C 150 -10.33 20.42 5.45
N HIS C 151 -9.59 21.52 5.52
CA HIS C 151 -10.18 22.84 5.45
C HIS C 151 -10.38 23.22 4.00
N ALA C 152 -11.60 23.61 3.66
CA ALA C 152 -11.99 23.82 2.26
C ALA C 152 -11.33 25.03 1.62
N ASP C 153 -10.62 25.87 2.38
CA ASP C 153 -10.13 27.14 1.88
C ASP C 153 -8.65 27.12 1.51
N LEU C 154 -7.89 26.14 1.97
CA LEU C 154 -6.44 26.28 2.04
C LEU C 154 -5.70 25.62 0.88
N SER C 155 -6.31 24.68 0.18
CA SER C 155 -5.79 24.11 -1.06
C SER C 155 -4.60 23.16 -0.88
N ALA C 156 -4.13 22.94 0.35
CA ALA C 156 -3.08 21.99 0.72
C ALA C 156 -1.68 22.46 0.35
N LYS C 157 -1.52 23.68 -0.16
CA LYS C 157 -0.22 24.33 -0.28
C LYS C 157 -0.11 25.54 0.65
N GLU C 158 -1.22 26.24 0.88
CA GLU C 158 -1.26 27.27 1.89
C GLU C 158 -1.24 26.69 3.29
N ALA C 159 -1.84 25.50 3.46
CA ALA C 159 -1.94 24.88 4.77
C ALA C 159 -0.57 24.61 5.38
N GLN C 160 0.41 24.26 4.57
CA GLN C 160 1.73 23.96 5.10
C GLN C 160 2.43 25.22 5.58
N ASP C 161 2.24 26.34 4.89
CA ASP C 161 2.79 27.60 5.37
C ASP C 161 2.04 28.12 6.58
N VAL C 162 0.75 27.81 6.69
CA VAL C 162 0.01 28.12 7.91
C VAL C 162 0.59 27.35 9.08
N ILE C 163 0.81 26.04 8.89
CA ILE C 163 1.45 25.21 9.90
C ILE C 163 2.81 25.78 10.26
N MET C 164 3.53 26.28 9.26
CA MET C 164 4.85 26.84 9.52
C MET C 164 4.75 28.09 10.37
N GLU C 165 3.81 28.98 10.06
CA GLU C 165 3.71 30.23 10.80
C GLU C 165 3.22 30.01 12.23
N VAL C 166 2.32 29.04 12.42
CA VAL C 166 1.83 28.77 13.77
C VAL C 166 2.94 28.20 14.64
N VAL C 167 3.59 27.15 14.18
CA VAL C 167 4.53 26.39 15.01
C VAL C 167 5.94 26.96 14.94
N PHE C 168 6.41 27.32 13.75
CA PHE C 168 7.78 27.78 13.52
C PHE C 168 7.73 29.17 12.90
N PRO C 169 7.44 30.20 13.68
CA PRO C 169 7.11 31.50 13.08
C PRO C 169 8.31 32.28 12.58
N ASN C 170 9.52 31.97 13.04
CA ASN C 170 10.72 32.66 12.62
C ASN C 170 11.47 31.97 11.49
N GLU C 171 11.17 30.70 11.23
CA GLU C 171 11.85 29.92 10.21
C GLU C 171 11.03 29.78 8.93
N VAL C 172 10.10 30.71 8.69
CA VAL C 172 9.20 30.59 7.55
C VAL C 172 9.76 31.28 6.31
N GLY C 173 10.53 32.33 6.47
CA GLY C 173 11.21 32.98 5.35
C GLY C 173 10.41 34.16 4.82
N ALA C 174 10.23 34.20 3.50
CA ALA C 174 9.65 35.34 2.82
C ALA C 174 8.14 35.28 2.67
N ARG C 175 7.54 34.11 2.84
CA ARG C 175 6.13 33.92 2.53
C ARG C 175 5.28 34.75 3.48
N ILE C 176 4.59 35.75 2.94
CA ILE C 176 3.53 36.42 3.65
C ILE C 176 2.24 35.65 3.42
N LEU C 177 1.28 35.82 4.32
CA LEU C 177 -0.04 35.23 4.20
C LEU C 177 -0.99 36.26 3.60
N THR C 178 -1.83 35.81 2.68
CA THR C 178 -2.66 36.67 1.86
C THR C 178 -4.14 36.55 2.20
N SER C 179 -4.70 35.35 2.10
CA SER C 179 -6.13 35.16 2.31
C SER C 179 -6.52 35.47 3.75
N GLU C 180 -7.80 35.78 3.94
CA GLU C 180 -8.30 36.12 5.25
C GLU C 180 -8.49 34.88 6.11
N SER C 181 -8.90 33.77 5.49
CA SER C 181 -9.04 32.52 6.23
C SER C 181 -7.71 32.06 6.81
N GLN C 182 -6.61 32.29 6.08
CA GLN C 182 -5.28 31.99 6.62
C GLN C 182 -5.03 32.76 7.90
N LEU C 183 -5.31 34.06 7.91
CA LEU C 183 -5.08 34.86 9.10
C LEU C 183 -5.98 34.44 10.24
N THR C 184 -7.24 34.11 9.93
CA THR C 184 -8.17 33.64 10.95
C THR C 184 -7.66 32.38 11.62
N ILE C 185 -7.35 31.36 10.82
CA ILE C 185 -6.86 30.10 11.35
C ILE C 185 -5.56 30.33 12.12
N THR C 186 -4.70 31.21 11.60
CA THR C 186 -3.41 31.45 12.23
C THR C 186 -3.58 32.04 13.62
N LYS C 187 -4.42 33.08 13.74
CA LYS C 187 -4.60 33.70 15.04
C LYS C 187 -5.29 32.75 16.01
N GLU C 188 -6.26 31.98 15.52
CA GLU C 188 -6.96 31.02 16.38
C GLU C 188 -5.99 29.98 16.95
N LYS C 189 -5.29 29.27 16.06
CA LYS C 189 -4.35 28.25 16.50
C LYS C 189 -3.14 28.83 17.22
N LYS C 190 -2.88 30.12 17.06
CA LYS C 190 -1.73 30.75 17.69
C LYS C 190 -2.04 31.21 19.11
N GLU C 191 -3.28 31.64 19.38
CA GLU C 191 -3.66 31.96 20.75
C GLU C 191 -4.04 30.71 21.52
N GLU C 192 -4.57 29.68 20.86
CA GLU C 192 -4.77 28.39 21.52
C GLU C 192 -3.45 27.80 21.97
N LEU C 193 -2.58 27.48 21.02
CA LEU C 193 -1.25 26.93 21.29
C LEU C 193 -0.29 28.09 21.48
N GLN C 194 -0.29 28.62 22.70
CA GLN C 194 0.52 29.79 23.03
C GLN C 194 1.88 29.38 23.61
N ASP C 195 1.86 28.67 24.75
CA ASP C 195 3.06 28.26 25.46
C ASP C 195 3.01 26.78 25.78
N CYS C 196 2.65 25.98 24.77
CA CYS C 196 2.62 24.54 24.93
C CYS C 196 4.03 23.98 24.77
N LYS C 197 4.24 22.80 25.34
CA LYS C 197 5.52 22.12 25.29
C LYS C 197 5.34 20.64 24.99
N ILE C 198 4.38 20.31 24.12
CA ILE C 198 4.13 18.91 23.77
C ILE C 198 5.25 18.46 22.86
N SER C 199 5.27 18.98 21.65
CA SER C 199 6.41 18.97 20.74
C SER C 199 5.98 19.73 19.49
N PRO C 200 6.87 20.50 18.84
CA PRO C 200 6.46 21.13 17.58
C PRO C 200 6.16 20.13 16.48
N LEU C 201 6.90 19.04 16.45
CA LEU C 201 6.73 18.04 15.40
C LEU C 201 5.38 17.37 15.48
N MET C 202 4.95 17.00 16.68
CA MET C 202 3.65 16.36 16.84
C MET C 202 2.52 17.35 16.61
N VAL C 203 2.69 18.59 17.06
CA VAL C 203 1.70 19.63 16.79
C VAL C 203 1.54 19.83 15.30
N ALA C 204 2.64 19.80 14.56
CA ALA C 204 2.58 19.96 13.11
C ALA C 204 1.91 18.77 12.44
N TYR C 205 2.26 17.55 12.87
CA TYR C 205 1.61 16.35 12.34
C TYR C 205 0.10 16.41 12.55
N MET C 206 -0.33 16.83 13.73
CA MET C 206 -1.76 16.86 14.01
C MET C 206 -2.45 18.01 13.29
N LEU C 207 -1.78 19.14 13.10
CA LEU C 207 -2.36 20.21 12.30
C LEU C 207 -2.50 19.79 10.85
N GLU C 208 -1.54 19.02 10.33
CA GLU C 208 -1.70 18.46 9.00
C GLU C 208 -2.91 17.55 8.93
N ARG C 209 -3.05 16.63 9.88
CA ARG C 209 -4.23 15.77 9.91
C ARG C 209 -5.51 16.58 10.02
N GLU C 210 -5.45 17.77 10.61
CA GLU C 210 -6.61 18.65 10.67
C GLU C 210 -6.92 19.27 9.31
N LEU C 211 -5.90 19.86 8.66
CA LEU C 211 -6.12 20.81 7.58
C LEU C 211 -6.03 20.19 6.19
N VAL C 212 -5.08 19.31 5.92
CA VAL C 212 -4.90 18.80 4.57
C VAL C 212 -5.84 17.62 4.34
N ARG C 213 -6.17 17.39 3.08
CA ARG C 213 -7.12 16.39 2.66
C ARG C 213 -6.41 15.07 2.38
N LYS C 214 -7.16 13.98 2.51
CA LYS C 214 -6.59 12.64 2.43
C LYS C 214 -7.67 11.68 1.97
N THR C 215 -7.35 10.88 0.97
CA THR C 215 -8.30 10.03 0.28
C THR C 215 -7.85 8.58 0.30
N ARG C 216 -8.78 7.70 -0.06
CA ARG C 216 -8.50 6.27 -0.08
C ARG C 216 -9.58 5.57 -0.91
N PHE C 217 -9.16 4.51 -1.59
CA PHE C 217 -10.08 3.64 -2.29
C PHE C 217 -10.61 2.59 -1.32
N LEU C 218 -11.92 2.46 -1.24
CA LEU C 218 -12.53 1.45 -0.38
C LEU C 218 -13.84 0.98 -1.00
N PRO C 219 -14.34 -0.19 -0.61
CA PRO C 219 -15.71 -0.56 -0.98
C PRO C 219 -16.72 0.08 -0.06
N VAL C 220 -17.74 0.68 -0.66
CA VAL C 220 -18.65 1.58 0.02
C VAL C 220 -20.08 1.20 -0.33
N ALA C 221 -20.92 1.22 0.69
CA ALA C 221 -22.36 1.32 0.55
C ALA C 221 -22.84 2.43 1.49
N GLY C 222 -23.95 3.05 1.13
CA GLY C 222 -24.46 4.14 1.94
C GLY C 222 -23.67 5.41 1.74
N GLY C 223 -23.32 6.05 2.85
CA GLY C 223 -22.79 7.39 2.81
C GLY C 223 -21.30 7.47 2.55
N THR C 224 -20.92 8.54 1.86
CA THR C 224 -19.58 8.76 1.35
C THR C 224 -18.83 9.87 2.07
N SER C 225 -19.52 10.70 2.85
CA SER C 225 -18.85 11.72 3.65
C SER C 225 -17.90 11.08 4.65
N SER C 226 -17.08 11.91 5.28
CA SER C 226 -16.04 11.41 6.15
C SER C 226 -16.59 10.95 7.49
N VAL C 227 -17.63 11.62 8.00
CA VAL C 227 -18.22 11.22 9.26
C VAL C 227 -18.90 9.86 9.16
N TYR C 228 -19.29 9.45 7.96
CA TYR C 228 -19.93 8.17 7.71
C TYR C 228 -18.96 7.09 7.26
N ILE C 229 -17.71 7.45 6.96
CA ILE C 229 -16.70 6.50 6.52
C ILE C 229 -15.82 6.04 7.68
N GLU C 230 -15.71 6.84 8.74
CA GLU C 230 -15.01 6.39 9.93
C GLU C 230 -15.76 5.30 10.69
N VAL C 231 -17.05 5.11 10.40
CA VAL C 231 -17.90 4.13 11.08
C VAL C 231 -18.46 3.12 10.08
N LEU C 232 -17.84 2.99 8.92
CA LEU C 232 -18.34 2.06 7.91
C LEU C 232 -18.21 0.61 8.33
N HIS C 233 -17.31 0.31 9.27
CA HIS C 233 -17.24 -1.02 9.86
C HIS C 233 -18.42 -1.35 10.76
N LEU C 234 -19.25 -0.37 11.12
CA LEU C 234 -20.33 -0.53 12.06
C LEU C 234 -21.68 -0.31 11.43
N THR C 235 -21.76 0.48 10.37
CA THR C 235 -23.01 0.80 9.72
C THR C 235 -23.36 -0.15 8.61
N GLN C 236 -22.36 -0.80 8.02
CA GLN C 236 -22.53 -1.57 6.80
C GLN C 236 -21.76 -2.88 6.91
N GLY C 237 -22.39 -3.95 6.43
CA GLY C 237 -21.78 -5.26 6.41
C GLY C 237 -21.96 -5.99 5.10
N THR C 238 -21.91 -7.32 5.13
CA THR C 238 -22.18 -8.12 3.94
C THR C 238 -23.65 -8.45 3.78
N CYS C 239 -24.38 -8.51 4.90
CA CYS C 239 -25.79 -8.87 4.92
C CYS C 239 -26.66 -7.91 5.72
N TRP C 240 -26.07 -6.92 6.39
CA TRP C 240 -26.78 -6.12 7.38
C TRP C 240 -26.38 -4.66 7.28
N GLU C 241 -27.39 -3.79 7.39
CA GLU C 241 -27.21 -2.37 7.64
C GLU C 241 -27.57 -2.05 9.08
N GLN C 242 -26.83 -1.12 9.66
CA GLN C 242 -27.07 -0.60 11.01
C GLN C 242 -27.33 0.88 10.88
N MET C 243 -28.54 1.30 11.19
CA MET C 243 -28.88 2.71 11.17
C MET C 243 -28.08 3.47 12.22
N TYR C 244 -27.50 4.60 11.82
CA TYR C 244 -26.68 5.39 12.69
C TYR C 244 -26.65 6.81 12.16
N THR C 245 -26.47 7.76 13.07
CA THR C 245 -26.48 9.18 12.75
C THR C 245 -25.48 9.87 13.68
N PRO C 246 -24.31 10.31 13.18
CA PRO C 246 -23.34 10.93 14.08
C PRO C 246 -23.87 12.20 14.72
N GLY C 247 -23.13 12.67 15.71
CA GLY C 247 -23.67 13.61 16.67
C GLY C 247 -23.34 15.07 16.42
N GLY C 248 -22.23 15.32 15.73
CA GLY C 248 -21.80 16.68 15.52
C GLY C 248 -22.68 17.45 14.56
N GLU C 249 -22.11 18.47 13.92
CA GLU C 249 -22.80 19.28 12.93
C GLU C 249 -22.33 18.90 11.54
N VAL C 250 -23.22 19.06 10.57
CA VAL C 250 -22.99 18.58 9.21
C VAL C 250 -22.84 19.78 8.28
N ARG C 251 -21.92 19.65 7.33
CA ARG C 251 -21.75 20.65 6.28
C ARG C 251 -22.92 20.57 5.31
N ASN C 252 -23.30 21.73 4.77
CA ASN C 252 -24.51 21.81 3.95
C ASN C 252 -24.29 21.37 2.51
N ASP C 253 -23.03 21.32 2.05
CA ASP C 253 -22.74 20.75 0.74
C ASP C 253 -23.20 19.31 0.68
N ASP C 254 -22.83 18.52 1.70
CA ASP C 254 -23.29 17.15 1.79
C ASP C 254 -24.81 17.06 1.75
N VAL C 255 -25.48 17.98 2.42
CA VAL C 255 -26.94 17.90 2.53
C VAL C 255 -27.59 18.19 1.19
N ASP C 256 -27.14 19.23 0.50
CA ASP C 256 -27.77 19.57 -0.77
C ASP C 256 -27.43 18.54 -1.84
N GLN C 257 -26.20 18.04 -1.85
CA GLN C 257 -25.82 16.96 -2.74
C GLN C 257 -26.71 15.73 -2.54
N SER C 258 -26.90 15.32 -1.29
CA SER C 258 -27.67 14.13 -1.02
C SER C 258 -29.15 14.34 -1.32
N LEU C 259 -29.66 15.55 -1.08
CA LEU C 259 -31.02 15.86 -1.47
C LEU C 259 -31.18 15.77 -2.98
N ILE C 260 -30.20 16.27 -3.73
CA ILE C 260 -30.27 16.23 -5.18
C ILE C 260 -30.32 14.78 -5.67
N ILE C 261 -29.43 13.93 -5.15
CA ILE C 261 -29.40 12.53 -5.58
C ILE C 261 -30.71 11.84 -5.23
N ALA C 262 -31.16 12.00 -3.99
CA ALA C 262 -32.41 11.39 -3.56
C ALA C 262 -33.56 11.83 -4.46
N ALA C 263 -33.64 13.12 -4.76
CA ALA C 263 -34.73 13.63 -5.57
C ALA C 263 -34.64 13.12 -7.00
N ARG C 264 -33.43 12.99 -7.52
CA ARG C 264 -33.24 12.43 -8.86
C ARG C 264 -33.76 11.00 -8.93
N ASN C 265 -33.30 10.16 -8.03
CA ASN C 265 -33.78 8.77 -7.98
C ASN C 265 -35.30 8.71 -7.84
N ILE C 266 -35.85 9.51 -6.93
CA ILE C 266 -37.30 9.53 -6.70
C ILE C 266 -38.02 9.90 -7.98
N VAL C 267 -37.57 10.94 -8.68
CA VAL C 267 -38.24 11.38 -9.89
C VAL C 267 -38.11 10.33 -10.98
N ARG C 268 -36.93 9.71 -11.07
CA ARG C 268 -36.69 8.69 -12.08
C ARG C 268 -37.66 7.53 -11.94
N ARG C 269 -37.83 7.03 -10.72
CA ARG C 269 -38.86 6.01 -10.52
C ARG C 269 -40.23 6.58 -10.83
N ALA C 270 -40.58 7.71 -10.23
CA ALA C 270 -41.95 8.20 -10.26
C ALA C 270 -42.44 8.45 -11.67
N ALA C 271 -41.54 8.78 -12.59
CA ALA C 271 -41.95 9.06 -13.96
C ALA C 271 -42.56 7.82 -14.63
N VAL C 272 -41.97 6.65 -14.40
CA VAL C 272 -42.46 5.43 -15.04
C VAL C 272 -43.70 4.85 -14.36
N SER C 273 -44.06 5.35 -13.19
CA SER C 273 -45.23 4.83 -12.49
C SER C 273 -46.51 5.26 -13.21
N ALA C 274 -47.65 4.81 -12.66
CA ALA C 274 -48.94 5.16 -13.24
C ALA C 274 -49.38 6.56 -12.82
N ASP C 275 -49.32 6.86 -11.52
CA ASP C 275 -49.56 8.18 -10.98
C ASP C 275 -48.24 8.70 -10.40
N PRO C 276 -47.44 9.43 -11.18
CA PRO C 276 -46.13 9.86 -10.66
C PRO C 276 -46.17 10.73 -9.42
N LEU C 277 -47.16 11.62 -9.32
CA LEU C 277 -47.15 12.60 -8.23
C LEU C 277 -47.41 11.93 -6.88
N ALA C 278 -48.39 11.03 -6.82
CA ALA C 278 -48.68 10.32 -5.58
C ALA C 278 -47.47 9.52 -5.11
N SER C 279 -46.87 8.76 -6.03
CA SER C 279 -45.66 8.03 -5.71
C SER C 279 -44.56 8.96 -5.21
N LEU C 280 -44.40 10.11 -5.86
CA LEU C 280 -43.37 11.06 -5.47
C LEU C 280 -43.58 11.53 -4.04
N LEU C 281 -44.82 11.86 -3.70
CA LEU C 281 -45.12 12.35 -2.36
C LEU C 281 -44.87 11.26 -1.32
N GLU C 282 -45.35 10.04 -1.58
CA GLU C 282 -45.15 8.94 -0.65
C GLU C 282 -43.67 8.66 -0.45
N MET C 283 -42.87 8.77 -1.51
CA MET C 283 -41.45 8.54 -1.38
C MET C 283 -40.75 9.64 -0.60
N CYS C 284 -41.14 10.89 -0.81
CA CYS C 284 -40.51 11.98 -0.05
C CYS C 284 -40.88 11.94 1.42
N HIS C 285 -42.08 11.46 1.75
CA HIS C 285 -42.46 11.36 3.16
C HIS C 285 -41.72 10.23 3.85
N SER C 286 -41.67 9.06 3.21
CA SER C 286 -41.10 7.85 3.80
C SER C 286 -39.59 7.80 3.77
N THR C 287 -38.90 8.88 3.40
CA THR C 287 -37.46 8.89 3.26
C THR C 287 -36.85 9.99 4.13
N GLN C 288 -35.60 9.78 4.53
CA GLN C 288 -34.89 10.77 5.32
C GLN C 288 -33.41 10.71 5.01
N ILE C 289 -32.72 11.80 5.34
CA ILE C 289 -31.35 12.05 4.91
C ILE C 289 -30.55 12.48 6.13
N GLY C 290 -29.53 11.71 6.47
CA GLY C 290 -28.71 12.01 7.63
C GLY C 290 -29.49 12.11 8.92
N GLY C 291 -30.57 11.37 9.04
CA GLY C 291 -31.45 11.46 10.19
C GLY C 291 -32.58 12.44 10.01
N THR C 292 -32.26 13.65 9.58
CA THR C 292 -33.29 14.64 9.34
C THR C 292 -34.18 14.20 8.18
N ARG C 293 -35.47 14.46 8.32
CA ARG C 293 -36.39 14.08 7.27
C ARG C 293 -36.14 14.92 6.03
N MET C 294 -36.78 14.52 4.93
CA MET C 294 -36.52 15.16 3.65
C MET C 294 -37.37 16.41 3.46
N VAL C 295 -38.60 16.39 3.99
CA VAL C 295 -39.48 17.56 3.89
C VAL C 295 -38.86 18.76 4.60
N ASP C 296 -38.14 18.53 5.70
CA ASP C 296 -37.51 19.61 6.43
C ASP C 296 -36.44 20.28 5.58
N ILE C 297 -35.55 19.49 4.97
CA ILE C 297 -34.52 20.04 4.11
C ILE C 297 -35.16 20.74 2.92
N LEU C 298 -36.27 20.19 2.43
CA LEU C 298 -36.92 20.72 1.25
C LEU C 298 -37.57 22.08 1.53
N ARG C 299 -38.04 22.28 2.75
CA ARG C 299 -38.63 23.55 3.14
C ARG C 299 -37.61 24.57 3.59
N GLN C 300 -36.49 24.12 4.17
CA GLN C 300 -35.49 25.02 4.72
C GLN C 300 -34.41 25.40 3.69
N ASN C 301 -34.00 24.46 2.85
CA ASN C 301 -32.77 24.62 2.09
C ASN C 301 -33.08 25.23 0.72
N PRO C 302 -32.47 26.35 0.33
CA PRO C 302 -32.55 26.79 -1.07
C PRO C 302 -31.49 26.14 -1.93
N THR C 303 -31.90 25.34 -2.92
CA THR C 303 -30.97 24.66 -3.80
C THR C 303 -31.53 24.67 -5.21
N GLU C 304 -30.63 24.88 -6.17
CA GLU C 304 -30.99 25.03 -7.57
C GLU C 304 -30.72 23.72 -8.30
N GLU C 305 -31.79 23.00 -8.64
CA GLU C 305 -31.71 21.80 -9.46
C GLU C 305 -33.13 21.37 -9.78
N GLN C 306 -33.28 20.73 -10.95
CA GLN C 306 -34.59 20.48 -11.51
C GLN C 306 -35.42 19.52 -10.65
N ALA C 307 -34.79 18.43 -10.19
CA ALA C 307 -35.53 17.43 -9.43
C ALA C 307 -35.96 17.98 -8.08
N VAL C 308 -35.07 18.68 -7.40
CA VAL C 308 -35.43 19.38 -6.17
C VAL C 308 -36.56 20.36 -6.42
N ASP C 309 -36.56 21.02 -7.57
CA ASP C 309 -37.63 21.96 -7.88
C ASP C 309 -38.95 21.24 -8.05
N ILE C 310 -38.95 20.08 -8.70
CA ILE C 310 -40.19 19.31 -8.84
C ILE C 310 -40.69 18.87 -7.47
N CYS C 311 -39.79 18.35 -6.64
CA CYS C 311 -40.17 17.95 -5.28
C CYS C 311 -40.79 19.11 -4.51
N LYS C 312 -40.10 20.26 -4.52
CA LYS C 312 -40.58 21.43 -3.79
C LYS C 312 -41.95 21.87 -4.29
N ALA C 313 -42.11 21.93 -5.61
CA ALA C 313 -43.38 22.36 -6.18
C ALA C 313 -44.50 21.38 -5.83
N ALA C 314 -44.16 20.08 -5.77
CA ALA C 314 -45.15 19.10 -5.35
C ALA C 314 -45.54 19.29 -3.89
N MET C 315 -44.63 19.81 -3.08
CA MET C 315 -44.99 20.25 -1.73
C MET C 315 -45.64 21.64 -1.71
N GLY C 316 -45.98 22.21 -2.85
CA GLY C 316 -46.58 23.53 -2.90
C GLY C 316 -45.68 24.62 -2.37
N LEU C 317 -44.49 24.75 -2.95
CA LEU C 317 -43.50 25.74 -2.57
C LEU C 317 -43.13 26.60 -3.77
N ARG C 318 -42.38 27.67 -3.50
CA ARG C 318 -41.90 28.56 -4.53
C ARG C 318 -40.54 28.05 -5.03
N ILE C 319 -40.40 27.93 -6.34
CA ILE C 319 -39.22 27.36 -6.96
C ILE C 319 -38.33 28.45 -7.50
N SER C 320 -37.04 28.16 -7.57
CA SER C 320 -36.07 28.94 -8.35
C SER C 320 -35.71 28.08 -9.55
N SER C 321 -36.39 28.32 -10.66
CA SER C 321 -36.16 27.53 -11.86
C SER C 321 -34.78 27.89 -12.38
N SER C 322 -33.79 27.08 -12.04
CA SER C 322 -32.40 27.44 -12.20
C SER C 322 -31.56 26.18 -12.09
N PHE C 323 -30.25 26.35 -12.27
CA PHE C 323 -29.31 25.28 -12.03
C PHE C 323 -27.92 25.90 -11.92
N SER C 324 -26.90 25.05 -11.85
CA SER C 324 -25.53 25.48 -11.64
C SER C 324 -24.62 24.87 -12.70
N PHE C 325 -23.55 25.60 -13.00
CA PHE C 325 -22.54 25.14 -13.95
C PHE C 325 -21.30 26.00 -13.74
N GLY C 326 -20.18 25.35 -13.44
CA GLY C 326 -18.92 26.06 -13.26
C GLY C 326 -18.95 27.13 -12.20
N GLY C 327 -19.71 26.93 -11.13
CA GLY C 327 -19.84 27.92 -10.10
C GLY C 327 -20.80 29.04 -10.40
N PHE C 328 -21.36 29.09 -11.61
CA PHE C 328 -22.33 30.11 -11.99
C PHE C 328 -23.73 29.53 -11.93
N THR C 329 -24.71 30.42 -11.76
CA THR C 329 -26.10 30.06 -11.53
C THR C 329 -26.92 30.50 -12.73
N PHE C 330 -27.42 29.53 -13.49
CA PHE C 330 -28.11 29.78 -14.74
C PHE C 330 -29.61 29.73 -14.53
N LYS C 331 -30.30 30.70 -15.12
CA LYS C 331 -31.76 30.70 -15.22
C LYS C 331 -32.12 30.92 -16.67
N ARG C 332 -32.70 29.90 -17.29
CA ARG C 332 -33.19 30.03 -18.65
C ARG C 332 -34.29 31.07 -18.72
N THR C 333 -34.36 31.76 -19.86
CA THR C 333 -35.37 32.77 -20.10
C THR C 333 -36.01 32.69 -21.49
N SER C 334 -35.64 31.71 -22.32
CA SER C 334 -36.24 31.60 -23.64
C SER C 334 -35.86 30.25 -24.25
N GLY C 335 -36.85 29.59 -24.86
CA GLY C 335 -36.60 28.49 -25.75
C GLY C 335 -36.77 27.13 -25.08
N SER C 336 -36.90 26.11 -25.92
CA SER C 336 -36.96 24.72 -25.51
C SER C 336 -35.61 24.06 -25.78
N SER C 337 -35.53 22.76 -25.52
CA SER C 337 -34.27 22.04 -25.68
C SER C 337 -34.50 20.55 -25.50
N ILE C 338 -33.71 19.76 -26.22
CA ILE C 338 -33.73 18.30 -26.14
C ILE C 338 -32.30 17.80 -26.31
N LYS C 339 -31.93 16.80 -25.52
CA LYS C 339 -30.63 16.15 -25.63
C LYS C 339 -30.63 15.13 -26.77
N ARG C 340 -29.41 14.72 -27.17
CA ARG C 340 -29.21 13.96 -28.40
C ARG C 340 -28.34 12.73 -28.26
N GLU C 341 -27.50 12.62 -27.23
CA GLU C 341 -26.74 11.40 -26.95
C GLU C 341 -25.77 11.06 -28.09
N GLU C 342 -24.80 11.96 -28.31
CA GLU C 342 -23.94 11.90 -29.49
C GLU C 342 -22.47 11.66 -29.08
N GLU C 343 -21.62 11.53 -30.10
CA GLU C 343 -20.25 11.05 -29.99
C GLU C 343 -19.35 11.93 -30.83
N LEU C 344 -18.10 12.12 -30.39
CA LEU C 344 -17.17 12.94 -31.16
C LEU C 344 -15.74 12.73 -30.65
N LEU C 345 -14.82 13.46 -31.26
CA LEU C 345 -13.38 13.38 -31.03
C LEU C 345 -12.86 14.72 -30.56
N THR C 346 -11.62 14.72 -30.07
CA THR C 346 -10.94 15.91 -29.54
C THR C 346 -9.78 16.29 -30.44
N GLY C 347 -9.05 17.33 -30.02
CA GLY C 347 -7.79 17.68 -30.67
C GLY C 347 -6.67 16.76 -30.29
N ASN C 348 -6.68 16.24 -29.06
CA ASN C 348 -5.75 15.20 -28.62
C ASN C 348 -6.27 13.80 -28.95
N LEU C 349 -7.26 13.68 -29.82
CA LEU C 349 -7.77 12.45 -30.43
C LEU C 349 -8.52 11.54 -29.47
N GLN C 350 -8.69 11.92 -28.20
CA GLN C 350 -9.48 11.09 -27.30
C GLN C 350 -10.95 11.19 -27.69
N THR C 351 -11.61 10.04 -27.77
CA THR C 351 -13.01 9.95 -28.15
C THR C 351 -13.89 10.10 -26.91
N LEU C 352 -15.07 10.68 -27.11
CA LEU C 352 -15.97 10.90 -25.98
C LEU C 352 -17.41 11.04 -26.45
N LYS C 353 -18.31 10.57 -25.61
CA LYS C 353 -19.74 10.75 -25.78
C LYS C 353 -20.21 11.88 -24.88
N ILE C 354 -21.08 12.74 -25.41
CA ILE C 354 -21.69 13.81 -24.65
C ILE C 354 -23.15 13.92 -25.03
N ARG C 355 -23.86 14.81 -24.31
CA ARG C 355 -25.26 15.11 -24.55
C ARG C 355 -25.32 16.57 -24.99
N VAL C 356 -25.58 16.80 -26.27
CA VAL C 356 -25.70 18.13 -26.82
C VAL C 356 -27.17 18.49 -26.90
N HIS C 357 -27.48 19.76 -26.70
CA HIS C 357 -28.83 20.23 -26.54
C HIS C 357 -29.35 20.88 -27.82
N ASP C 358 -30.67 20.95 -27.92
CA ASP C 358 -31.35 21.45 -29.11
C ASP C 358 -31.72 22.92 -28.93
N GLY C 359 -32.25 23.52 -29.99
CA GLY C 359 -32.98 24.77 -29.91
C GLY C 359 -32.17 26.00 -29.58
N TYR C 360 -32.69 27.17 -29.99
CA TYR C 360 -32.13 28.44 -29.59
C TYR C 360 -32.61 28.78 -28.19
N GLU C 361 -31.71 29.31 -27.36
CA GLU C 361 -32.03 29.54 -25.97
C GLU C 361 -31.16 30.67 -25.41
N GLU C 362 -31.77 31.47 -24.54
CA GLU C 362 -31.09 32.52 -23.80
C GLU C 362 -31.05 32.18 -22.32
N PHE C 363 -29.99 32.65 -21.66
CA PHE C 363 -29.70 32.30 -20.28
C PHE C 363 -29.15 33.51 -19.57
N THR C 364 -29.32 33.53 -18.25
CA THR C 364 -28.94 34.63 -17.38
C THR C 364 -27.94 34.07 -16.38
N MET C 365 -26.68 34.03 -16.79
CA MET C 365 -25.61 33.60 -15.91
C MET C 365 -25.43 34.61 -14.79
N VAL C 366 -25.07 34.07 -13.61
CA VAL C 366 -24.85 34.86 -12.41
C VAL C 366 -23.70 34.19 -11.68
N GLY C 367 -23.05 34.96 -10.80
CA GLY C 367 -21.91 34.43 -10.08
C GLY C 367 -21.58 35.26 -8.87
N LYS C 368 -20.43 34.95 -8.27
CA LYS C 368 -20.00 35.64 -7.07
C LYS C 368 -19.33 36.96 -7.39
N ARG C 369 -18.50 37.00 -8.43
CA ARG C 369 -17.71 38.16 -8.79
C ARG C 369 -17.85 38.47 -10.27
N ALA C 370 -19.02 38.19 -10.84
CA ALA C 370 -19.27 38.43 -12.24
C ALA C 370 -20.77 38.35 -12.48
N THR C 371 -21.16 38.43 -13.74
CA THR C 371 -22.54 38.41 -14.20
C THR C 371 -22.48 38.40 -15.72
N ALA C 372 -23.51 37.85 -16.35
CA ALA C 372 -23.48 37.73 -17.80
C ALA C 372 -24.87 37.41 -18.33
N ILE C 373 -25.00 37.57 -19.64
CA ILE C 373 -26.20 37.26 -20.39
C ILE C 373 -25.77 36.54 -21.64
N LEU C 374 -26.45 35.44 -21.97
CA LEU C 374 -25.95 34.50 -22.97
C LEU C 374 -27.08 34.12 -23.89
N ARG C 375 -26.75 33.97 -25.17
CA ARG C 375 -27.68 33.48 -26.18
C ARG C 375 -26.93 32.46 -27.01
N LYS C 376 -27.54 31.31 -27.27
CA LYS C 376 -26.88 30.25 -28.00
C LYS C 376 -27.89 29.44 -28.77
N ALA C 377 -27.37 28.52 -29.58
CA ALA C 377 -28.16 27.62 -30.41
C ALA C 377 -27.55 26.24 -30.28
N THR C 378 -28.06 25.30 -31.07
CA THR C 378 -27.62 23.91 -30.99
C THR C 378 -26.15 23.81 -31.40
N ARG C 379 -25.28 23.59 -30.42
CA ARG C 379 -23.83 23.46 -30.58
C ARG C 379 -23.15 24.79 -30.89
N ARG C 380 -23.90 25.87 -31.09
CA ARG C 380 -23.38 27.13 -31.61
C ARG C 380 -23.71 28.25 -30.64
N LEU C 381 -22.70 29.06 -30.32
CA LEU C 381 -22.93 30.28 -29.57
C LEU C 381 -23.46 31.37 -30.50
N VAL C 382 -24.36 32.20 -29.98
CA VAL C 382 -24.98 33.29 -30.72
C VAL C 382 -24.46 34.64 -30.24
N GLN C 383 -24.43 34.85 -28.93
CA GLN C 383 -23.96 36.12 -28.38
C GLN C 383 -23.72 35.98 -26.89
N LEU C 384 -22.85 36.83 -26.37
CA LEU C 384 -22.52 36.84 -24.95
C LEU C 384 -22.17 38.26 -24.54
N ILE C 385 -22.88 38.77 -23.54
CA ILE C 385 -22.57 40.04 -22.91
C ILE C 385 -22.16 39.74 -21.48
N VAL C 386 -21.23 40.53 -20.96
CA VAL C 386 -20.60 40.28 -19.68
C VAL C 386 -20.57 41.57 -18.88
N SER C 387 -20.54 41.42 -17.56
CA SER C 387 -20.61 42.54 -16.63
C SER C 387 -19.65 42.35 -15.46
N GLY C 388 -18.51 41.72 -15.71
CA GLY C 388 -17.60 41.37 -14.64
C GLY C 388 -16.95 42.59 -14.01
N ARG C 389 -16.26 42.34 -12.91
CA ARG C 389 -15.59 43.39 -12.15
C ARG C 389 -14.13 43.53 -12.59
N ASP C 390 -13.35 42.45 -12.46
CA ASP C 390 -11.98 42.41 -12.91
C ASP C 390 -11.90 41.69 -14.25
N GLU C 391 -10.75 41.78 -14.91
CA GLU C 391 -10.60 41.17 -16.23
C GLU C 391 -10.62 39.65 -16.15
N GLN C 392 -9.97 39.07 -15.14
CA GLN C 392 -9.98 37.62 -15.00
C GLN C 392 -11.36 37.08 -14.67
N SER C 393 -12.23 37.88 -14.06
CA SER C 393 -13.62 37.48 -13.90
C SER C 393 -14.29 37.30 -15.26
N VAL C 394 -14.07 38.25 -16.17
CA VAL C 394 -14.57 38.11 -17.52
C VAL C 394 -13.93 36.92 -18.22
N ALA C 395 -12.68 36.63 -17.91
CA ALA C 395 -12.03 35.45 -18.49
C ALA C 395 -12.72 34.17 -18.05
N GLU C 396 -12.99 34.06 -16.75
CA GLU C 396 -13.73 32.92 -16.22
C GLU C 396 -15.09 32.78 -16.89
N ALA C 397 -15.84 33.88 -16.94
CA ALA C 397 -17.16 33.84 -17.56
C ALA C 397 -17.08 33.42 -19.02
N ILE C 398 -16.04 33.87 -19.73
CA ILE C 398 -15.95 33.58 -21.15
C ILE C 398 -15.60 32.11 -21.37
N ILE C 399 -14.68 31.57 -20.58
CA ILE C 399 -14.33 30.15 -20.77
C ILE C 399 -15.50 29.27 -20.37
N VAL C 400 -16.23 29.65 -19.31
CA VAL C 400 -17.40 28.88 -18.91
C VAL C 400 -18.46 28.91 -20.01
N ALA C 401 -18.69 30.09 -20.59
CA ALA C 401 -19.67 30.21 -21.67
C ALA C 401 -19.24 29.43 -22.89
N MET C 402 -17.93 29.43 -23.19
CA MET C 402 -17.44 28.69 -24.34
C MET C 402 -17.64 27.19 -24.16
N VAL C 403 -17.35 26.69 -22.95
CA VAL C 403 -17.59 25.27 -22.68
C VAL C 403 -19.08 24.96 -22.74
N PHE C 404 -19.91 25.81 -22.15
CA PHE C 404 -21.36 25.66 -22.20
C PHE C 404 -21.87 25.66 -23.64
N SER C 405 -21.19 26.35 -24.54
CA SER C 405 -21.64 26.44 -25.93
C SER C 405 -21.47 25.14 -26.69
N GLN C 406 -20.58 24.26 -26.25
CA GLN C 406 -20.34 22.96 -26.89
C GLN C 406 -19.88 23.11 -28.34
N GLU C 407 -19.18 24.20 -28.65
CA GLU C 407 -18.73 24.44 -30.01
C GLU C 407 -17.49 23.63 -30.34
N ASP C 408 -17.38 23.21 -31.60
CA ASP C 408 -16.23 22.43 -32.04
C ASP C 408 -14.94 23.24 -31.98
N CYS C 409 -15.02 24.56 -32.02
CA CYS C 409 -13.82 25.39 -31.84
C CYS C 409 -13.19 25.17 -30.47
N MET C 410 -13.98 24.74 -29.49
CA MET C 410 -13.48 24.42 -28.16
C MET C 410 -13.03 22.98 -28.06
N ILE C 411 -13.74 22.06 -28.72
CA ILE C 411 -13.40 20.65 -28.67
C ILE C 411 -12.08 20.39 -29.38
N LYS C 412 -11.86 21.03 -30.53
CA LYS C 412 -10.65 20.84 -31.30
C LYS C 412 -9.51 21.77 -30.87
N ALA C 413 -9.55 22.28 -29.64
CA ALA C 413 -8.48 23.08 -29.07
C ALA C 413 -7.88 22.43 -27.83
N VAL C 414 -8.06 21.12 -27.68
CA VAL C 414 -7.60 20.38 -26.51
C VAL C 414 -6.25 19.78 -26.84
N ARG C 415 -5.24 20.08 -26.01
CA ARG C 415 -3.86 19.71 -26.28
C ARG C 415 -3.17 19.31 -24.99
N GLY C 416 -2.60 18.12 -24.98
CA GLY C 416 -1.89 17.58 -23.84
C GLY C 416 -2.51 16.27 -23.39
N ASP C 417 -2.05 15.79 -22.24
CA ASP C 417 -2.63 14.62 -21.61
C ASP C 417 -3.87 15.04 -20.83
N LEU C 418 -5.04 14.84 -21.42
CA LEU C 418 -6.32 15.03 -20.74
C LEU C 418 -7.04 13.69 -20.80
N ASN C 419 -6.93 12.93 -19.72
CA ASN C 419 -7.56 11.62 -19.64
C ASN C 419 -9.00 11.78 -19.20
N PHE C 420 -9.92 11.24 -20.00
CA PHE C 420 -11.35 11.31 -19.71
C PHE C 420 -11.83 10.11 -18.90
N VAL C 421 -10.92 9.42 -18.22
CA VAL C 421 -11.25 8.40 -17.24
C VAL C 421 -10.35 8.59 -16.04
N ASN C 422 -10.72 7.94 -14.95
CA ASN C 422 -9.96 8.01 -13.72
C ASN C 422 -8.70 7.15 -13.85
N ARG C 423 -8.00 6.98 -12.74
CA ARG C 423 -6.88 6.04 -12.68
C ARG C 423 -7.33 4.59 -12.59
N ALA C 424 -8.64 4.33 -12.62
CA ALA C 424 -9.20 2.98 -12.51
C ALA C 424 -10.27 2.75 -13.57
N ASN C 425 -10.14 3.41 -14.72
CA ASN C 425 -11.05 3.21 -15.85
C ASN C 425 -12.48 3.61 -15.51
N GLN C 426 -12.63 4.64 -14.67
CA GLN C 426 -13.92 5.17 -14.29
C GLN C 426 -14.23 6.44 -15.07
N ARG C 427 -15.41 6.49 -15.68
CA ARG C 427 -15.77 7.61 -16.56
C ARG C 427 -16.10 8.85 -15.74
N LEU C 428 -15.20 9.83 -15.78
CA LEU C 428 -15.50 11.16 -15.26
C LEU C 428 -16.46 11.87 -16.21
N ASN C 429 -16.89 13.08 -15.82
CA ASN C 429 -17.77 13.84 -16.67
C ASN C 429 -16.95 14.66 -17.67
N PRO C 430 -17.34 14.70 -18.95
CA PRO C 430 -16.52 15.46 -19.91
C PRO C 430 -16.50 16.94 -19.66
N MET C 431 -17.65 17.54 -19.38
CA MET C 431 -17.75 18.99 -19.23
C MET C 431 -16.84 19.49 -18.12
N HIS C 432 -16.88 18.83 -16.96
CA HIS C 432 -16.05 19.24 -15.85
C HIS C 432 -14.57 19.10 -16.18
N GLN C 433 -14.22 18.12 -17.03
CA GLN C 433 -12.82 17.90 -17.36
C GLN C 433 -12.31 18.95 -18.33
N LEU C 434 -13.10 19.28 -19.36
CA LEU C 434 -12.77 20.40 -20.24
C LEU C 434 -12.64 21.69 -19.45
N LEU C 435 -13.59 21.94 -18.55
CA LEU C 435 -13.60 23.17 -17.77
C LEU C 435 -12.43 23.22 -16.80
N ARG C 436 -11.92 22.06 -16.39
CA ARG C 436 -10.69 22.02 -15.60
C ARG C 436 -9.46 22.23 -16.48
N HIS C 437 -9.52 21.77 -17.73
CA HIS C 437 -8.38 21.93 -18.63
C HIS C 437 -8.18 23.39 -18.99
N PHE C 438 -9.26 24.10 -19.35
CA PHE C 438 -9.17 25.49 -19.75
C PHE C 438 -9.04 26.47 -18.57
N GLN C 439 -8.78 25.99 -17.35
CA GLN C 439 -8.64 26.86 -16.20
C GLN C 439 -7.19 27.11 -15.80
N LYS C 440 -6.26 26.32 -16.31
CA LYS C 440 -4.85 26.67 -16.20
C LYS C 440 -4.56 27.92 -17.01
N ASP C 441 -4.79 27.85 -18.32
CA ASP C 441 -4.91 29.02 -19.18
C ASP C 441 -5.52 28.57 -20.50
N ALA C 442 -6.42 29.40 -21.03
CA ALA C 442 -7.15 29.09 -22.26
C ALA C 442 -6.60 29.86 -23.45
N LYS C 443 -5.27 29.98 -23.50
CA LYS C 443 -4.59 30.70 -24.58
C LYS C 443 -5.00 30.19 -25.96
N VAL C 444 -5.10 28.86 -26.12
CA VAL C 444 -5.40 28.32 -27.44
C VAL C 444 -6.86 28.54 -27.79
N LEU C 445 -7.75 28.48 -26.79
CA LEU C 445 -9.16 28.71 -27.04
C LEU C 445 -9.42 30.16 -27.45
N PHE C 446 -8.64 31.09 -26.91
CA PHE C 446 -8.77 32.49 -27.32
C PHE C 446 -8.14 32.73 -28.68
N GLN C 447 -6.94 32.17 -28.91
CA GLN C 447 -6.27 32.35 -30.19
C GLN C 447 -6.92 31.59 -31.33
N ASN C 448 -7.91 30.73 -31.06
CA ASN C 448 -8.59 29.94 -32.07
C ASN C 448 -10.08 30.25 -32.19
N TRP C 449 -10.62 31.14 -31.35
CA TRP C 449 -12.06 31.38 -31.36
C TRP C 449 -12.47 32.09 -32.65
N GLY C 450 -11.90 33.26 -32.92
CA GLY C 450 -12.26 34.06 -34.09
C GLY C 450 -12.31 35.54 -33.80
N ILE C 451 -12.60 36.35 -34.81
CA ILE C 451 -12.73 37.80 -34.66
C ILE C 451 -13.90 38.27 -35.53
N GLU C 452 -14.55 39.34 -35.07
CA GLU C 452 -15.64 39.98 -35.79
C GLU C 452 -15.46 41.49 -35.72
N HIS C 453 -16.36 42.21 -36.39
CA HIS C 453 -16.50 43.65 -36.26
C HIS C 453 -17.58 43.95 -35.21
N ILE C 454 -17.65 45.21 -34.78
CA ILE C 454 -18.65 45.65 -33.82
C ILE C 454 -19.25 46.97 -34.28
N ASP C 455 -20.50 47.20 -33.87
CA ASP C 455 -21.20 48.43 -34.20
C ASP C 455 -20.83 49.59 -33.27
N ASN C 456 -20.01 49.35 -32.26
CA ASN C 456 -19.64 50.39 -31.28
C ASN C 456 -20.87 50.95 -30.58
N VAL C 457 -21.85 50.09 -30.32
CA VAL C 457 -23.08 50.48 -29.64
C VAL C 457 -22.81 50.51 -28.14
N MET C 458 -23.41 51.49 -27.46
CA MET C 458 -23.41 51.64 -26.00
C MET C 458 -22.04 52.05 -25.47
N GLY C 459 -21.02 52.19 -26.31
CA GLY C 459 -19.67 52.35 -25.81
C GLY C 459 -19.16 51.13 -25.08
N MET C 460 -19.68 49.95 -25.42
CA MET C 460 -19.28 48.73 -24.74
C MET C 460 -17.82 48.40 -25.02
N ILE C 461 -17.18 47.79 -24.04
CA ILE C 461 -15.76 47.52 -24.09
C ILE C 461 -15.51 46.25 -24.91
N GLY C 462 -14.32 46.17 -25.52
CA GLY C 462 -13.95 45.01 -26.30
C GLY C 462 -13.28 43.93 -25.45
N VAL C 463 -13.07 42.78 -26.07
CA VAL C 463 -12.62 41.60 -25.36
C VAL C 463 -11.13 41.71 -25.12
N LEU C 464 -10.60 40.82 -24.28
CA LEU C 464 -9.19 40.76 -23.96
C LEU C 464 -8.71 39.31 -23.99
N PRO C 465 -7.77 38.96 -24.89
CA PRO C 465 -7.03 37.71 -24.71
C PRO C 465 -6.16 37.73 -23.47
N ASP C 466 -5.30 38.74 -23.36
CA ASP C 466 -4.36 38.89 -22.25
C ASP C 466 -4.35 40.34 -21.78
N MET C 467 -5.53 40.88 -21.53
CA MET C 467 -5.72 42.28 -21.11
C MET C 467 -5.30 43.24 -22.23
N THR C 468 -6.01 43.14 -23.36
CA THR C 468 -5.85 44.06 -24.48
C THR C 468 -7.22 44.39 -25.06
N PRO C 469 -7.90 45.40 -24.51
CA PRO C 469 -9.18 45.85 -25.07
C PRO C 469 -9.04 46.28 -26.52
N SER C 470 -10.00 45.85 -27.34
CA SER C 470 -10.04 46.14 -28.78
C SER C 470 -11.40 46.74 -29.10
N THR C 471 -11.43 48.05 -29.32
CA THR C 471 -12.67 48.80 -29.33
C THR C 471 -13.36 48.88 -30.69
N GLU C 472 -12.87 48.16 -31.71
CA GLU C 472 -13.56 48.11 -33.00
C GLU C 472 -13.64 46.72 -33.61
N MET C 473 -12.77 45.78 -33.25
CA MET C 473 -12.86 44.41 -33.72
C MET C 473 -12.41 43.49 -32.60
N SER C 474 -13.08 42.35 -32.46
CA SER C 474 -12.99 41.55 -31.25
C SER C 474 -13.60 40.19 -31.53
N MET C 475 -13.52 39.32 -30.51
CA MET C 475 -14.02 37.95 -30.61
C MET C 475 -15.49 37.94 -30.97
N ARG C 476 -15.92 36.85 -31.61
CA ARG C 476 -17.26 36.76 -32.14
C ARG C 476 -18.25 36.50 -31.01
N GLY C 477 -19.27 37.35 -30.92
CA GLY C 477 -20.30 37.23 -29.90
C GLY C 477 -19.92 37.78 -28.54
N ILE C 478 -18.64 37.91 -28.23
CA ILE C 478 -18.19 38.26 -26.89
C ILE C 478 -18.00 39.76 -26.80
N ARG C 479 -18.76 40.40 -25.91
CA ARG C 479 -18.60 41.81 -25.58
C ARG C 479 -18.35 41.92 -24.08
N VAL C 480 -18.23 43.16 -23.60
CA VAL C 480 -18.00 43.40 -22.18
C VAL C 480 -18.71 44.68 -21.78
N SER C 481 -19.24 44.70 -20.57
CA SER C 481 -19.76 45.87 -19.91
C SER C 481 -19.08 45.99 -18.54
N LYS C 482 -19.57 46.91 -17.71
CA LYS C 482 -19.01 47.10 -16.38
C LYS C 482 -20.10 47.56 -15.44
N MET C 483 -20.11 46.99 -14.22
CA MET C 483 -21.07 47.33 -13.19
C MET C 483 -20.37 47.38 -11.85
N GLY C 484 -20.77 48.35 -11.02
CA GLY C 484 -20.24 48.47 -9.68
C GLY C 484 -21.00 47.64 -8.67
N VAL C 485 -22.29 47.42 -8.92
CA VAL C 485 -23.17 46.67 -8.05
C VAL C 485 -23.99 45.70 -8.90
N ASP C 486 -24.82 44.92 -8.23
CA ASP C 486 -25.63 43.91 -8.90
C ASP C 486 -26.60 44.56 -9.89
N GLU C 487 -26.70 43.98 -11.08
CA GLU C 487 -27.70 44.43 -12.05
C GLU C 487 -29.11 44.23 -11.49
N TYR C 488 -29.48 42.96 -11.27
CA TYR C 488 -30.75 42.60 -10.67
C TYR C 488 -30.53 41.41 -9.75
N SER C 489 -31.22 41.41 -8.61
CA SER C 489 -31.23 40.24 -7.73
C SER C 489 -32.30 39.30 -8.26
N SER C 490 -31.87 38.33 -9.07
CA SER C 490 -32.77 37.37 -9.68
C SER C 490 -33.22 36.28 -8.73
N THR C 491 -32.84 36.35 -7.45
CA THR C 491 -33.32 35.39 -6.45
C THR C 491 -34.74 35.76 -6.04
N GLU C 492 -35.65 35.55 -6.99
CA GLU C 492 -37.07 35.81 -6.80
C GLU C 492 -37.82 34.59 -7.30
N ARG C 493 -38.38 33.82 -6.37
CA ARG C 493 -38.96 32.53 -6.68
C ARG C 493 -40.45 32.69 -7.01
N VAL C 494 -40.91 31.85 -7.93
CA VAL C 494 -42.24 31.97 -8.50
C VAL C 494 -43.12 30.81 -8.04
N VAL C 495 -44.41 30.94 -8.27
CA VAL C 495 -45.41 29.94 -7.91
C VAL C 495 -45.78 29.18 -9.17
N VAL C 496 -46.17 27.92 -9.00
CA VAL C 496 -46.30 26.98 -10.12
C VAL C 496 -47.40 25.97 -9.83
N SER C 497 -47.78 25.24 -10.88
CA SER C 497 -48.68 24.09 -10.81
C SER C 497 -47.95 22.86 -11.35
N ILE C 498 -48.55 21.69 -11.12
CA ILE C 498 -47.97 20.42 -11.56
C ILE C 498 -49.09 19.52 -12.07
N ASP C 499 -48.85 18.88 -13.20
CA ASP C 499 -49.70 17.82 -13.71
C ASP C 499 -49.42 16.54 -12.94
N ARG C 500 -50.22 15.50 -13.17
CA ARG C 500 -49.92 14.19 -12.61
C ARG C 500 -48.55 13.71 -13.05
N PHE C 501 -48.22 13.94 -14.32
CA PHE C 501 -46.98 13.47 -14.91
C PHE C 501 -45.83 14.45 -14.75
N LEU C 502 -45.91 15.35 -13.76
CA LEU C 502 -44.78 16.16 -13.31
C LEU C 502 -44.32 17.14 -14.38
N ARG C 503 -45.27 17.83 -15.01
CA ARG C 503 -44.99 18.95 -15.89
C ARG C 503 -45.26 20.22 -15.11
N VAL C 504 -44.20 20.93 -14.73
CA VAL C 504 -44.32 22.17 -13.98
C VAL C 504 -44.71 23.28 -14.94
N ARG C 505 -45.57 24.18 -14.46
CA ARG C 505 -46.10 25.26 -15.26
C ARG C 505 -46.19 26.52 -14.42
N ASP C 506 -45.92 27.66 -15.06
CA ASP C 506 -45.94 28.95 -14.39
C ASP C 506 -47.40 29.41 -14.27
N GLN C 507 -47.61 30.64 -13.81
CA GLN C 507 -48.96 31.16 -13.64
C GLN C 507 -49.66 31.31 -14.99
N ARG C 508 -48.92 31.59 -16.06
CA ARG C 508 -49.53 31.79 -17.36
C ARG C 508 -50.08 30.49 -17.93
N GLY C 509 -49.23 29.46 -18.00
CA GLY C 509 -49.60 28.20 -18.62
C GLY C 509 -48.46 27.55 -19.37
N ASN C 510 -47.37 28.28 -19.60
CA ASN C 510 -46.22 27.72 -20.27
C ASN C 510 -45.57 26.65 -19.38
N VAL C 511 -44.67 25.89 -19.98
CA VAL C 511 -43.98 24.80 -19.30
C VAL C 511 -42.60 25.28 -18.90
N LEU C 512 -42.16 24.86 -17.70
CA LEU C 512 -40.88 25.24 -17.13
C LEU C 512 -39.96 24.08 -16.82
N LEU C 513 -40.52 22.93 -16.42
CA LEU C 513 -39.72 21.77 -16.08
C LEU C 513 -40.48 20.51 -16.47
N SER C 514 -39.79 19.39 -16.42
CA SER C 514 -40.31 18.11 -16.88
C SER C 514 -39.33 17.02 -16.44
N PRO C 515 -39.77 15.77 -16.36
CA PRO C 515 -38.85 14.70 -15.95
C PRO C 515 -37.78 14.36 -16.97
N GLU C 516 -37.75 15.01 -18.13
CA GLU C 516 -36.69 14.82 -19.09
C GLU C 516 -35.48 15.72 -18.85
N GLU C 517 -35.65 16.82 -18.12
CA GLU C 517 -34.53 17.70 -17.82
C GLU C 517 -33.63 17.17 -16.71
N VAL C 518 -34.12 16.26 -15.87
CA VAL C 518 -33.28 15.69 -14.82
C VAL C 518 -32.21 14.84 -15.47
N SER C 519 -31.04 14.80 -14.83
CA SER C 519 -29.89 14.11 -15.39
C SER C 519 -30.16 12.62 -15.54
N GLU C 520 -29.49 12.02 -16.51
CA GLU C 520 -29.41 10.58 -16.63
C GLU C 520 -28.25 10.00 -15.82
N THR C 521 -27.64 10.79 -14.95
CA THR C 521 -26.42 10.41 -14.27
C THR C 521 -26.74 9.70 -12.96
N GLN C 522 -25.86 8.78 -12.58
CA GLN C 522 -26.05 7.91 -11.42
C GLN C 522 -24.94 8.22 -10.43
N GLY C 523 -25.29 8.93 -9.36
CA GLY C 523 -24.33 9.35 -8.36
C GLY C 523 -24.45 8.56 -7.08
N THR C 524 -23.58 8.92 -6.14
CA THR C 524 -23.43 8.22 -4.88
C THR C 524 -23.48 9.25 -3.76
N GLU C 525 -24.53 9.16 -2.95
CA GLU C 525 -24.83 10.14 -1.91
C GLU C 525 -23.67 10.31 -0.93
N LYS C 526 -23.57 11.51 -0.37
CA LYS C 526 -22.58 11.84 0.64
C LYS C 526 -23.08 11.56 2.05
N LEU C 527 -24.38 11.69 2.26
CA LEU C 527 -25.03 11.31 3.50
C LEU C 527 -25.92 10.10 3.24
N THR C 528 -26.07 9.27 4.25
CA THR C 528 -26.81 8.02 4.09
C THR C 528 -28.28 8.30 3.97
N ILE C 529 -28.86 7.91 2.85
CA ILE C 529 -30.28 8.08 2.59
C ILE C 529 -31.00 6.82 3.04
N THR C 530 -32.04 7.01 3.85
CA THR C 530 -32.74 5.92 4.52
C THR C 530 -34.20 5.96 4.10
N TYR C 531 -34.67 4.84 3.58
CA TYR C 531 -36.01 4.71 3.01
C TYR C 531 -36.72 3.57 3.71
N SER C 532 -37.85 3.89 4.35
CA SER C 532 -38.62 2.92 5.13
C SER C 532 -40.07 2.94 4.66
N SER C 533 -40.41 2.10 3.67
CA SER C 533 -41.81 1.89 3.30
C SER C 533 -42.23 0.43 3.51
N SER C 534 -41.77 -0.49 2.67
CA SER C 534 -41.81 -1.92 2.95
C SER C 534 -40.51 -2.59 2.52
N MET C 535 -40.02 -2.17 1.35
CA MET C 535 -38.79 -2.66 0.75
C MET C 535 -37.82 -1.51 0.64
N MET C 536 -36.63 -1.68 1.19
CA MET C 536 -35.69 -0.59 1.42
C MET C 536 -34.62 -0.51 0.34
N TRP C 537 -34.98 -0.82 -0.91
CA TRP C 537 -34.01 -0.85 -2.01
C TRP C 537 -34.50 -0.13 -3.26
N GLU C 538 -35.64 0.53 -3.21
CA GLU C 538 -36.24 1.09 -4.42
C GLU C 538 -35.68 2.45 -4.79
N ILE C 539 -34.75 3.01 -4.02
CA ILE C 539 -34.02 4.21 -4.41
C ILE C 539 -32.52 4.06 -4.18
N ASN C 540 -32.02 2.82 -4.14
CA ASN C 540 -30.67 2.58 -3.64
C ASN C 540 -29.60 2.53 -4.73
N GLY C 541 -29.98 2.32 -5.99
CA GLY C 541 -29.01 2.16 -7.05
C GLY C 541 -29.35 1.00 -7.96
N PRO C 542 -28.71 0.96 -9.14
CA PRO C 542 -29.11 -0.05 -10.14
C PRO C 542 -28.73 -1.47 -9.77
N GLU C 543 -27.57 -1.65 -9.14
CA GLU C 543 -27.10 -2.98 -8.79
C GLU C 543 -28.00 -3.60 -7.74
N SER C 544 -28.18 -2.90 -6.62
CA SER C 544 -29.14 -3.28 -5.60
C SER C 544 -30.51 -3.52 -6.19
N VAL C 545 -30.96 -2.64 -7.08
CA VAL C 545 -32.27 -2.81 -7.71
C VAL C 545 -32.37 -4.15 -8.41
N LEU C 546 -31.34 -4.52 -9.18
CA LEU C 546 -31.38 -5.79 -9.91
C LEU C 546 -31.39 -6.98 -8.96
N VAL C 547 -30.44 -6.99 -8.03
CA VAL C 547 -30.31 -8.12 -7.11
C VAL C 547 -31.59 -8.29 -6.30
N ASN C 548 -32.13 -7.20 -5.78
CA ASN C 548 -33.30 -7.27 -4.93
C ASN C 548 -34.56 -7.60 -5.73
N THR C 549 -34.65 -7.16 -6.98
CA THR C 549 -35.78 -7.55 -7.81
C THR C 549 -35.79 -9.06 -8.05
N TYR C 550 -34.65 -9.60 -8.48
CA TYR C 550 -34.62 -11.03 -8.75
C TYR C 550 -34.77 -11.85 -7.48
N GLN C 551 -34.26 -11.36 -6.36
CA GLN C 551 -34.43 -12.03 -5.08
C GLN C 551 -35.88 -12.02 -4.62
N TRP C 552 -36.56 -10.88 -4.77
CA TRP C 552 -37.97 -10.80 -4.42
C TRP C 552 -38.80 -11.79 -5.24
N ILE C 553 -38.60 -11.81 -6.55
CA ILE C 553 -39.37 -12.75 -7.37
C ILE C 553 -39.01 -14.19 -7.05
N ILE C 554 -37.79 -14.43 -6.56
CA ILE C 554 -37.46 -15.77 -6.10
C ILE C 554 -38.28 -16.13 -4.87
N ARG C 555 -38.30 -15.25 -3.87
CA ARG C 555 -38.99 -15.56 -2.62
C ARG C 555 -40.49 -15.75 -2.82
N ASN C 556 -41.10 -14.92 -3.67
CA ASN C 556 -42.52 -15.01 -3.99
C ASN C 556 -42.80 -15.88 -5.20
N TRP C 557 -41.96 -16.88 -5.46
CA TRP C 557 -42.14 -17.70 -6.64
C TRP C 557 -43.41 -18.55 -6.55
N GLU C 558 -43.85 -18.88 -5.33
CA GLU C 558 -44.93 -19.84 -5.17
C GLU C 558 -46.26 -19.30 -5.67
N THR C 559 -46.47 -17.99 -5.57
CA THR C 559 -47.69 -17.35 -6.06
C THR C 559 -47.49 -16.64 -7.39
N VAL C 560 -46.26 -16.27 -7.73
CA VAL C 560 -46.00 -15.73 -9.06
C VAL C 560 -46.10 -16.83 -10.11
N LYS C 561 -45.74 -18.07 -9.75
CA LYS C 561 -45.78 -19.16 -10.70
C LYS C 561 -47.21 -19.49 -11.13
N ILE C 562 -48.19 -19.20 -10.28
CA ILE C 562 -49.60 -19.45 -10.59
C ILE C 562 -50.32 -18.18 -11.00
N GLN C 563 -49.84 -17.00 -10.61
CA GLN C 563 -50.35 -15.76 -11.16
C GLN C 563 -49.85 -15.54 -12.57
N TRP C 564 -48.67 -16.07 -12.89
CA TRP C 564 -48.13 -16.01 -14.24
C TRP C 564 -49.04 -16.72 -15.25
N SER C 565 -49.75 -17.76 -14.81
CA SER C 565 -50.60 -18.53 -15.71
C SER C 565 -52.00 -17.96 -15.82
N GLN C 566 -52.60 -17.58 -14.69
CA GLN C 566 -53.93 -17.00 -14.66
C GLN C 566 -53.82 -15.54 -14.25
N ASN C 567 -54.40 -14.65 -15.04
CA ASN C 567 -54.36 -13.22 -14.81
C ASN C 567 -52.91 -12.75 -14.74
N PRO C 568 -52.18 -12.78 -15.86
CA PRO C 568 -50.77 -12.34 -15.84
C PRO C 568 -50.60 -10.85 -16.02
N THR C 569 -51.61 -10.19 -16.60
CA THR C 569 -51.54 -8.74 -16.79
C THR C 569 -51.48 -8.01 -15.44
N MET C 570 -52.01 -8.61 -14.39
CA MET C 570 -51.91 -8.06 -13.05
C MET C 570 -50.58 -8.37 -12.38
N LEU C 571 -49.72 -9.17 -13.02
CA LEU C 571 -48.37 -9.42 -12.53
C LEU C 571 -47.37 -8.49 -13.19
N TYR C 572 -47.57 -8.16 -14.46
CA TYR C 572 -46.67 -7.25 -15.14
C TYR C 572 -46.86 -5.83 -14.64
N ASN C 573 -48.11 -5.41 -14.47
CA ASN C 573 -48.42 -4.09 -13.95
C ASN C 573 -48.38 -4.15 -12.43
N LYS C 574 -47.16 -4.29 -11.91
CA LYS C 574 -46.91 -4.52 -10.51
C LYS C 574 -45.91 -3.50 -9.99
N MET C 575 -46.10 -3.10 -8.74
CA MET C 575 -45.36 -2.00 -8.13
C MET C 575 -43.94 -2.37 -7.75
N GLU C 576 -43.50 -3.59 -8.04
CA GLU C 576 -42.17 -4.06 -7.66
C GLU C 576 -41.16 -3.97 -8.78
N PHE C 577 -41.63 -3.89 -10.04
CA PHE C 577 -40.78 -3.86 -11.21
C PHE C 577 -40.54 -2.44 -11.73
N GLU C 578 -40.95 -1.42 -10.99
CA GLU C 578 -40.83 -0.04 -11.41
C GLU C 578 -39.44 0.54 -11.23
N PRO C 579 -38.70 0.22 -10.17
CA PRO C 579 -37.31 0.67 -10.11
C PRO C 579 -36.43 0.06 -11.19
N PHE C 580 -36.75 -1.16 -11.62
CA PHE C 580 -36.02 -1.78 -12.70
C PHE C 580 -36.22 -1.02 -14.00
N GLN C 581 -37.47 -0.77 -14.36
CA GLN C 581 -37.84 -0.09 -15.58
C GLN C 581 -37.16 1.27 -15.76
N SER C 582 -36.78 1.93 -14.67
CA SER C 582 -36.04 3.18 -14.77
C SER C 582 -34.66 3.00 -15.39
N LEU C 583 -34.15 1.77 -15.44
CA LEU C 583 -32.85 1.48 -16.04
C LEU C 583 -32.93 1.11 -17.49
N VAL C 584 -33.98 0.41 -17.90
CA VAL C 584 -34.22 0.15 -19.32
C VAL C 584 -34.30 1.48 -20.05
N PRO C 585 -33.68 1.65 -21.21
CA PRO C 585 -33.80 2.94 -21.91
C PRO C 585 -35.21 3.16 -22.43
N LYS C 586 -35.65 4.43 -22.40
CA LYS C 586 -37.03 4.77 -22.70
C LYS C 586 -37.44 4.41 -24.12
N ALA C 587 -36.48 4.18 -25.01
CA ALA C 587 -36.80 3.91 -26.41
C ALA C 587 -37.14 2.45 -26.67
N ILE C 588 -36.61 1.52 -25.87
CA ILE C 588 -36.70 0.08 -26.12
C ILE C 588 -37.39 -0.62 -24.96
N ARG C 589 -38.33 0.06 -24.31
CA ARG C 589 -39.10 -0.57 -23.25
C ARG C 589 -40.24 -1.39 -23.83
N GLY C 590 -41.05 -0.77 -24.69
CA GLY C 590 -42.22 -1.45 -25.21
C GLY C 590 -41.88 -2.53 -26.22
N GLN C 591 -40.76 -2.37 -26.93
CA GLN C 591 -40.32 -3.41 -27.84
C GLN C 591 -39.95 -4.66 -27.07
N TYR C 592 -39.13 -4.50 -26.03
CA TYR C 592 -38.81 -5.59 -25.12
C TYR C 592 -40.08 -6.20 -24.52
N SER C 593 -41.04 -5.36 -24.17
CA SER C 593 -42.25 -5.85 -23.53
C SER C 593 -43.05 -6.74 -24.48
N GLY C 594 -43.33 -6.25 -25.69
CA GLY C 594 -44.04 -7.07 -26.66
C GLY C 594 -43.31 -8.36 -26.98
N PHE C 595 -42.00 -8.27 -27.19
CA PHE C 595 -41.15 -9.44 -27.40
C PHE C 595 -41.37 -10.47 -26.31
N VAL C 596 -41.22 -10.05 -25.04
CA VAL C 596 -41.24 -10.97 -23.92
C VAL C 596 -42.64 -11.52 -23.69
N ARG C 597 -43.67 -10.69 -23.85
CA ARG C 597 -45.03 -11.18 -23.65
C ARG C 597 -45.42 -12.18 -24.72
N THR C 598 -44.99 -11.98 -25.96
CA THR C 598 -45.25 -12.97 -27.00
C THR C 598 -44.51 -14.27 -26.69
N LEU C 599 -43.24 -14.16 -26.25
CA LEU C 599 -42.50 -15.30 -25.75
C LEU C 599 -43.29 -16.10 -24.73
N PHE C 600 -43.67 -15.46 -23.62
CA PHE C 600 -44.39 -16.16 -22.57
C PHE C 600 -45.72 -16.71 -23.05
N GLN C 601 -46.41 -16.02 -23.96
CA GLN C 601 -47.72 -16.48 -24.40
C GLN C 601 -47.60 -17.76 -25.21
N GLN C 602 -46.69 -17.79 -26.18
CA GLN C 602 -46.49 -19.01 -26.94
C GLN C 602 -45.74 -20.07 -26.13
N MET C 603 -45.13 -19.69 -25.01
CA MET C 603 -44.61 -20.68 -24.06
C MET C 603 -45.73 -21.32 -23.26
N ARG C 604 -46.83 -20.58 -23.05
CA ARG C 604 -48.02 -21.17 -22.46
C ARG C 604 -48.79 -22.03 -23.45
N ASP C 605 -48.78 -21.64 -24.73
CA ASP C 605 -49.62 -22.31 -25.71
C ASP C 605 -49.19 -23.76 -25.90
N VAL C 606 -47.94 -23.98 -26.29
CA VAL C 606 -47.45 -25.34 -26.52
C VAL C 606 -47.10 -25.99 -25.19
N LEU C 607 -47.48 -27.25 -25.04
CA LEU C 607 -47.28 -27.97 -23.79
C LEU C 607 -45.95 -28.72 -23.80
N GLY C 608 -45.38 -28.86 -22.60
CA GLY C 608 -44.09 -29.50 -22.44
C GLY C 608 -42.92 -28.56 -22.46
N THR C 609 -43.15 -27.25 -22.37
CA THR C 609 -42.10 -26.25 -22.39
C THR C 609 -42.27 -25.37 -21.16
N PHE C 610 -41.29 -25.41 -20.26
CA PHE C 610 -41.34 -24.58 -19.06
C PHE C 610 -39.93 -24.49 -18.50
N ASP C 611 -39.42 -23.27 -18.39
CA ASP C 611 -38.09 -23.01 -17.84
C ASP C 611 -38.24 -21.87 -16.86
N THR C 612 -38.05 -22.17 -15.58
CA THR C 612 -38.25 -21.17 -14.54
C THR C 612 -37.23 -20.05 -14.65
N THR C 613 -36.04 -20.33 -15.16
CA THR C 613 -35.03 -19.29 -15.33
C THR C 613 -35.48 -18.22 -16.31
N GLN C 614 -36.10 -18.63 -17.43
CA GLN C 614 -36.56 -17.66 -18.41
C GLN C 614 -37.61 -16.73 -17.81
N ILE C 615 -38.56 -17.29 -17.07
CA ILE C 615 -39.61 -16.49 -16.47
C ILE C 615 -39.03 -15.55 -15.42
N ILE C 616 -38.08 -16.06 -14.61
CA ILE C 616 -37.46 -15.23 -13.59
C ILE C 616 -36.57 -14.16 -14.22
N LYS C 617 -36.10 -14.36 -15.44
CA LYS C 617 -35.19 -13.45 -16.11
C LYS C 617 -35.90 -12.31 -16.82
N LEU C 618 -36.98 -12.63 -17.53
CA LEU C 618 -37.58 -11.73 -18.49
C LEU C 618 -38.80 -10.99 -17.96
N LEU C 619 -39.20 -11.20 -16.71
CA LEU C 619 -40.38 -10.51 -16.20
C LEU C 619 -40.16 -9.03 -15.99
N PRO C 620 -39.06 -8.57 -15.39
CA PRO C 620 -38.85 -7.14 -15.23
C PRO C 620 -38.84 -6.34 -16.53
N PHE C 621 -38.69 -7.00 -17.68
CA PHE C 621 -38.75 -6.34 -18.97
C PHE C 621 -40.15 -6.29 -19.54
N ALA C 622 -41.07 -7.12 -19.06
CA ALA C 622 -42.46 -7.10 -19.49
C ALA C 622 -43.31 -6.17 -18.65
N ALA C 623 -42.73 -5.44 -17.71
CA ALA C 623 -43.48 -4.48 -16.92
C ALA C 623 -44.03 -3.36 -17.78
N ALA C 624 -43.26 -2.90 -18.75
CA ALA C 624 -43.54 -1.65 -19.42
C ALA C 624 -44.79 -1.74 -20.28
N PRO C 625 -45.32 -0.61 -20.74
CA PRO C 625 -46.39 -0.64 -21.71
C PRO C 625 -45.94 -1.31 -23.00
N PRO C 626 -46.79 -2.12 -23.65
CA PRO C 626 -46.31 -2.87 -24.81
C PRO C 626 -46.38 -2.09 -26.11
N LYS C 627 -45.23 -1.97 -26.78
CA LYS C 627 -45.16 -1.51 -28.16
C LYS C 627 -44.85 -2.72 -29.03
N GLN C 628 -45.62 -2.89 -30.11
CA GLN C 628 -45.40 -4.03 -30.98
C GLN C 628 -44.22 -3.76 -31.91
N SER C 629 -43.77 -4.82 -32.56
CA SER C 629 -42.57 -4.77 -33.38
C SER C 629 -42.48 -6.07 -34.17
N ARG C 630 -41.48 -6.13 -35.04
CA ARG C 630 -41.25 -7.26 -35.93
C ARG C 630 -39.88 -7.89 -35.78
N MET C 631 -38.96 -7.27 -35.04
CA MET C 631 -37.58 -7.72 -35.01
C MET C 631 -37.36 -8.66 -33.84
N GLN C 632 -36.10 -8.99 -33.58
CA GLN C 632 -35.72 -9.97 -32.57
C GLN C 632 -34.45 -9.50 -31.89
N PHE C 633 -34.19 -10.08 -30.72
CA PHE C 633 -33.10 -9.66 -29.86
C PHE C 633 -32.30 -10.87 -29.42
N SER C 634 -30.98 -10.67 -29.32
CA SER C 634 -30.09 -11.64 -28.70
C SER C 634 -29.77 -11.31 -27.26
N SER C 635 -29.97 -10.07 -26.85
CA SER C 635 -29.74 -9.65 -25.49
C SER C 635 -30.71 -8.52 -25.16
N LEU C 636 -30.63 -8.06 -23.92
CA LEU C 636 -31.51 -7.02 -23.40
C LEU C 636 -30.68 -6.11 -22.53
N THR C 637 -30.61 -4.84 -22.88
CA THR C 637 -29.69 -3.92 -22.24
C THR C 637 -30.35 -3.31 -21.00
N VAL C 638 -29.53 -3.10 -19.98
CA VAL C 638 -29.94 -2.41 -18.77
C VAL C 638 -28.78 -1.48 -18.38
N ASN C 639 -29.10 -0.25 -18.05
CA ASN C 639 -28.08 0.79 -17.86
C ASN C 639 -27.55 0.75 -16.43
N VAL C 640 -26.23 0.60 -16.31
CA VAL C 640 -25.54 0.58 -15.02
C VAL C 640 -24.29 1.45 -15.16
N ARG C 641 -24.22 2.53 -14.41
CA ARG C 641 -23.15 3.53 -14.49
C ARG C 641 -22.88 3.95 -15.94
N GLY C 642 -23.95 4.23 -16.66
CA GLY C 642 -23.84 4.68 -18.04
C GLY C 642 -23.45 3.61 -19.03
N SER C 643 -23.34 2.35 -18.60
CA SER C 643 -22.88 1.26 -19.43
C SER C 643 -24.02 0.27 -19.61
N GLY C 644 -24.19 -0.22 -20.83
CA GLY C 644 -25.26 -1.14 -21.11
C GLY C 644 -24.88 -2.58 -20.83
N MET C 645 -25.24 -3.09 -19.65
CA MET C 645 -25.07 -4.50 -19.38
C MET C 645 -26.13 -5.28 -20.13
N ARG C 646 -25.68 -6.26 -20.90
CA ARG C 646 -26.54 -7.05 -21.75
C ARG C 646 -26.88 -8.36 -21.05
N ILE C 647 -28.18 -8.63 -20.92
CA ILE C 647 -28.68 -9.87 -20.35
C ILE C 647 -29.11 -10.76 -21.50
N LEU C 648 -28.50 -11.93 -21.61
CA LEU C 648 -28.74 -12.80 -22.75
C LEU C 648 -30.01 -13.59 -22.56
N VAL C 649 -30.89 -13.54 -23.56
CA VAL C 649 -32.12 -14.32 -23.53
C VAL C 649 -31.80 -15.80 -23.36
N ARG C 650 -31.09 -16.36 -24.34
CA ARG C 650 -30.68 -17.76 -24.30
C ARG C 650 -29.37 -17.89 -23.52
N GLY C 651 -29.43 -18.60 -22.41
CA GLY C 651 -28.25 -18.98 -21.68
C GLY C 651 -27.86 -18.01 -20.59
N ASN C 652 -26.72 -18.32 -20.00
CA ASN C 652 -26.20 -17.58 -18.87
C ASN C 652 -25.38 -16.39 -19.33
N SER C 653 -24.97 -15.57 -18.37
CA SER C 653 -24.18 -14.38 -18.64
C SER C 653 -23.37 -14.08 -17.39
N PRO C 654 -22.43 -13.15 -17.48
CA PRO C 654 -21.77 -12.67 -16.26
C PRO C 654 -22.71 -11.93 -15.32
N ALA C 655 -23.82 -11.42 -15.82
CA ALA C 655 -24.80 -10.71 -15.00
C ALA C 655 -25.91 -11.61 -14.48
N PHE C 656 -26.19 -12.72 -15.16
CA PHE C 656 -27.26 -13.64 -14.79
C PHE C 656 -26.80 -15.04 -15.11
N ASN C 657 -26.47 -15.81 -14.07
CA ASN C 657 -26.06 -17.20 -14.24
C ASN C 657 -26.71 -18.08 -13.18
N TYR C 658 -27.37 -19.14 -13.64
CA TYR C 658 -27.97 -20.16 -12.79
C TYR C 658 -27.11 -21.41 -12.85
N ASN C 659 -26.43 -21.72 -11.75
CA ASN C 659 -25.67 -22.96 -11.67
C ASN C 659 -26.63 -24.15 -11.60
N LYS C 660 -26.39 -25.14 -12.45
CA LYS C 660 -27.20 -26.34 -12.49
C LYS C 660 -26.77 -27.38 -11.46
N THR C 661 -25.66 -27.15 -10.75
CA THR C 661 -25.15 -28.11 -9.78
C THR C 661 -25.66 -27.82 -8.37
N THR C 662 -25.35 -26.64 -7.84
CA THR C 662 -25.81 -26.24 -6.52
C THR C 662 -27.11 -25.43 -6.56
N LYS C 663 -27.67 -25.22 -7.74
CA LYS C 663 -28.99 -24.62 -7.95
C LYS C 663 -29.09 -23.17 -7.49
N ARG C 664 -27.98 -22.53 -7.12
CA ARG C 664 -28.03 -21.12 -6.76
C ARG C 664 -28.14 -20.26 -8.01
N LEU C 665 -28.93 -19.21 -7.91
CA LEU C 665 -28.94 -18.12 -8.88
C LEU C 665 -27.98 -17.04 -8.41
N THR C 666 -27.37 -16.36 -9.39
CA THR C 666 -26.31 -15.40 -9.12
C THR C 666 -26.51 -14.20 -10.02
N ILE C 667 -26.70 -13.03 -9.41
CA ILE C 667 -26.80 -11.76 -10.11
C ILE C 667 -25.57 -10.94 -9.75
N LEU C 668 -24.77 -10.63 -10.76
CA LEU C 668 -23.72 -9.63 -10.66
C LEU C 668 -22.66 -10.01 -9.64
N GLY C 669 -22.53 -11.29 -9.33
CA GLY C 669 -21.64 -11.76 -8.29
C GLY C 669 -22.28 -11.87 -6.93
N LYS C 670 -23.58 -11.64 -6.82
CA LYS C 670 -24.30 -11.68 -5.55
C LYS C 670 -25.37 -12.76 -5.64
N ASP C 671 -25.40 -13.63 -4.64
CA ASP C 671 -26.44 -14.65 -4.56
C ASP C 671 -27.81 -14.00 -4.47
N ALA C 672 -28.79 -14.63 -5.10
CA ALA C 672 -30.16 -14.15 -5.13
C ALA C 672 -31.17 -15.26 -4.93
N GLY C 673 -30.79 -16.29 -4.19
CA GLY C 673 -31.73 -17.29 -3.75
C GLY C 673 -31.51 -18.62 -4.44
N THR C 674 -31.77 -19.70 -3.69
CA THR C 674 -31.81 -21.04 -4.26
C THR C 674 -33.12 -21.23 -5.00
N LEU C 675 -33.03 -21.92 -6.13
CA LEU C 675 -34.13 -22.10 -7.06
C LEU C 675 -34.56 -23.56 -7.06
N ILE C 676 -35.87 -23.78 -7.08
CA ILE C 676 -36.44 -25.09 -6.77
C ILE C 676 -36.85 -25.80 -8.04
N GLU C 677 -37.05 -27.11 -7.92
CA GLU C 677 -37.23 -28.01 -9.05
C GLU C 677 -38.72 -28.24 -9.25
N ASP C 678 -39.29 -27.61 -10.26
CA ASP C 678 -40.66 -27.89 -10.63
C ASP C 678 -40.72 -29.24 -11.35
N PRO C 679 -41.64 -30.14 -10.99
CA PRO C 679 -41.70 -31.43 -11.69
C PRO C 679 -42.17 -31.32 -13.13
N ASP C 680 -42.91 -30.27 -13.48
CA ASP C 680 -43.38 -30.06 -14.84
C ASP C 680 -42.32 -29.42 -15.73
N GLU C 681 -41.07 -29.28 -15.27
CA GLU C 681 -40.01 -28.75 -16.09
C GLU C 681 -39.79 -29.62 -17.32
N GLY C 682 -40.14 -29.10 -18.49
CA GLY C 682 -39.96 -29.86 -19.71
C GLY C 682 -38.49 -30.10 -20.01
N THR C 683 -38.04 -31.33 -19.77
CA THR C 683 -36.68 -31.74 -20.11
C THR C 683 -36.67 -32.47 -21.46
N SER C 684 -37.15 -31.75 -22.46
CA SER C 684 -37.30 -32.27 -23.82
C SER C 684 -36.35 -31.62 -24.81
N GLY C 685 -35.46 -30.74 -24.36
CA GLY C 685 -34.55 -30.04 -25.25
C GLY C 685 -35.18 -28.91 -26.03
N VAL C 686 -36.48 -28.69 -25.90
CA VAL C 686 -37.18 -27.67 -26.67
C VAL C 686 -37.20 -26.39 -25.86
N GLU C 687 -37.13 -25.26 -26.58
CA GLU C 687 -37.05 -23.94 -25.98
C GLU C 687 -37.95 -23.02 -26.80
N SER C 688 -39.14 -22.75 -26.27
CA SER C 688 -40.16 -21.99 -26.99
C SER C 688 -40.14 -20.50 -26.65
N ALA C 689 -39.21 -20.05 -25.80
CA ALA C 689 -39.18 -18.68 -25.32
C ALA C 689 -37.81 -18.06 -25.54
N VAL C 690 -37.27 -18.22 -26.75
CA VAL C 690 -36.02 -17.59 -27.15
C VAL C 690 -36.19 -16.74 -28.41
N LEU C 691 -36.91 -17.24 -29.39
CA LEU C 691 -37.22 -16.54 -30.62
C LEU C 691 -38.69 -16.13 -30.60
N ARG C 692 -39.04 -15.19 -31.48
CA ARG C 692 -40.38 -14.62 -31.42
C ARG C 692 -41.43 -15.59 -31.95
N GLY C 693 -41.32 -15.97 -33.23
CA GLY C 693 -42.26 -16.85 -33.87
C GLY C 693 -41.67 -18.19 -34.26
N PHE C 694 -40.66 -18.63 -33.51
CA PHE C 694 -39.93 -19.85 -33.83
C PHE C 694 -39.69 -20.66 -32.55
N LEU C 695 -39.68 -21.97 -32.71
CA LEU C 695 -39.28 -22.90 -31.68
C LEU C 695 -37.83 -23.32 -31.91
N ILE C 696 -37.29 -24.09 -30.98
CA ILE C 696 -35.93 -24.61 -31.05
C ILE C 696 -36.04 -26.11 -30.81
N LEU C 697 -35.94 -26.88 -31.89
CA LEU C 697 -36.15 -28.32 -31.79
C LEU C 697 -34.99 -29.06 -31.17
N GLY C 698 -33.79 -28.49 -31.20
CA GLY C 698 -32.63 -29.16 -30.63
C GLY C 698 -31.31 -28.62 -31.12
N LYS C 699 -30.41 -29.50 -31.53
CA LYS C 699 -29.11 -29.14 -32.03
C LYS C 699 -29.11 -29.14 -33.55
N GLU C 700 -27.97 -28.75 -34.12
CA GLU C 700 -27.88 -28.54 -35.55
C GLU C 700 -27.88 -29.86 -36.31
N ASP C 701 -28.22 -29.78 -37.58
CA ASP C 701 -28.09 -30.88 -38.53
C ASP C 701 -27.73 -30.29 -39.89
N ARG C 702 -26.86 -30.98 -40.61
CA ARG C 702 -26.29 -30.44 -41.84
C ARG C 702 -27.21 -30.59 -43.05
N ARG C 703 -28.45 -31.04 -42.85
CA ARG C 703 -29.35 -31.26 -43.98
C ARG C 703 -29.96 -29.96 -44.48
N TYR C 704 -30.38 -29.09 -43.57
CA TYR C 704 -31.16 -27.91 -43.92
C TYR C 704 -30.30 -26.70 -44.28
N GLY C 705 -29.01 -26.91 -44.55
CA GLY C 705 -28.18 -25.87 -45.10
C GLY C 705 -27.33 -25.16 -44.06
N PRO C 706 -26.64 -24.10 -44.48
CA PRO C 706 -25.74 -23.39 -43.56
C PRO C 706 -26.49 -22.63 -42.48
N ALA C 707 -25.76 -21.98 -41.59
CA ALA C 707 -26.33 -21.33 -40.41
C ALA C 707 -26.79 -19.93 -40.77
N LEU C 708 -28.10 -19.76 -40.92
CA LEU C 708 -28.69 -18.43 -41.00
C LEU C 708 -28.44 -17.66 -39.71
N SER C 709 -28.71 -16.36 -39.76
CA SER C 709 -28.47 -15.47 -38.63
C SER C 709 -29.80 -14.86 -38.18
N ILE C 710 -29.75 -14.25 -36.99
CA ILE C 710 -30.96 -13.79 -36.30
C ILE C 710 -31.72 -12.78 -37.15
N ASN C 711 -31.01 -11.89 -37.84
CA ASN C 711 -31.61 -10.76 -38.51
C ASN C 711 -31.99 -11.07 -39.96
N GLU C 712 -32.05 -12.34 -40.35
CA GLU C 712 -32.39 -12.75 -41.70
C GLU C 712 -33.30 -13.97 -41.68
N LEU C 713 -34.32 -13.94 -40.81
CA LEU C 713 -35.22 -15.06 -40.61
C LEU C 713 -36.63 -14.81 -41.11
N SER C 714 -36.97 -13.57 -41.46
CA SER C 714 -38.30 -13.29 -42.00
C SER C 714 -38.50 -13.91 -43.38
N ASN C 715 -37.42 -14.32 -44.06
CA ASN C 715 -37.55 -14.96 -45.35
C ASN C 715 -38.31 -16.28 -45.26
N LEU C 716 -38.25 -16.95 -44.11
CA LEU C 716 -38.86 -18.27 -43.97
C LEU C 716 -40.39 -18.13 -43.94
N ALA C 717 -41.06 -19.27 -43.83
CA ALA C 717 -42.52 -19.32 -43.95
C ALA C 717 -43.02 -20.45 -43.06
N LYS C 718 -44.25 -20.91 -43.32
CA LYS C 718 -44.88 -21.92 -42.48
C LYS C 718 -44.12 -23.24 -42.55
N GLY C 719 -43.90 -23.84 -41.39
CA GLY C 719 -43.34 -25.18 -41.29
C GLY C 719 -41.93 -25.33 -41.82
N GLU C 720 -41.24 -24.22 -42.04
CA GLU C 720 -39.92 -24.25 -42.66
C GLU C 720 -38.88 -24.36 -41.57
N LYS C 721 -38.37 -25.58 -41.35
CA LYS C 721 -37.25 -25.77 -40.45
C LYS C 721 -36.02 -25.07 -41.01
N ALA C 722 -35.07 -24.81 -40.14
CA ALA C 722 -33.83 -24.17 -40.58
C ALA C 722 -32.81 -24.23 -39.45
N ASN C 723 -31.59 -23.82 -39.77
CA ASN C 723 -30.50 -23.71 -38.82
C ASN C 723 -30.24 -22.24 -38.53
N VAL C 724 -29.86 -21.96 -37.28
CA VAL C 724 -29.57 -20.60 -36.83
C VAL C 724 -28.38 -20.67 -35.89
N LEU C 725 -27.44 -19.73 -36.05
CA LEU C 725 -26.34 -19.58 -35.09
C LEU C 725 -26.72 -18.44 -34.16
N ILE C 726 -26.76 -18.73 -32.87
CA ILE C 726 -27.14 -17.79 -31.84
C ILE C 726 -26.29 -18.07 -30.61
N GLY C 727 -26.50 -17.28 -29.58
CA GLY C 727 -25.81 -17.49 -28.34
C GLY C 727 -24.32 -17.32 -28.52
N GLN C 728 -23.58 -17.91 -27.59
CA GLN C 728 -22.12 -17.92 -27.66
C GLN C 728 -21.73 -18.94 -28.72
N GLY C 729 -21.88 -18.54 -29.98
CA GLY C 729 -21.39 -19.30 -31.12
C GLY C 729 -21.92 -20.71 -31.19
N ASP C 730 -23.22 -20.88 -30.99
CA ASP C 730 -23.85 -22.19 -30.95
C ASP C 730 -24.93 -22.25 -32.02
N VAL C 731 -24.90 -23.29 -32.84
CA VAL C 731 -25.87 -23.49 -33.90
C VAL C 731 -26.97 -24.41 -33.38
N VAL C 732 -28.20 -24.14 -33.80
CA VAL C 732 -29.37 -24.88 -33.37
C VAL C 732 -30.33 -24.98 -34.55
N LEU C 733 -31.31 -25.86 -34.41
CA LEU C 733 -32.37 -26.01 -35.38
C LEU C 733 -33.62 -25.32 -34.86
N VAL C 734 -34.39 -24.73 -35.77
CA VAL C 734 -35.59 -23.99 -35.41
C VAL C 734 -36.68 -24.31 -36.40
N MET C 735 -37.91 -23.98 -36.00
CA MET C 735 -39.12 -24.31 -36.74
C MET C 735 -40.13 -23.18 -36.54
N LYS C 736 -40.71 -22.73 -37.64
CA LYS C 736 -41.75 -21.72 -37.56
C LYS C 736 -43.09 -22.34 -37.19
N ARG C 737 -44.02 -21.48 -36.79
CA ARG C 737 -45.31 -21.89 -36.27
C ARG C 737 -46.44 -21.61 -37.25
#